data_3UD5
# 
_entry.id   3UD5 
# 
_audit_conform.dict_name       mmcif_pdbx.dic 
_audit_conform.dict_version    5.379 
_audit_conform.dict_location   http://mmcif.pdb.org/dictionaries/ascii/mmcif_pdbx.dic 
# 
loop_
_database_2.database_id 
_database_2.database_code 
_database_2.pdbx_database_accession 
_database_2.pdbx_DOI 
PDB   3UD5         pdb_00003ud5 10.2210/pdb3ud5/pdb 
RCSB  RCSB068604   ?            ?                   
WWPDB D_1000068604 ?            ?                   
# 
loop_
_pdbx_database_related.db_name 
_pdbx_database_related.db_id 
_pdbx_database_related.details 
_pdbx_database_related.content_type 
PDB 1EX8 'Structure of E. coli HPPK in complex with bisubstrate analogue inhibitor A4P'         unspecified 
PDB 3UDE 'CRYSTAL STRUCTURE OF E. COLI HPPK IN COMPLEX WITH BISUBSTRATE ANALOGUE INHIBITOR J1B' unspecified 
PDB 3UDV 'CRYSTAL STRUCTURE OF E. COLI HPPK IN COMPLEX WITH BISUBSTRATE ANALOGUE INHIBITOR J1C' unspecified 
# 
_pdbx_database_status.entry_id                        3UD5 
_pdbx_database_status.status_code                     REL 
_pdbx_database_status.deposit_site                    RCSB 
_pdbx_database_status.process_site                    RCSB 
_pdbx_database_status.recvd_initial_deposition_date   2011-10-27 
_pdbx_database_status.status_code_sf                  REL 
_pdbx_database_status.status_code_mr                  ? 
_pdbx_database_status.SG_entry                        ? 
_pdbx_database_status.status_code_cs                  ? 
_pdbx_database_status.pdb_format_compatible           Y 
_pdbx_database_status.status_code_nmr_data            ? 
_pdbx_database_status.methods_development_category    ? 
# 
loop_
_audit_author.name 
_audit_author.pdbx_ordinal 
_audit_author.identifier_ORCID 
'Shaw, G.' 1 ?                   
'Shi, G.'  2 ?                   
'Ji, X.'   3 0000-0001-6942-1514 
# 
loop_
_citation.id 
_citation.title 
_citation.journal_abbrev 
_citation.journal_volume 
_citation.page_first 
_citation.page_last 
_citation.year 
_citation.journal_id_ASTM 
_citation.country 
_citation.journal_id_ISSN 
_citation.journal_id_CSD 
_citation.book_publisher 
_citation.pdbx_database_id_PubMed 
_citation.pdbx_database_id_DOI 
primary 
'Bisubstrate analogue inhibitors of 6-hydroxymethyl-7,8-dihydropterin pyrophosphokinase: New design with improved properties.' 
Bioorg.Med.Chem. 20 47   57   2012 BMECEP UK 0968-0896 1200 ? 22169600 10.1016/j.bmc.2011.11.032 
1       
;Bisubstrate analogue inhibitors of 6-hydroxymethyl-7,8-dihydropterin pyrophosphokinase: synthesis and biochemical and crystallographic studies.
;
J.Med.Chem.      44 1364 1371 2001 JMCMAR US 0022-2623 0151 ? 11311059 ?                         
# 
loop_
_citation_author.citation_id 
_citation_author.name 
_citation_author.ordinal 
_citation_author.identifier_ORCID 
primary 'Shi, G.'        1  ?                   
primary 'Shaw, G.'       2  ?                   
primary 'Liang, Y.H.'    3  ?                   
primary 'Subburaman, P.' 4  ?                   
primary 'Li, Y.'         5  ?                   
primary 'Wu, Y.'         6  ?                   
primary 'Yan, H.'        7  ?                   
primary 'Ji, X.'         8  0000-0001-6942-1514 
1       'Shi, G.'        9  ?                   
1       'Blaszczyk, J.'  10 ?                   
1       'Ji, X.'         11 ?                   
1       'Yan, H.'        12 ?                   
# 
_cell.length_a           79.92 
_cell.length_b           52.84 
_cell.length_c           36.76 
_cell.angle_alpha        90.00 
_cell.angle_beta         102.57 
_cell.angle_gamma        90.00 
_cell.entry_id           3UD5 
_cell.pdbx_unique_axis   ? 
_cell.Z_PDB              4 
_cell.length_a_esd       ? 
_cell.length_b_esd       ? 
_cell.length_c_esd       ? 
_cell.angle_alpha_esd    ? 
_cell.angle_beta_esd     ? 
_cell.angle_gamma_esd    ? 
# 
_symmetry.space_group_name_H-M             'C 1 2 1' 
_symmetry.entry_id                         3UD5 
_symmetry.Int_Tables_number                5 
_symmetry.pdbx_full_space_group_name_H-M   ? 
_symmetry.cell_setting                     ? 
_symmetry.space_group_name_Hall            ? 
# 
loop_
_entity.id 
_entity.type 
_entity.src_method 
_entity.pdbx_description 
_entity.formula_weight 
_entity.pdbx_number_of_molecules 
_entity.pdbx_ec 
_entity.pdbx_mutation 
_entity.pdbx_fragment 
_entity.details 
1 polymer     man '2-amino-4-hydroxy-6-hydroxymethyldihydropteridine pyrophosphokinase'                                      
17966.535 1   2.7.6.3 ? ? ? 
2 non-polymer syn "5'-S-[1-(2-{[(2-amino-4-oxo-3,4-dihydropteridin-6-yl)methyl]amino}ethyl)piperidin-4-yl]-5'-thioadenosine" 
584.654   1   ?       ? ? ? 
3 non-polymer syn 1,2-ETHANEDIOL                                                                                             
62.068    2   ?       ? ? ? 
4 water       nat water                                                                                                      
18.015    106 ?       ? ? ? 
# 
_entity_name_com.entity_id   1 
_entity_name_com.name        
'6-hydroxymethyl-7,8-dihydropterin pyrophosphokinase, PPPK, 7,8-dihydro-6-hydroxymethylpterin-pyrophosphokinase, HPPK' 
# 
_entity_poly.entity_id                      1 
_entity_poly.type                           'polypeptide(L)' 
_entity_poly.nstd_linkage                   no 
_entity_poly.nstd_monomer                   no 
_entity_poly.pdbx_seq_one_letter_code       
;TVAYIAIGSNLASPLEQVNAALKALGDIPESHILTVSSFYRTPPLGPQDQPDYLNAAVALETSLAPEELLNHTQRIELQQ
GRVRKAERWGPRTLDLDIMLFGNEVINTERLTVPHYDMKNRGFMLWPLFEIAPELVFPDGEMLRQILHTRAFDKLNKW
;
_entity_poly.pdbx_seq_one_letter_code_can   
;TVAYIAIGSNLASPLEQVNAALKALGDIPESHILTVSSFYRTPPLGPQDQPDYLNAAVALETSLAPEELLNHTQRIELQQ
GRVRKAERWGPRTLDLDIMLFGNEVINTERLTVPHYDMKNRGFMLWPLFEIAPELVFPDGEMLRQILHTRAFDKLNKW
;
_entity_poly.pdbx_strand_id                 A 
_entity_poly.pdbx_target_identifier         ? 
# 
loop_
_entity_poly_seq.entity_id 
_entity_poly_seq.num 
_entity_poly_seq.mon_id 
_entity_poly_seq.hetero 
1 1   THR n 
1 2   VAL n 
1 3   ALA n 
1 4   TYR n 
1 5   ILE n 
1 6   ALA n 
1 7   ILE n 
1 8   GLY n 
1 9   SER n 
1 10  ASN n 
1 11  LEU n 
1 12  ALA n 
1 13  SER n 
1 14  PRO n 
1 15  LEU n 
1 16  GLU n 
1 17  GLN n 
1 18  VAL n 
1 19  ASN n 
1 20  ALA n 
1 21  ALA n 
1 22  LEU n 
1 23  LYS n 
1 24  ALA n 
1 25  LEU n 
1 26  GLY n 
1 27  ASP n 
1 28  ILE n 
1 29  PRO n 
1 30  GLU n 
1 31  SER n 
1 32  HIS n 
1 33  ILE n 
1 34  LEU n 
1 35  THR n 
1 36  VAL n 
1 37  SER n 
1 38  SER n 
1 39  PHE n 
1 40  TYR n 
1 41  ARG n 
1 42  THR n 
1 43  PRO n 
1 44  PRO n 
1 45  LEU n 
1 46  GLY n 
1 47  PRO n 
1 48  GLN n 
1 49  ASP n 
1 50  GLN n 
1 51  PRO n 
1 52  ASP n 
1 53  TYR n 
1 54  LEU n 
1 55  ASN n 
1 56  ALA n 
1 57  ALA n 
1 58  VAL n 
1 59  ALA n 
1 60  LEU n 
1 61  GLU n 
1 62  THR n 
1 63  SER n 
1 64  LEU n 
1 65  ALA n 
1 66  PRO n 
1 67  GLU n 
1 68  GLU n 
1 69  LEU n 
1 70  LEU n 
1 71  ASN n 
1 72  HIS n 
1 73  THR n 
1 74  GLN n 
1 75  ARG n 
1 76  ILE n 
1 77  GLU n 
1 78  LEU n 
1 79  GLN n 
1 80  GLN n 
1 81  GLY n 
1 82  ARG n 
1 83  VAL n 
1 84  ARG n 
1 85  LYS n 
1 86  ALA n 
1 87  GLU n 
1 88  ARG n 
1 89  TRP n 
1 90  GLY n 
1 91  PRO n 
1 92  ARG n 
1 93  THR n 
1 94  LEU n 
1 95  ASP n 
1 96  LEU n 
1 97  ASP n 
1 98  ILE n 
1 99  MET n 
1 100 LEU n 
1 101 PHE n 
1 102 GLY n 
1 103 ASN n 
1 104 GLU n 
1 105 VAL n 
1 106 ILE n 
1 107 ASN n 
1 108 THR n 
1 109 GLU n 
1 110 ARG n 
1 111 LEU n 
1 112 THR n 
1 113 VAL n 
1 114 PRO n 
1 115 HIS n 
1 116 TYR n 
1 117 ASP n 
1 118 MET n 
1 119 LYS n 
1 120 ASN n 
1 121 ARG n 
1 122 GLY n 
1 123 PHE n 
1 124 MET n 
1 125 LEU n 
1 126 TRP n 
1 127 PRO n 
1 128 LEU n 
1 129 PHE n 
1 130 GLU n 
1 131 ILE n 
1 132 ALA n 
1 133 PRO n 
1 134 GLU n 
1 135 LEU n 
1 136 VAL n 
1 137 PHE n 
1 138 PRO n 
1 139 ASP n 
1 140 GLY n 
1 141 GLU n 
1 142 MET n 
1 143 LEU n 
1 144 ARG n 
1 145 GLN n 
1 146 ILE n 
1 147 LEU n 
1 148 HIS n 
1 149 THR n 
1 150 ARG n 
1 151 ALA n 
1 152 PHE n 
1 153 ASP n 
1 154 LYS n 
1 155 LEU n 
1 156 ASN n 
1 157 LYS n 
1 158 TRP n 
# 
_entity_src_gen.entity_id                          1 
_entity_src_gen.pdbx_src_id                        1 
_entity_src_gen.pdbx_alt_source_flag               sample 
_entity_src_gen.pdbx_seq_type                      ? 
_entity_src_gen.pdbx_beg_seq_num                   ? 
_entity_src_gen.pdbx_end_seq_num                   ? 
_entity_src_gen.gene_src_common_name               ? 
_entity_src_gen.gene_src_genus                     ? 
_entity_src_gen.pdbx_gene_src_gene                 'b0142, foIK, folK, JW0138' 
_entity_src_gen.gene_src_species                   ? 
_entity_src_gen.gene_src_strain                    K12 
_entity_src_gen.gene_src_tissue                    ? 
_entity_src_gen.gene_src_tissue_fraction           ? 
_entity_src_gen.gene_src_details                   ? 
_entity_src_gen.pdbx_gene_src_fragment             ? 
_entity_src_gen.pdbx_gene_src_scientific_name      'Escherichia coli' 
_entity_src_gen.pdbx_gene_src_ncbi_taxonomy_id     83333 
_entity_src_gen.pdbx_gene_src_variant              ? 
_entity_src_gen.pdbx_gene_src_cell_line            ? 
_entity_src_gen.pdbx_gene_src_atcc                 ? 
_entity_src_gen.pdbx_gene_src_organ                ? 
_entity_src_gen.pdbx_gene_src_organelle            ? 
_entity_src_gen.pdbx_gene_src_cell                 ? 
_entity_src_gen.pdbx_gene_src_cellular_location    ? 
_entity_src_gen.host_org_common_name               ? 
_entity_src_gen.pdbx_host_org_scientific_name      'Escherichia coli' 
_entity_src_gen.pdbx_host_org_ncbi_taxonomy_id     562 
_entity_src_gen.host_org_genus                     ? 
_entity_src_gen.pdbx_host_org_gene                 ? 
_entity_src_gen.pdbx_host_org_organ                ? 
_entity_src_gen.host_org_species                   ? 
_entity_src_gen.pdbx_host_org_tissue               ? 
_entity_src_gen.pdbx_host_org_tissue_fraction      ? 
_entity_src_gen.pdbx_host_org_strain               'BL21(DE3)' 
_entity_src_gen.pdbx_host_org_variant              ? 
_entity_src_gen.pdbx_host_org_cell_line            ? 
_entity_src_gen.pdbx_host_org_atcc                 ? 
_entity_src_gen.pdbx_host_org_culture_collection   ? 
_entity_src_gen.pdbx_host_org_cell                 ? 
_entity_src_gen.pdbx_host_org_organelle            ? 
_entity_src_gen.pdbx_host_org_cellular_location    ? 
_entity_src_gen.pdbx_host_org_vector_type          plasmid 
_entity_src_gen.pdbx_host_org_vector               ? 
_entity_src_gen.host_org_details                   ? 
_entity_src_gen.expression_system_id               ? 
_entity_src_gen.plasmid_name                       pET17b 
_entity_src_gen.plasmid_details                    ? 
_entity_src_gen.pdbx_description                   ? 
# 
_struct_ref.id                         1 
_struct_ref.db_name                    UNP 
_struct_ref.db_code                    HPPK_ECOLI 
_struct_ref.pdbx_db_accession          P26281 
_struct_ref.entity_id                  1 
_struct_ref.pdbx_seq_one_letter_code   
;TVAYIAIGSNLASPLEQVNAALKALGDIPESHILTVSSFYRTPPLGPQDQPDYLNAAVALETSLAPEELLNHTQRIELQQ
GRVRKAERWGPRTLDLDIMLFGNEVINTERLTVPHYDMKNRGFMLWPLFEIAPELVFPDGEMLRQILHTRAFDKLNKW
;
_struct_ref.pdbx_align_begin           2 
_struct_ref.pdbx_db_isoform            ? 
# 
_struct_ref_seq.align_id                      1 
_struct_ref_seq.ref_id                        1 
_struct_ref_seq.pdbx_PDB_id_code              3UD5 
_struct_ref_seq.pdbx_strand_id                A 
_struct_ref_seq.seq_align_beg                 1 
_struct_ref_seq.pdbx_seq_align_beg_ins_code   ? 
_struct_ref_seq.seq_align_end                 158 
_struct_ref_seq.pdbx_seq_align_end_ins_code   ? 
_struct_ref_seq.pdbx_db_accession             P26281 
_struct_ref_seq.db_align_beg                  2 
_struct_ref_seq.pdbx_db_align_beg_ins_code    ? 
_struct_ref_seq.db_align_end                  159 
_struct_ref_seq.pdbx_db_align_end_ins_code    ? 
_struct_ref_seq.pdbx_auth_seq_align_beg       1 
_struct_ref_seq.pdbx_auth_seq_align_end       158 
# 
loop_
_chem_comp.id 
_chem_comp.type 
_chem_comp.mon_nstd_flag 
_chem_comp.name 
_chem_comp.pdbx_synonyms 
_chem_comp.formula 
_chem_comp.formula_weight 
ALA 'L-peptide linking' y ALANINE ?                 'C3 H7 N O2'       89.093  
ARG 'L-peptide linking' y ARGININE ?                 'C6 H15 N4 O2 1'   175.209 
ASN 'L-peptide linking' y ASPARAGINE ?                 'C4 H8 N2 O3'      132.118 
ASP 'L-peptide linking' y 'ASPARTIC ACID' ?                 'C4 H7 N O4'       133.103 
EDO non-polymer         . 1,2-ETHANEDIOL 'ETHYLENE GLYCOL' 'C2 H6 O2'         62.068  
GLN 'L-peptide linking' y GLUTAMINE ?                 'C5 H10 N2 O3'     146.144 
GLU 'L-peptide linking' y 'GLUTAMIC ACID' ?                 'C5 H9 N O4'       147.129 
GLY 'peptide linking'   y GLYCINE ?                 'C2 H5 N O2'       75.067  
HIS 'L-peptide linking' y HISTIDINE ?                 'C6 H10 N3 O2 1'   156.162 
HOH non-polymer         . WATER ?                 'H2 O'             18.015  
ILE 'L-peptide linking' y ISOLEUCINE ?                 'C6 H13 N O2'      131.173 
J1A non-polymer         . 
"5'-S-[1-(2-{[(2-amino-4-oxo-3,4-dihydropteridin-6-yl)methyl]amino}ethyl)piperidin-4-yl]-5'-thioadenosine" ?                 
'C24 H32 N12 O4 S' 584.654 
LEU 'L-peptide linking' y LEUCINE ?                 'C6 H13 N O2'      131.173 
LYS 'L-peptide linking' y LYSINE ?                 'C6 H15 N2 O2 1'   147.195 
MET 'L-peptide linking' y METHIONINE ?                 'C5 H11 N O2 S'    149.211 
PHE 'L-peptide linking' y PHENYLALANINE ?                 'C9 H11 N O2'      165.189 
PRO 'L-peptide linking' y PROLINE ?                 'C5 H9 N O2'       115.130 
SER 'L-peptide linking' y SERINE ?                 'C3 H7 N O3'       105.093 
THR 'L-peptide linking' y THREONINE ?                 'C4 H9 N O3'       119.119 
TRP 'L-peptide linking' y TRYPTOPHAN ?                 'C11 H12 N2 O2'    204.225 
TYR 'L-peptide linking' y TYROSINE ?                 'C9 H11 N O3'      181.189 
VAL 'L-peptide linking' y VALINE ?                 'C5 H11 N O2'      117.146 
# 
_exptl.crystals_number   1 
_exptl.entry_id          3UD5 
_exptl.method            'X-RAY DIFFRACTION' 
# 
_exptl_crystal.id                    1 
_exptl_crystal.density_Matthews      2.11 
_exptl_crystal.density_meas          ? 
_exptl_crystal.density_percent_sol   41.66 
_exptl_crystal.description           ? 
_exptl_crystal.F_000                 ? 
_exptl_crystal.preparation           ? 
# 
_exptl_crystal_grow.crystal_id      1 
_exptl_crystal_grow.method          'VAPOR DIFFUSION, SITTING DROP' 
_exptl_crystal_grow.pH              6.5 
_exptl_crystal_grow.temp            292 
_exptl_crystal_grow.pdbx_details    'PEG 3350, Bis-Tris, pH 6.5, VAPOR DIFFUSION, SITTING DROP, temperature 292K' 
_exptl_crystal_grow.temp_details    ? 
_exptl_crystal_grow.pdbx_pH_range   ? 
# 
_diffrn.id                     1 
_diffrn.ambient_temp           100 
_diffrn.ambient_temp_details   ? 
_diffrn.crystal_id             1 
# 
_diffrn_detector.diffrn_id              1 
_diffrn_detector.detector               CCD 
_diffrn_detector.type                   'MARMOSAIC 300 mm CCD' 
_diffrn_detector.pdbx_collection_date   2009-11-05 
_diffrn_detector.details                mirrors 
# 
_diffrn_radiation.diffrn_id                        1 
_diffrn_radiation.pdbx_diffrn_protocol             'SINGLE WAVELENGTH' 
_diffrn_radiation.monochromator                    GRAPHITE 
_diffrn_radiation.wavelength_id                    1 
_diffrn_radiation.pdbx_monochromatic_or_laue_m_l   M 
_diffrn_radiation.pdbx_scattering_type             x-ray 
# 
_diffrn_radiation_wavelength.id           1 
_diffrn_radiation_wavelength.wavelength   1.0 
_diffrn_radiation_wavelength.wt           1.0 
# 
_diffrn_source.diffrn_id                   1 
_diffrn_source.source                      SYNCHROTRON 
_diffrn_source.type                        'APS BEAMLINE 22-ID' 
_diffrn_source.pdbx_wavelength_list        1.0 
_diffrn_source.pdbx_wavelength             ? 
_diffrn_source.pdbx_synchrotron_site       APS 
_diffrn_source.pdbx_synchrotron_beamline   22-ID 
# 
_reflns.entry_id                     3UD5 
_reflns.observed_criterion_sigma_F   -6 
_reflns.observed_criterion_sigma_I   -3 
_reflns.d_resolution_high            1.9 
_reflns.d_resolution_low             30.0 
_reflns.number_all                   10236 
_reflns.number_obs                   10236 
_reflns.percent_possible_obs         87.0 
_reflns.pdbx_Rmerge_I_obs            0.089 
_reflns.pdbx_Rsym_value              ? 
_reflns.pdbx_netI_over_sigmaI        16.2 
_reflns.B_iso_Wilson_estimate        22.9 
_reflns.pdbx_redundancy              6.5 
_reflns.R_free_details               ? 
_reflns.limit_h_max                  ? 
_reflns.limit_h_min                  ? 
_reflns.limit_k_max                  ? 
_reflns.limit_k_min                  ? 
_reflns.limit_l_max                  ? 
_reflns.limit_l_min                  ? 
_reflns.observed_criterion_F_max     ? 
_reflns.observed_criterion_F_min     ? 
_reflns.pdbx_chi_squared             ? 
_reflns.pdbx_scaling_rejects         ? 
_reflns.pdbx_ordinal                 1 
_reflns.pdbx_diffrn_id               1 
# 
loop_
_reflns_shell.d_res_high 
_reflns_shell.d_res_low 
_reflns_shell.percent_possible_obs 
_reflns_shell.percent_possible_all 
_reflns_shell.Rmerge_I_obs 
_reflns_shell.meanI_over_sigI_obs 
_reflns_shell.pdbx_Rsym_value 
_reflns_shell.pdbx_redundancy 
_reflns_shell.number_unique_all 
_reflns_shell.number_measured_all 
_reflns_shell.number_measured_obs 
_reflns_shell.number_unique_obs 
_reflns_shell.pdbx_chi_squared 
_reflns_shell.pdbx_ordinal 
_reflns_shell.pdbx_diffrn_id 
1.90 2.02  ? 63.3 0.289 ? ? ? 1230 ? ? ? ? 1 1 
2.02 2.17  ? 74.8 0.214 ? ? ? 1465 ? ? ? ? 2 1 
2.17 2.39  ? 88.5 0.166 ? ? ? 1725 ? ? ? ? 3 1 
2.39 2.74  ? 98.5 0.130 ? ? ? 1914 ? ? ? ? 4 1 
2.74 3.45  ? 99.5 0.088 ? ? ? 1958 ? ? ? ? 5 1 
3.45 30.00 ? 97.1 0.067 ? ? ? 1944 ? ? ? ? 6 1 
# 
_refine.entry_id                                 3UD5 
_refine.ls_d_res_high                            2.0000 
_refine.ls_d_res_low                             29.8410 
_refine.pdbx_ls_sigma_F                          1.380 
_refine.pdbx_data_cutoff_high_absF               ? 
_refine.pdbx_data_cutoff_low_absF                ? 
_refine.ls_percent_reflns_obs                    90.7100 
_refine.ls_number_reflns_obs                     9252 
_refine.ls_number_reflns_all                     9252 
_refine.pdbx_ls_cross_valid_method               THROUGHOUT 
_refine.pdbx_R_Free_selection_details            Random 
_refine.details                                  ? 
_refine.ls_R_factor_all                          ? 
_refine.ls_R_factor_obs                          0.1640 
_refine.ls_R_factor_R_work                       0.1599 
_refine.ls_wR_factor_R_work                      ? 
_refine.ls_R_factor_R_free                       0.2046 
_refine.ls_wR_factor_R_free                      ? 
_refine.ls_percent_reflns_R_free                 8.9100 
_refine.ls_number_reflns_R_free                  824 
_refine.ls_R_factor_R_free_error                 ? 
_refine.B_iso_mean                               31.0252 
_refine.solvent_model_param_bsol                 44.4260 
_refine.solvent_model_param_ksol                 0.3440 
_refine.pdbx_isotropic_thermal_model             ? 
_refine.aniso_B[1][1]                            26.0604 
_refine.aniso_B[2][2]                            -7.7768 
_refine.aniso_B[3][3]                            -3.2667 
_refine.aniso_B[1][2]                            -0.0000 
_refine.aniso_B[1][3]                            9.1949 
_refine.aniso_B[2][3]                            -0.0000 
_refine.correlation_coeff_Fo_to_Fc               ? 
_refine.correlation_coeff_Fo_to_Fc_free          ? 
_refine.overall_SU_R_Cruickshank_DPI             ? 
_refine.overall_SU_R_free                        ? 
_refine.pdbx_overall_ESU_R_Free                  ? 
_refine.overall_SU_ML                            0.5400 
_refine.overall_SU_B                             ? 
_refine.solvent_model_details                    'FLAT BULK SOLVENT MODEL' 
_refine.pdbx_solvent_vdw_probe_radii             1.1100 
_refine.pdbx_solvent_ion_probe_radii             ? 
_refine.pdbx_solvent_shrinkage_radii             0.9000 
_refine.ls_number_parameters                     ? 
_refine.ls_number_restraints                     ? 
_refine.pdbx_starting_model                      'PDB entry 1EQM' 
_refine.pdbx_method_to_determine_struct          'FOURIER SYNTHESIS' 
_refine.pdbx_stereochemistry_target_values       ML 
_refine.pdbx_stereochem_target_val_spec_case     ? 
_refine.overall_FOM_work_R_set                   ? 
_refine.B_iso_max                                99.630 
_refine.B_iso_min                                11.800 
_refine.pdbx_overall_phase_error                 23.6700 
_refine.occupancy_max                            1.000 
_refine.occupancy_min                            0.290 
_refine.pdbx_ls_sigma_I                          ? 
_refine.ls_redundancy_reflns_obs                 ? 
_refine.ls_R_factor_R_free_error_details         ? 
_refine.pdbx_data_cutoff_high_rms_absF           ? 
_refine.overall_FOM_free_R_set                   ? 
_refine.pdbx_diffrn_id                           1 
_refine.pdbx_refine_id                           'X-RAY DIFFRACTION' 
_refine.pdbx_overall_ESU_R                       ? 
_refine.pdbx_TLS_residual_ADP_flag               ? 
_refine.pdbx_overall_SU_R_free_Cruickshank_DPI   ? 
_refine.pdbx_overall_SU_R_Blow_DPI               ? 
_refine.pdbx_overall_SU_R_free_Blow_DPI          ? 
# 
_refine_hist.pdbx_refine_id                   'X-RAY DIFFRACTION' 
_refine_hist.cycle_id                         LAST 
_refine_hist.pdbx_number_atoms_protein        1267 
_refine_hist.pdbx_number_atoms_nucleic_acid   0 
_refine_hist.pdbx_number_atoms_ligand         49 
_refine_hist.number_atoms_solvent             106 
_refine_hist.number_atoms_total               1422 
_refine_hist.d_res_high                       2.0000 
_refine_hist.d_res_low                        29.8410 
# 
loop_
_refine_ls_restr.type 
_refine_ls_restr.number 
_refine_ls_restr.dev_ideal 
_refine_ls_restr.dev_ideal_target 
_refine_ls_restr.weight 
_refine_ls_restr.pdbx_restraint_function 
_refine_ls_restr.pdbx_refine_id 
f_bond_d           1415 0.012  ? ? ? 'X-RAY DIFFRACTION' 
f_angle_d          1936 1.302  ? ? ? 'X-RAY DIFFRACTION' 
f_chiral_restr     211  0.076  ? ? ? 'X-RAY DIFFRACTION' 
f_plane_restr      251  0.008  ? ? ? 'X-RAY DIFFRACTION' 
f_dihedral_angle_d 537  15.858 ? ? ? 'X-RAY DIFFRACTION' 
# 
loop_
_refine_ls_shell.d_res_high 
_refine_ls_shell.d_res_low 
_refine_ls_shell.pdbx_total_number_of_bins_used 
_refine_ls_shell.percent_reflns_obs 
_refine_ls_shell.number_reflns_R_work 
_refine_ls_shell.R_factor_all 
_refine_ls_shell.R_factor_R_work 
_refine_ls_shell.R_factor_R_free 
_refine_ls_shell.percent_reflns_R_free 
_refine_ls_shell.number_reflns_R_free 
_refine_ls_shell.R_factor_R_free_error 
_refine_ls_shell.number_reflns_all 
_refine_ls_shell.number_reflns_obs 
_refine_ls_shell.redundancy_reflns_obs 
_refine_ls_shell.pdbx_refine_id 
2.0000 2.1254  6 72.0000  1096 . 0.1643 0.2617 . 107 . 1203 1203 . 'X-RAY DIFFRACTION' 
2.1254 2.2894  6 82.0000  1288 . 0.1659 0.2265 . 126 . 1414 1414 . 'X-RAY DIFFRACTION' 
2.2894 2.5197  6 94.0000  1435 . 0.1606 0.2422 . 140 . 1575 1575 . 'X-RAY DIFFRACTION' 
2.5197 2.8841  6 100.0000 1539 . 0.1488 0.2255 . 151 . 1690 1690 . 'X-RAY DIFFRACTION' 
2.8841 3.6326  6 99.0000  1536 . 0.1472 0.1912 . 150 . 1686 1686 . 'X-RAY DIFFRACTION' 
3.6326 29.8441 6 97.0000  1534 . 0.1694 0.1791 . 150 . 1684 1684 . 'X-RAY DIFFRACTION' 
# 
_struct.entry_id                  3UD5 
_struct.title                     'Crystal structure of E. coli HPPK in complex with bisubstrate analogue inhibitor J1A' 
_struct.pdbx_model_details        ? 
_struct.pdbx_CASP_flag            ? 
_struct.pdbx_model_type_details   ? 
# 
_struct_keywords.entry_id        3UD5 
_struct_keywords.text            
'Alpha Beta, Kinase, ATP Binding, Pyrophosphoryl Transfer, TRANSFERASE-TRANSFERASE INHIBITOR complex' 
_struct_keywords.pdbx_keywords   'TRANSFERASE/TRANSFERASE INHIBITOR' 
# 
loop_
_struct_asym.id 
_struct_asym.pdbx_blank_PDB_chainid_flag 
_struct_asym.pdbx_modified 
_struct_asym.entity_id 
_struct_asym.details 
A N N 1 ? 
B N N 2 ? 
C N N 3 ? 
D N N 3 ? 
E N N 4 ? 
# 
_struct_biol.id        1 
_struct_biol.details   ? 
# 
loop_
_struct_conf.conf_type_id 
_struct_conf.id 
_struct_conf.pdbx_PDB_helix_id 
_struct_conf.beg_label_comp_id 
_struct_conf.beg_label_asym_id 
_struct_conf.beg_label_seq_id 
_struct_conf.pdbx_beg_PDB_ins_code 
_struct_conf.end_label_comp_id 
_struct_conf.end_label_asym_id 
_struct_conf.end_label_seq_id 
_struct_conf.pdbx_end_PDB_ins_code 
_struct_conf.beg_auth_comp_id 
_struct_conf.beg_auth_asym_id 
_struct_conf.beg_auth_seq_id 
_struct_conf.end_auth_comp_id 
_struct_conf.end_auth_asym_id 
_struct_conf.end_auth_seq_id 
_struct_conf.pdbx_PDB_helix_class 
_struct_conf.details 
_struct_conf.pdbx_PDB_helix_length 
HELX_P HELX_P1 1 PRO A 14  ? ASP A 27  ? PRO A 14  ASP A 27  1 ? 14 
HELX_P HELX_P2 2 ALA A 65  ? GLY A 81  ? ALA A 65  GLY A 81  1 ? 17 
HELX_P HELX_P3 3 ASP A 117 ? ASN A 120 ? ASP A 117 ASN A 120 5 ? 4  
HELX_P HELX_P4 4 ARG A 121 ? ALA A 132 ? ARG A 121 ALA A 132 1 ? 12 
HELX_P HELX_P5 5 MET A 142 ? ALA A 151 ? MET A 142 ALA A 151 1 ? 10 
# 
_struct_conf_type.id          HELX_P 
_struct_conf_type.criteria    ? 
_struct_conf_type.reference   ? 
# 
_struct_mon_prot_cis.pdbx_id                1 
_struct_mon_prot_cis.label_comp_id          VAL 
_struct_mon_prot_cis.label_seq_id           113 
_struct_mon_prot_cis.label_asym_id          A 
_struct_mon_prot_cis.label_alt_id           . 
_struct_mon_prot_cis.pdbx_PDB_ins_code      ? 
_struct_mon_prot_cis.auth_comp_id           VAL 
_struct_mon_prot_cis.auth_seq_id            113 
_struct_mon_prot_cis.auth_asym_id           A 
_struct_mon_prot_cis.pdbx_label_comp_id_2   PRO 
_struct_mon_prot_cis.pdbx_label_seq_id_2    114 
_struct_mon_prot_cis.pdbx_label_asym_id_2   A 
_struct_mon_prot_cis.pdbx_PDB_ins_code_2    ? 
_struct_mon_prot_cis.pdbx_auth_comp_id_2    PRO 
_struct_mon_prot_cis.pdbx_auth_seq_id_2     114 
_struct_mon_prot_cis.pdbx_auth_asym_id_2    A 
_struct_mon_prot_cis.pdbx_PDB_model_num     1 
_struct_mon_prot_cis.pdbx_omega_angle       -3.59 
# 
loop_
_struct_sheet.id 
_struct_sheet.type 
_struct_sheet.number_strands 
_struct_sheet.details 
A ? 4 ? 
B ? 4 ? 
C ? 2 ? 
D ? 2 ? 
# 
loop_
_struct_sheet_order.sheet_id 
_struct_sheet_order.range_id_1 
_struct_sheet_order.range_id_2 
_struct_sheet_order.offset 
_struct_sheet_order.sense 
A 1 2 ? anti-parallel 
A 2 3 ? anti-parallel 
A 3 4 ? anti-parallel 
B 1 2 ? anti-parallel 
B 2 3 ? anti-parallel 
B 3 4 ? anti-parallel 
C 1 2 ? anti-parallel 
D 1 2 ? anti-parallel 
# 
loop_
_struct_sheet_range.sheet_id 
_struct_sheet_range.id 
_struct_sheet_range.beg_label_comp_id 
_struct_sheet_range.beg_label_asym_id 
_struct_sheet_range.beg_label_seq_id 
_struct_sheet_range.pdbx_beg_PDB_ins_code 
_struct_sheet_range.end_label_comp_id 
_struct_sheet_range.end_label_asym_id 
_struct_sheet_range.end_label_seq_id 
_struct_sheet_range.pdbx_end_PDB_ins_code 
_struct_sheet_range.beg_auth_comp_id 
_struct_sheet_range.beg_auth_asym_id 
_struct_sheet_range.beg_auth_seq_id 
_struct_sheet_range.end_auth_comp_id 
_struct_sheet_range.end_auth_asym_id 
_struct_sheet_range.end_auth_seq_id 
A 1 SER A 31  ? VAL A 36  ? SER A 31  VAL A 36  
A 2 TYR A 53  ? THR A 62  ? TYR A 53  THR A 62  
A 3 VAL A 2   ? SER A 9   ? VAL A 2   SER A 9   
A 4 LEU A 94  ? PHE A 101 ? LEU A 94  PHE A 101 
B 1 SER A 31  ? VAL A 36  ? SER A 31  VAL A 36  
B 2 TYR A 53  ? THR A 62  ? TYR A 53  THR A 62  
B 3 TYR A 40  ? THR A 42  ? TYR A 40  THR A 42  
B 4 ASN A 156 ? LYS A 157 ? ASN A 156 LYS A 157 
C 1 ARG A 82  ? LYS A 85  ? ARG A 82  LYS A 85  
C 2 ARG A 88  ? ARG A 92  ? ARG A 88  ARG A 92  
D 1 ILE A 106 ? ASN A 107 ? ILE A 106 ASN A 107 
D 2 THR A 112 ? VAL A 113 ? THR A 112 VAL A 113 
# 
loop_
_pdbx_struct_sheet_hbond.sheet_id 
_pdbx_struct_sheet_hbond.range_id_1 
_pdbx_struct_sheet_hbond.range_id_2 
_pdbx_struct_sheet_hbond.range_1_label_atom_id 
_pdbx_struct_sheet_hbond.range_1_label_comp_id 
_pdbx_struct_sheet_hbond.range_1_label_asym_id 
_pdbx_struct_sheet_hbond.range_1_label_seq_id 
_pdbx_struct_sheet_hbond.range_1_PDB_ins_code 
_pdbx_struct_sheet_hbond.range_1_auth_atom_id 
_pdbx_struct_sheet_hbond.range_1_auth_comp_id 
_pdbx_struct_sheet_hbond.range_1_auth_asym_id 
_pdbx_struct_sheet_hbond.range_1_auth_seq_id 
_pdbx_struct_sheet_hbond.range_2_label_atom_id 
_pdbx_struct_sheet_hbond.range_2_label_comp_id 
_pdbx_struct_sheet_hbond.range_2_label_asym_id 
_pdbx_struct_sheet_hbond.range_2_label_seq_id 
_pdbx_struct_sheet_hbond.range_2_PDB_ins_code 
_pdbx_struct_sheet_hbond.range_2_auth_atom_id 
_pdbx_struct_sheet_hbond.range_2_auth_comp_id 
_pdbx_struct_sheet_hbond.range_2_auth_asym_id 
_pdbx_struct_sheet_hbond.range_2_auth_seq_id 
A 1 2 N LEU A 34  ? N LEU A 34  O ALA A 59  ? O ALA A 59  
A 2 3 O LEU A 60  ? O LEU A 60  N ALA A 3   ? N ALA A 3   
A 3 4 N ALA A 6   ? N ALA A 6   O ASP A 97  ? O ASP A 97  
B 1 2 N LEU A 34  ? N LEU A 34  O ALA A 59  ? O ALA A 59  
B 2 3 O TYR A 53  ? O TYR A 53  N THR A 42  ? N THR A 42  
B 3 4 N ARG A 41  ? N ARG A 41  O ASN A 156 ? O ASN A 156 
C 1 2 N LYS A 85  ? N LYS A 85  O ARG A 88  ? O ARG A 88  
D 1 2 N ILE A 106 ? N ILE A 106 O VAL A 113 ? O VAL A 113 
# 
loop_
_struct_site.id 
_struct_site.pdbx_evidence_code 
_struct_site.pdbx_auth_asym_id 
_struct_site.pdbx_auth_comp_id 
_struct_site.pdbx_auth_seq_id 
_struct_site.pdbx_auth_ins_code 
_struct_site.pdbx_num_residues 
_struct_site.details 
AC1 Software A J1A 171 ? 18 'BINDING SITE FOR RESIDUE J1A A 171' 
AC2 Software A EDO 191 ? 3  'BINDING SITE FOR RESIDUE EDO A 191' 
AC3 Software A EDO 192 ? 8  'BINDING SITE FOR RESIDUE EDO A 192' 
# 
loop_
_struct_site_gen.id 
_struct_site_gen.site_id 
_struct_site_gen.pdbx_num_res 
_struct_site_gen.label_comp_id 
_struct_site_gen.label_asym_id 
_struct_site_gen.label_seq_id 
_struct_site_gen.pdbx_auth_ins_code 
_struct_site_gen.auth_comp_id 
_struct_site_gen.auth_asym_id 
_struct_site_gen.auth_seq_id 
_struct_site_gen.label_atom_id 
_struct_site_gen.label_alt_id 
_struct_site_gen.symmetry 
_struct_site_gen.details 
1  AC1 18 THR A 42  ? THR A 42  . ? 1_555 ? 
2  AC1 18 PRO A 43  ? PRO A 43  . ? 1_555 ? 
3  AC1 18 LEU A 45  ? LEU A 45  . ? 1_555 ? 
4  AC1 18 TYR A 53  ? TYR A 53  . ? 1_555 ? 
5  AC1 18 ASN A 55  ? ASN A 55  . ? 1_555 ? 
6  AC1 18 GLN A 74  ? GLN A 74  . ? 1_555 ? 
7  AC1 18 ASP A 95  ? ASP A 95  . ? 1_555 ? 
8  AC1 18 ASP A 97  ? ASP A 97  . ? 1_555 ? 
9  AC1 18 ILE A 98  ? ILE A 98  . ? 1_555 ? 
10 AC1 18 ARG A 110 ? ARG A 110 . ? 1_555 ? 
11 AC1 18 LEU A 111 ? LEU A 111 . ? 1_555 ? 
12 AC1 18 THR A 112 ? THR A 112 . ? 1_555 ? 
13 AC1 18 PHE A 123 ? PHE A 123 . ? 1_555 ? 
14 AC1 18 HIS A 148 ? HIS A 148 . ? 1_554 ? 
15 AC1 18 EDO D .   ? EDO A 192 . ? 1_555 ? 
16 AC1 18 HOH E .   ? HOH A 221 . ? 1_555 ? 
17 AC1 18 HOH E .   ? HOH A 242 . ? 1_555 ? 
18 AC1 18 HOH E .   ? HOH A 279 . ? 1_555 ? 
19 AC2 3  TYR A 53  ? TYR A 53  . ? 1_555 ? 
20 AC2 3  ARG A 92  ? ARG A 92  . ? 1_555 ? 
21 AC2 3  ASP A 95  ? ASP A 95  . ? 1_555 ? 
22 AC3 8  ALA A 6   ? ALA A 6   . ? 1_555 ? 
23 AC3 8  GLY A 8   ? GLY A 8   . ? 1_555 ? 
24 AC3 8  ASN A 55  ? ASN A 55  . ? 1_555 ? 
25 AC3 8  ASP A 95  ? ASP A 95  . ? 1_555 ? 
26 AC3 8  ASP A 97  ? ASP A 97  . ? 1_555 ? 
27 AC3 8  PHE A 123 ? PHE A 123 . ? 1_555 ? 
28 AC3 8  MET A 124 ? MET A 124 . ? 1_555 ? 
29 AC3 8  J1A B .   ? J1A A 171 . ? 1_555 ? 
# 
_atom_sites.entry_id                    3UD5 
_atom_sites.fract_transf_matrix[1][1]   -0.01179965 
_atom_sites.fract_transf_matrix[1][2]   0.00464811 
_atom_sites.fract_transf_matrix[1][3]   -0.00187688 
_atom_sites.fract_transf_matrix[2][1]   0.00110822 
_atom_sites.fract_transf_matrix[2][2]   0.00942530 
_atom_sites.fract_transf_matrix[2][3]   0.01637465 
_atom_sites.fract_transf_matrix[3][1]   0.00493357 
_atom_sites.fract_transf_matrix[3][2]   0.02362635 
_atom_sites.fract_transf_matrix[3][3]   -0.01393330 
_atom_sites.fract_transf_vector[1]      0.254495 
_atom_sites.fract_transf_vector[2]      -0.080137 
_atom_sites.fract_transf_vector[3]      0.305447 
# 
loop_
_atom_type.symbol 
C 
N 
O 
S 
# 
loop_
_atom_site.group_PDB 
_atom_site.id 
_atom_site.type_symbol 
_atom_site.label_atom_id 
_atom_site.label_alt_id 
_atom_site.label_comp_id 
_atom_site.label_asym_id 
_atom_site.label_entity_id 
_atom_site.label_seq_id 
_atom_site.pdbx_PDB_ins_code 
_atom_site.Cartn_x 
_atom_site.Cartn_y 
_atom_site.Cartn_z 
_atom_site.occupancy 
_atom_site.B_iso_or_equiv 
_atom_site.pdbx_formal_charge 
_atom_site.auth_seq_id 
_atom_site.auth_comp_id 
_atom_site.auth_asym_id 
_atom_site.auth_atom_id 
_atom_site.pdbx_PDB_model_num 
ATOM   1    N N   . THR A 1 1   ? -16.009 4.620   -5.573  1.00 37.00 ? 1   THR A N   1 
ATOM   2    C CA  . THR A 1 1   ? -14.946 5.301   -4.788  1.00 35.36 ? 1   THR A CA  1 
ATOM   3    C C   . THR A 1 1   ? -13.603 4.717   -5.152  1.00 34.54 ? 1   THR A C   1 
ATOM   4    O O   . THR A 1 1   ? -13.495 3.510   -5.317  1.00 26.01 ? 1   THR A O   1 
ATOM   5    C CB  . THR A 1 1   ? -15.163 5.065   -3.303  1.00 38.58 ? 1   THR A CB  1 
ATOM   6    O OG1 . THR A 1 1   ? -16.458 5.555   -2.930  1.00 50.14 ? 1   THR A OG1 1 
ATOM   7    C CG2 . THR A 1 1   ? -14.082 5.755   -2.483  1.00 30.23 ? 1   THR A CG2 1 
ATOM   8    N N   . VAL A 1 2   ? -12.580 5.562   -5.282  1.00 24.59 ? 2   VAL A N   1 
ATOM   9    C CA  . VAL A 1 2   ? -11.246 5.056   -5.529  1.00 19.98 ? 2   VAL A CA  1 
ATOM   10   C C   . VAL A 1 2   ? -10.461 5.005   -4.239  1.00 25.06 ? 2   VAL A C   1 
ATOM   11   O O   . VAL A 1 2   ? -10.230 6.036   -3.577  1.00 25.15 ? 2   VAL A O   1 
ATOM   12   C CB  . VAL A 1 2   ? -10.497 5.862   -6.603  1.00 26.94 ? 2   VAL A CB  1 
ATOM   13   C CG1 . VAL A 1 2   ? -9.130  5.257   -6.858  1.00 24.11 ? 2   VAL A CG1 1 
ATOM   14   C CG2 . VAL A 1 2   ? -11.292 5.891   -7.896  1.00 41.29 ? 2   VAL A CG2 1 
ATOM   15   N N   . ALA A 1 3   ? -10.032 3.802   -3.887  1.00 22.13 ? 3   ALA A N   1 
ATOM   16   C CA  . ALA A 1 3   ? -9.217  3.605   -2.693  1.00 21.52 ? 3   ALA A CA  1 
ATOM   17   C C   . ALA A 1 3   ? -7.810  3.336   -3.176  1.00 19.36 ? 3   ALA A C   1 
ATOM   18   O O   . ALA A 1 3   ? -7.636  2.628   -4.160  1.00 20.16 ? 3   ALA A O   1 
ATOM   19   C CB  . ALA A 1 3   ? -9.767  2.429   -1.857  1.00 22.21 ? 3   ALA A CB  1 
ATOM   20   N N   . TYR A 1 4   ? -6.812  3.944   -2.533  1.00 20.31 ? 4   TYR A N   1 
ATOM   21   C CA  . TYR A 1 4   ? -5.404  3.662   -2.842  1.00 18.96 ? 4   TYR A CA  1 
ATOM   22   C C   . TYR A 1 4   ? -4.795  2.811   -1.718  1.00 26.31 ? 4   TYR A C   1 
ATOM   23   O O   . TYR A 1 4   ? -4.880  3.155   -0.532  1.00 22.16 ? 4   TYR A O   1 
ATOM   24   C CB  . TYR A 1 4   ? -4.587  4.949   -3.080  1.00 18.98 ? 4   TYR A CB  1 
ATOM   25   C CG  . TYR A 1 4   ? -5.025  5.715   -4.313  1.00 19.49 ? 4   TYR A CG  1 
ATOM   26   C CD1 . TYR A 1 4   ? -4.479  5.434   -5.567  1.00 17.73 ? 4   TYR A CD1 1 
ATOM   27   C CD2 . TYR A 1 4   ? -5.982  6.705   -4.228  1.00 18.23 ? 4   TYR A CD2 1 
ATOM   28   C CE1 . TYR A 1 4   ? -4.893  6.131   -6.712  1.00 20.52 ? 4   TYR A CE1 1 
ATOM   29   C CE2 . TYR A 1 4   ? -6.401  7.388   -5.348  1.00 20.23 ? 4   TYR A CE2 1 
ATOM   30   C CZ  . TYR A 1 4   ? -5.860  7.083   -6.593  1.00 17.74 ? 4   TYR A CZ  1 
ATOM   31   O OH  . TYR A 1 4   ? -6.293  7.799   -7.684  1.00 21.38 ? 4   TYR A OH  1 
ATOM   32   N N   . ILE A 1 5   ? -4.179  1.691   -2.094  1.00 18.95 ? 5   ILE A N   1 
ATOM   33   C CA  . ILE A 1 5   ? -3.721  0.700   -1.116  1.00 16.37 ? 5   ILE A CA  1 
ATOM   34   C C   . ILE A 1 5   ? -2.236  0.531   -1.294  1.00 17.68 ? 5   ILE A C   1 
ATOM   35   O O   . ILE A 1 5   ? -1.754  0.431   -2.408  1.00 20.01 ? 5   ILE A O   1 
ATOM   36   C CB  . ILE A 1 5   ? -4.469  -0.623  -1.281  1.00 18.88 ? 5   ILE A CB  1 
ATOM   37   C CG1 . ILE A 1 5   ? -5.933  -0.413  -0.938  1.00 24.30 ? 5   ILE A CG1 1 
ATOM   38   C CG2 . ILE A 1 5   ? -3.880  -1.736  -0.422  1.00 18.58 ? 5   ILE A CG2 1 
ATOM   39   C CD1 . ILE A 1 5   ? -6.741  -1.671  -1.017  1.00 34.72 ? 5   ILE A CD1 1 
ATOM   40   N N   . ALA A 1 6   ? -1.505  0.551   -0.192  1.00 15.91 ? 6   ALA A N   1 
ATOM   41   C CA  . ALA A 1 6   ? -0.071  0.320   -0.210  1.00 17.07 ? 6   ALA A CA  1 
ATOM   42   C C   . ALA A 1 6   ? 0.212   -1.155  0.093   1.00 24.09 ? 6   ALA A C   1 
ATOM   43   O O   . ALA A 1 6   ? -0.288  -1.682  1.082   1.00 22.80 ? 6   ALA A O   1 
ATOM   44   C CB  . ALA A 1 6   ? 0.631   1.209   0.802   1.00 14.69 ? 6   ALA A CB  1 
ATOM   45   N N   . ILE A 1 7   ? 1.010   -1.809  -0.759  1.00 17.26 ? 7   ILE A N   1 
ATOM   46   C CA  . ILE A 1 7   ? 1.480   -3.164  -0.503  1.00 22.02 ? 7   ILE A CA  1 
ATOM   47   C C   . ILE A 1 7   ? 2.942   -3.153  -0.136  1.00 20.85 ? 7   ILE A C   1 
ATOM   48   O O   . ILE A 1 7   ? 3.724   -2.445  -0.754  1.00 23.60 ? 7   ILE A O   1 
ATOM   49   C CB  . ILE A 1 7   ? 1.291   -4.074  -1.748  1.00 21.81 ? 7   ILE A CB  1 
ATOM   50   C CG1 . ILE A 1 7   ? -0.171  -4.057  -2.184  1.00 39.34 ? 7   ILE A CG1 1 
ATOM   51   C CG2 . ILE A 1 7   ? 1.754   -5.490  -1.431  1.00 34.00 ? 7   ILE A CG2 1 
ATOM   52   C CD1 . ILE A 1 7   ? -0.478  -4.989  -3.374  1.00 50.00 ? 7   ILE A CD1 1 
ATOM   53   N N   . GLY A 1 8   ? 3.298   -3.858  0.934   1.00 18.51 ? 8   GLY A N   1 
ATOM   54   C CA  . GLY A 1 8   ? 4.680   -4.115  1.288   1.00 18.22 ? 8   GLY A CA  1 
ATOM   55   C C   . GLY A 1 8   ? 4.925   -5.572  1.697   1.00 22.37 ? 8   GLY A C   1 
ATOM   56   O O   . GLY A 1 8   ? 4.077   -6.208  2.320   1.00 20.53 ? 8   GLY A O   1 
ATOM   57   N N   . SER A 1 9   ? 6.080   -6.112  1.324   1.00 14.47 ? 9   SER A N   1 
ATOM   58   C CA  . SER A 1 9   ? 6.481   -7.446  1.750   1.00 23.38 ? 9   SER A CA  1 
ATOM   59   C C   . SER A 1 9   ? 7.970   -7.413  1.963   1.00 20.06 ? 9   SER A C   1 
ATOM   60   O O   . SER A 1 9   ? 8.695   -6.933  1.107   1.00 20.62 ? 9   SER A O   1 
ATOM   61   C CB  . SER A 1 9   ? 6.170   -8.509  0.672   1.00 21.32 ? 9   SER A CB  1 
ATOM   62   O OG  . SER A 1 9   ? 6.840   -9.716  1.030   1.00 21.32 ? 9   SER A OG  1 
ATOM   63   N N   . ASN A 1 10  ? 8.448   -7.934  3.079   1.00 16.98 ? 10  ASN A N   1 
ATOM   64   C CA  . ASN A 1 10  ? 9.882   -7.985  3.307   1.00 20.19 ? 10  ASN A CA  1 
ATOM   65   C C   . ASN A 1 10  ? 10.393  -9.418  3.325   1.00 22.95 ? 10  ASN A C   1 
ATOM   66   O O   . ASN A 1 10  ? 11.359  -9.732  3.992   1.00 27.84 ? 10  ASN A O   1 
ATOM   67   C CB  . ASN A 1 10  ? 10.273  -7.239  4.606   1.00 23.29 ? 10  ASN A CB  1 
ATOM   68   C CG  . ASN A 1 10  ? 9.768   -7.928  5.881   1.00 29.67 ? 10  ASN A CG  1 
ATOM   69   O OD1 . ASN A 1 10  ? 8.758   -8.638  5.873   1.00 30.11 ? 10  ASN A OD1 1 
ATOM   70   N ND2 . ASN A 1 10  ? 10.465  -7.691  6.994   1.00 31.40 ? 10  ASN A ND2 1 
ATOM   71   N N   . LEU A 1 11  ? 9.743   -10.298 2.578   1.00 32.86 ? 11  LEU A N   1 
ATOM   72   C CA  . LEU A 1 11  ? 10.325  -11.597 2.300   1.00 29.08 ? 11  LEU A CA  1 
ATOM   73   C C   . LEU A 1 11  ? 11.562  -11.453 1.425   1.00 23.56 ? 11  LEU A C   1 
ATOM   74   O O   . LEU A 1 11  ? 11.614  -10.605 0.550   1.00 27.74 ? 11  LEU A O   1 
ATOM   75   C CB  . LEU A 1 11  ? 9.337   -12.432 1.531   1.00 32.63 ? 11  LEU A CB  1 
ATOM   76   C CG  . LEU A 1 11  ? 8.349   -13.273 2.275   1.00 35.41 ? 11  LEU A CG  1 
ATOM   77   C CD1 . LEU A 1 11  ? 7.368   -13.806 1.253   1.00 44.27 ? 11  LEU A CD1 1 
ATOM   78   C CD2 . LEU A 1 11  ? 9.092   -14.400 2.997   1.00 34.88 ? 11  LEU A CD2 1 
ATOM   79   N N   . ALA A 1 12  ? 12.552  -12.305 1.653   1.00 28.43 ? 12  ALA A N   1 
ATOM   80   C CA  . ALA A 1 12  ? 13.700  -12.424 0.760   1.00 41.35 ? 12  ALA A CA  1 
ATOM   81   C C   . ALA A 1 12  ? 13.295  -12.458 -0.727  1.00 40.19 ? 12  ALA A C   1 
ATOM   82   O O   . ALA A 1 12  ? 13.866  -11.729 -1.536  1.00 38.67 ? 12  ALA A O   1 
ATOM   83   C CB  . ALA A 1 12  ? 14.505  -13.670 1.114   1.00 45.08 ? 12  ALA A CB  1 
ATOM   84   N N   . SER A 1 13  ? 12.322  -13.303 -1.081  1.00 24.96 ? 13  SER A N   1 
ATOM   85   C CA  . SER A 1 13  ? 11.791  -13.338 -2.437  1.00 27.58 ? 13  SER A CA  1 
ATOM   86   C C   . SER A 1 13  ? 10.320  -13.048 -2.380  1.00 29.93 ? 13  SER A C   1 
ATOM   87   O O   . SER A 1 13  ? 9.515   -13.952 -2.211  1.00 28.17 ? 13  SER A O   1 
ATOM   88   C CB  . SER A 1 13  ? 12.018  -14.704 -3.081  1.00 40.68 ? 13  SER A CB  1 
ATOM   89   O OG  . SER A 1 13  ? 13.400  -15.009 -3.112  1.00 44.90 ? 13  SER A OG  1 
ATOM   90   N N   . PRO A 1 14  ? 9.960   -11.772 -2.524  1.00 26.07 ? 14  PRO A N   1 
ATOM   91   C CA  . PRO A 1 14  ? 8.572   -11.448 -2.230  1.00 16.13 ? 14  PRO A CA  1 
ATOM   92   C C   . PRO A 1 14  ? 7.650   -11.425 -3.412  1.00 21.34 ? 14  PRO A C   1 
ATOM   93   O O   . PRO A 1 14  ? 6.461   -11.210 -3.210  1.00 21.40 ? 14  PRO A O   1 
ATOM   94   C CB  . PRO A 1 14  ? 8.692   -10.033 -1.647  1.00 27.28 ? 14  PRO A CB  1 
ATOM   95   C CG  . PRO A 1 14  ? 9.838   -9.444  -2.443  1.00 25.93 ? 14  PRO A CG  1 
ATOM   96   C CD  . PRO A 1 14  ? 10.805  -10.560 -2.649  1.00 22.24 ? 14  PRO A CD  1 
ATOM   97   N N   . LEU A 1 15  ? 8.153   -11.640 -4.625  1.00 21.52 ? 15  LEU A N   1 
ATOM   98   C CA  . LEU A 1 15  ? 7.315   -11.459 -5.792  1.00 21.53 ? 15  LEU A CA  1 
ATOM   99   C C   . LEU A 1 15  ? 6.079   -12.326 -5.795  1.00 17.00 ? 15  LEU A C   1 
ATOM   100  O O   . LEU A 1 15  ? 4.996   -11.852 -6.127  1.00 20.39 ? 15  LEU A O   1 
ATOM   101  C CB  . LEU A 1 15  ? 8.103   -11.704 -7.090  1.00 27.88 ? 15  LEU A CB  1 
ATOM   102  C CG  . LEU A 1 15  ? 9.032   -10.553 -7.481  1.00 32.27 ? 15  LEU A CG  1 
ATOM   103  C CD1 . LEU A 1 15  ? 9.847   -10.971 -8.704  1.00 36.07 ? 15  LEU A CD1 1 
ATOM   104  C CD2 . LEU A 1 15  ? 8.294   -9.265  -7.764  1.00 23.79 ? 15  LEU A CD2 1 
ATOM   105  N N   A GLU A 1 16  ? 6.206   -13.601 -5.448  0.54 24.50 ? 16  GLU A N   1 
ATOM   106  N N   B GLU A 1 16  ? 6.249   -13.592 -5.418  0.46 24.52 ? 16  GLU A N   1 
ATOM   107  C CA  A GLU A 1 16  ? 5.034   -14.468 -5.502  0.54 20.92 ? 16  GLU A CA  1 
ATOM   108  C CA  B GLU A 1 16  ? 5.154   -14.555 -5.413  0.46 21.02 ? 16  GLU A CA  1 
ATOM   109  C C   A GLU A 1 16  ? 4.044   -14.134 -4.371  0.54 23.04 ? 16  GLU A C   1 
ATOM   110  C C   B GLU A 1 16  ? 4.091   -14.115 -4.397  0.46 23.11 ? 16  GLU A C   1 
ATOM   111  O O   A GLU A 1 16  ? 2.835   -14.222 -4.561  0.54 21.36 ? 16  GLU A O   1 
ATOM   112  O O   B GLU A 1 16  ? 2.896   -14.130 -4.684  0.46 21.35 ? 16  GLU A O   1 
ATOM   113  C CB  A GLU A 1 16  ? 5.437   -15.947 -5.569  0.54 22.20 ? 16  GLU A CB  1 
ATOM   114  C CB  B GLU A 1 16  ? 5.679   -15.965 -5.097  0.46 22.82 ? 16  GLU A CB  1 
ATOM   115  C CG  A GLU A 1 16  ? 5.671   -16.400 -7.028  0.54 18.85 ? 16  GLU A CG  1 
ATOM   116  C CG  B GLU A 1 16  ? 6.659   -16.543 -6.141  0.46 21.16 ? 16  GLU A CG  1 
ATOM   117  C CD  A GLU A 1 16  ? 6.713   -17.487 -7.182  0.54 42.05 ? 16  GLU A CD  1 
ATOM   118  C CD  B GLU A 1 16  ? 8.060   -15.912 -6.082  0.46 39.07 ? 16  GLU A CD  1 
ATOM   119  O OE1 A GLU A 1 16  ? 6.963   -18.233 -6.207  0.54 49.35 ? 16  GLU A OE1 1 
ATOM   120  O OE1 B GLU A 1 16  ? 8.465   -15.399 -5.008  0.46 22.81 ? 16  GLU A OE1 1 
ATOM   121  O OE2 A GLU A 1 16  ? 7.279   -17.601 -8.295  0.54 45.35 ? 16  GLU A OE2 1 
ATOM   122  O OE2 B GLU A 1 16  ? 8.760   -15.935 -7.119  0.46 42.19 ? 16  GLU A OE2 1 
ATOM   123  N N   . GLN A 1 17  ? 4.538   -13.687 -3.223  1.00 20.79 ? 17  GLN A N   1 
ATOM   124  C CA  . GLN A 1 17  ? 3.614   -13.214 -2.170  1.00 26.78 ? 17  GLN A CA  1 
ATOM   125  C C   . GLN A 1 17  ? 2.829   -11.982 -2.651  1.00 18.68 ? 17  GLN A C   1 
ATOM   126  O O   . GLN A 1 17  ? 1.624   -11.884 -2.489  1.00 18.73 ? 17  GLN A O   1 
ATOM   127  C CB  . GLN A 1 17  ? 4.364   -12.885 -0.878  1.00 26.10 ? 17  GLN A CB  1 
ATOM   128  C CG  . GLN A 1 17  ? 3.460   -12.296 0.203   1.00 25.67 ? 17  GLN A CG  1 
ATOM   129  C CD  . GLN A 1 17  ? 4.061   -12.325 1.595   1.00 27.51 ? 17  GLN A CD  1 
ATOM   130  O OE1 . GLN A 1 17  ? 5.038   -11.638 1.890   1.00 27.91 ? 17  GLN A OE1 1 
ATOM   131  N NE2 . GLN A 1 17  ? 3.448   -13.096 2.477   1.00 25.51 ? 17  GLN A NE2 1 
ATOM   132  N N   . VAL A 1 18  ? 3.543   -11.043 -3.243  1.00 20.91 ? 18  VAL A N   1 
ATOM   133  C CA  . VAL A 1 18  ? 2.934   -9.812  -3.718  1.00 12.21 ? 18  VAL A CA  1 
ATOM   134  C C   . VAL A 1 18  ? 1.931   -10.111 -4.832  1.00 16.84 ? 18  VAL A C   1 
ATOM   135  O O   . VAL A 1 18  ? 0.867   -9.508  -4.870  1.00 22.31 ? 18  VAL A O   1 
ATOM   136  C CB  . VAL A 1 18  ? 4.021   -8.841  -4.172  1.00 19.18 ? 18  VAL A CB  1 
ATOM   137  C CG1 . VAL A 1 18  ? 3.398   -7.626  -4.877  1.00 20.97 ? 18  VAL A CG1 1 
ATOM   138  C CG2 . VAL A 1 18  ? 4.860   -8.392  -2.960  1.00 18.74 ? 18  VAL A CG2 1 
ATOM   139  N N   . ASN A 1 19  ? 2.284   -11.020 -5.747  1.00 19.55 ? 19  ASN A N   1 
ATOM   140  C CA  . ASN A 1 19  ? 1.369   -11.446 -6.819  1.00 23.01 ? 19  ASN A CA  1 
ATOM   141  C C   . ASN A 1 19  ? 0.077   -12.056 -6.248  1.00 24.11 ? 19  ASN A C   1 
ATOM   142  O O   . ASN A 1 19  ? -1.030  -11.734 -6.682  1.00 19.19 ? 19  ASN A O   1 
ATOM   143  C CB  . ASN A 1 19  ? 2.049   -12.463 -7.762  1.00 22.69 ? 19  ASN A CB  1 
ATOM   144  C CG  . ASN A 1 19  ? 3.002   -11.811 -8.781  1.00 52.65 ? 19  ASN A CG  1 
ATOM   145  O OD1 . ASN A 1 19  ? 2.787   -10.684 -9.248  1.00 38.61 ? 19  ASN A OD1 1 
ATOM   146  N ND2 . ASN A 1 19  ? 4.060   -12.537 -9.137  1.00 62.04 ? 19  ASN A ND2 1 
ATOM   147  N N   . ALA A 1 20  ? 0.221   -12.920 -5.247  1.00 18.45 ? 20  ALA A N   1 
ATOM   148  C CA  . ALA A 1 20  ? -0.935  -13.501 -4.587  1.00 18.20 ? 20  ALA A CA  1 
ATOM   149  C C   . ALA A 1 20  ? -1.826  -12.468 -3.901  1.00 18.61 ? 20  ALA A C   1 
ATOM   150  O O   . ALA A 1 20  ? -3.058  -12.601 -3.900  1.00 19.31 ? 20  ALA A O   1 
ATOM   151  C CB  . ALA A 1 20  ? -0.478  -14.558 -3.606  1.00 17.72 ? 20  ALA A CB  1 
ATOM   152  N N   . ALA A 1 21  ? -1.227  -11.444 -3.286  1.00 19.11 ? 21  ALA A N   1 
ATOM   153  C CA  . ALA A 1 21  ? -2.024  -10.419 -2.650  1.00 12.72 ? 21  ALA A CA  1 
ATOM   154  C C   . ALA A 1 21  ? -2.762  -9.578  -3.687  1.00 18.75 ? 21  ALA A C   1 
ATOM   155  O O   . ALA A 1 21  ? -3.910  -9.203  -3.468  1.00 14.32 ? 21  ALA A O   1 
ATOM   156  C CB  . ALA A 1 21  ? -1.127  -9.510  -1.775  1.00 21.97 ? 21  ALA A CB  1 
ATOM   157  N N   . LEU A 1 22  ? -2.114  -9.293  -4.823  1.00 18.73 ? 22  LEU A N   1 
ATOM   158  C CA  . LEU A 1 22  ? -2.779  -8.549  -5.909  1.00 13.87 ? 22  LEU A CA  1 
ATOM   159  C C   . LEU A 1 22  ? -3.946  -9.354  -6.495  1.00 13.47 ? 22  LEU A C   1 
ATOM   160  O O   . LEU A 1 22  ? -5.023  -8.813  -6.754  1.00 21.80 ? 22  LEU A O   1 
ATOM   161  C CB  . LEU A 1 22  ? -1.791  -8.182  -7.013  1.00 16.80 ? 22  LEU A CB  1 
ATOM   162  C CG  . LEU A 1 22  ? -0.767  -7.104  -6.667  1.00 26.35 ? 22  LEU A CG  1 
ATOM   163  C CD1 . LEU A 1 22  ? 0.412   -7.129  -7.624  1.00 35.31 ? 22  LEU A CD1 1 
ATOM   164  C CD2 . LEU A 1 22  ? -1.423  -5.713  -6.679  1.00 29.65 ? 22  LEU A CD2 1 
ATOM   165  N N   . LYS A 1 23  ? -3.733  -10.637 -6.698  1.00 18.54 ? 23  LYS A N   1 
ATOM   166  C CA  . LYS A 1 23  ? -4.828  -11.490 -7.149  1.00 21.71 ? 23  LYS A CA  1 
ATOM   167  C C   . LYS A 1 23  ? -5.970  -11.440 -6.118  1.00 22.30 ? 23  LYS A C   1 
ATOM   168  O O   . LYS A 1 23  ? -7.126  -11.298 -6.482  1.00 19.46 ? 23  LYS A O   1 
ATOM   169  C CB  . LYS A 1 23  ? -4.365  -12.934 -7.368  1.00 24.11 ? 23  LYS A CB  1 
ATOM   170  C CG  . LYS A 1 23  ? -5.460  -13.829 -8.001  1.00 33.00 ? 23  LYS A CG  1 
ATOM   171  C CD  . LYS A 1 23  ? -4.925  -14.661 -9.139  1.00 45.16 ? 23  LYS A CD  1 
ATOM   172  C CE  . LYS A 1 23  ? -5.837  -14.615 -10.376 1.00 59.16 ? 23  LYS A CE  1 
ATOM   173  N NZ  . LYS A 1 23  ? -7.215  -15.114 -10.129 1.00 63.58 ? 23  LYS A NZ  1 
ATOM   174  N N   . ALA A 1 24  ? -5.648  -11.535 -4.831  1.00 17.68 ? 24  ALA A N   1 
ATOM   175  C CA  . ALA A 1 24  ? -6.706  -11.552 -3.805  1.00 17.80 ? 24  ALA A CA  1 
ATOM   176  C C   . ALA A 1 24  ? -7.439  -10.201 -3.732  1.00 16.01 ? 24  ALA A C   1 
ATOM   177  O O   . ALA A 1 24  ? -8.650  -10.148 -3.605  1.00 21.50 ? 24  ALA A O   1 
ATOM   178  C CB  . ALA A 1 24  ? -6.128  -11.904 -2.478  1.00 18.41 ? 24  ALA A CB  1 
ATOM   179  N N   . LEU A 1 25  ? -6.700  -9.104  -3.845  1.00 19.02 ? 25  LEU A N   1 
ATOM   180  C CA  . LEU A 1 25  ? -7.318  -7.776  -3.935  1.00 25.23 ? 25  LEU A CA  1 
ATOM   181  C C   . LEU A 1 25  ? -8.317  -7.615  -5.089  1.00 23.88 ? 25  LEU A C   1 
ATOM   182  O O   . LEU A 1 25  ? -9.375  -7.005  -4.935  1.00 23.66 ? 25  LEU A O   1 
ATOM   183  C CB  . LEU A 1 25  ? -6.229  -6.723  -4.080  1.00 22.56 ? 25  LEU A CB  1 
ATOM   184  C CG  . LEU A 1 25  ? -5.430  -6.427  -2.820  1.00 26.35 ? 25  LEU A CG  1 
ATOM   185  C CD1 . LEU A 1 25  ? -4.295  -5.483  -3.183  1.00 23.13 ? 25  LEU A CD1 1 
ATOM   186  C CD2 . LEU A 1 25  ? -6.337  -5.815  -1.735  1.00 19.78 ? 25  LEU A CD2 1 
ATOM   187  N N   . GLY A 1 26  ? -7.968  -8.147  -6.254  1.00 25.44 ? 26  GLY A N   1 
ATOM   188  C CA  . GLY A 1 26  ? -8.861  -8.108  -7.396  1.00 25.38 ? 26  GLY A CA  1 
ATOM   189  C C   . GLY A 1 26  ? -10.086 -8.992  -7.239  1.00 30.22 ? 26  GLY A C   1 
ATOM   190  O O   . GLY A 1 26  ? -11.050 -8.855  -7.993  1.00 35.26 ? 26  GLY A O   1 
ATOM   191  N N   . ASP A 1 27  ? -10.065 -9.894  -6.255  1.00 26.77 ? 27  ASP A N   1 
ATOM   192  C CA  . ASP A 1 27  ? -11.213 -10.762 -6.014  1.00 28.77 ? 27  ASP A CA  1 
ATOM   193  C C   . ASP A 1 27  ? -12.151 -10.252 -4.931  1.00 29.41 ? 27  ASP A C   1 
ATOM   194  O O   . ASP A 1 27  ? -13.135 -10.897 -4.636  1.00 26.49 ? 27  ASP A O   1 
ATOM   195  C CB  . ASP A 1 27  ? -10.755 -12.179 -5.675  1.00 37.06 ? 27  ASP A CB  1 
ATOM   196  C CG  . ASP A 1 27  ? -10.184 -12.908 -6.878  1.00 44.96 ? 27  ASP A CG  1 
ATOM   197  O OD1 . ASP A 1 27  ? -10.555 -12.558 -8.026  1.00 45.72 ? 27  ASP A OD1 1 
ATOM   198  O OD2 . ASP A 1 27  ? -9.353  -13.816 -6.665  1.00 43.43 ? 27  ASP A OD2 1 
ATOM   199  N N   . ILE A 1 28  ? -11.831 -9.115  -4.322  1.00 26.72 ? 28  ILE A N   1 
ATOM   200  C CA  . ILE A 1 28  ? -12.695 -8.493  -3.321  1.00 19.12 ? 28  ILE A CA  1 
ATOM   201  C C   . ILE A 1 28  ? -14.013 -8.092  -3.982  1.00 26.63 ? 28  ILE A C   1 
ATOM   202  O O   . ILE A 1 28  ? -14.014 -7.516  -5.060  1.00 20.94 ? 28  ILE A O   1 
ATOM   203  C CB  . ILE A 1 28  ? -12.005 -7.257  -2.663  1.00 23.52 ? 28  ILE A CB  1 
ATOM   204  C CG1 . ILE A 1 28  ? -10.772 -7.706  -1.883  1.00 20.10 ? 28  ILE A CG1 1 
ATOM   205  C CG2 . ILE A 1 28  ? -12.964 -6.493  -1.729  1.00 25.19 ? 28  ILE A CG2 1 
ATOM   206  C CD1 . ILE A 1 28  ? -9.924  -6.566  -1.364  1.00 21.04 ? 28  ILE A CD1 1 
ATOM   207  N N   . PRO A 1 29  ? -15.144 -8.414  -3.338  1.00 29.43 ? 29  PRO A N   1 
ATOM   208  C CA  . PRO A 1 29  ? -16.493 -8.150  -3.855  1.00 33.10 ? 29  PRO A CA  1 
ATOM   209  C C   . PRO A 1 29  ? -16.740 -6.693  -4.174  1.00 26.35 ? 29  PRO A C   1 
ATOM   210  O O   . PRO A 1 29  ? -16.237 -5.828  -3.446  1.00 31.64 ? 29  PRO A O   1 
ATOM   211  C CB  . PRO A 1 29  ? -17.402 -8.557  -2.686  1.00 36.06 ? 29  PRO A CB  1 
ATOM   212  C CG  . PRO A 1 29  ? -16.611 -9.543  -1.922  1.00 43.59 ? 29  PRO A CG  1 
ATOM   213  C CD  . PRO A 1 29  ? -15.183 -9.122  -2.047  1.00 27.12 ? 29  PRO A CD  1 
ATOM   214  N N   . GLU A 1 30  ? -17.538 -6.436  -5.209  1.00 23.59 ? 30  GLU A N   1 
ATOM   215  C CA  . GLU A 1 30  ? -17.938 -5.082  -5.600  1.00 25.69 ? 30  GLU A CA  1 
ATOM   216  C C   . GLU A 1 30  ? -16.737 -4.158  -5.757  1.00 39.06 ? 30  GLU A C   1 
ATOM   217  O O   . GLU A 1 30  ? -16.847 -2.963  -5.521  1.00 29.52 ? 30  GLU A O   1 
ATOM   218  C CB  . GLU A 1 30  ? -18.869 -4.468  -4.568  1.00 43.15 ? 30  GLU A CB  1 
ATOM   219  C CG  . GLU A 1 30  ? -19.961 -5.403  -4.086  1.00 56.92 ? 30  GLU A CG  1 
ATOM   220  C CD  . GLU A 1 30  ? -21.282 -4.687  -3.930  1.00 78.69 ? 30  GLU A CD  1 
ATOM   221  O OE1 . GLU A 1 30  ? -21.923 -4.414  -4.971  1.00 74.86 ? 30  GLU A OE1 1 
ATOM   222  O OE2 . GLU A 1 30  ? -21.668 -4.384  -2.776  1.00 66.36 ? 30  GLU A OE2 1 
ATOM   223  N N   A SER A 1 31  ? -15.592 -4.719  -6.146  0.67 30.09 ? 31  SER A N   1 
ATOM   224  N N   B SER A 1 31  ? -15.602 -4.707  -6.171  0.33 30.25 ? 31  SER A N   1 
ATOM   225  C CA  A SER A 1 31  ? -14.363 -3.940  -6.292  0.67 27.69 ? 31  SER A CA  1 
ATOM   226  C CA  B SER A 1 31  ? -14.405 -3.901  -6.337  0.33 27.93 ? 31  SER A CA  1 
ATOM   227  C C   A SER A 1 31  ? -13.594 -4.405  -7.507  0.67 33.21 ? 31  SER A C   1 
ATOM   228  C C   B SER A 1 31  ? -13.612 -4.394  -7.524  0.33 33.13 ? 31  SER A C   1 
ATOM   229  O O   A SER A 1 31  ? -13.795 -5.519  -7.986  0.67 29.47 ? 31  SER A O   1 
ATOM   230  O O   B SER A 1 31  ? -13.819 -5.509  -7.998  0.33 29.61 ? 31  SER A O   1 
ATOM   231  C CB  A SER A 1 31  ? -13.459 -4.115  -5.072  0.67 28.30 ? 31  SER A CB  1 
ATOM   232  C CB  B SER A 1 31  ? -13.530 -3.993  -5.094  0.33 28.31 ? 31  SER A CB  1 
ATOM   233  O OG  A SER A 1 31  ? -14.136 -3.819  -3.870  0.67 19.72 ? 31  SER A OG  1 
ATOM   234  O OG  B SER A 1 31  ? -12.864 -5.245  -5.046  0.33 32.17 ? 31  SER A OG  1 
ATOM   235  N N   . HIS A 1 32  ? -12.688 -3.571  -7.998  1.00 26.69 ? 32  HIS A N   1 
ATOM   236  C CA  . HIS A 1 32  ? -11.753 -4.029  -9.020  1.00 23.46 ? 32  HIS A CA  1 
ATOM   237  C C   . HIS A 1 32  ? -10.583 -3.106  -9.168  1.00 23.71 ? 32  HIS A C   1 
ATOM   238  O O   . HIS A 1 32  ? -10.702 -1.890  -8.975  1.00 25.69 ? 32  HIS A O   1 
ATOM   239  C CB  . HIS A 1 32  ? -12.438 -4.254  -10.372 1.00 36.86 ? 32  HIS A CB  1 
ATOM   240  C CG  . HIS A 1 32  ? -12.927 -3.008  -11.023 1.00 34.05 ? 32  HIS A CG  1 
ATOM   241  N ND1 . HIS A 1 32  ? -14.050 -2.341  -10.591 1.00 30.76 ? 32  HIS A ND1 1 
ATOM   242  C CD2 . HIS A 1 32  ? -12.446 -2.304  -12.080 1.00 42.69 ? 32  HIS A CD2 1 
ATOM   243  C CE1 . HIS A 1 32  ? -14.246 -1.275  -11.357 1.00 45.06 ? 32  HIS A CE1 1 
ATOM   244  N NE2 . HIS A 1 32  ? -13.282 -1.225  -12.258 1.00 39.64 ? 32  HIS A NE2 1 
ATOM   245  N N   . ILE A 1 33  ? -9.442  -3.706  -9.469  1.00 18.84 ? 33  ILE A N   1 
ATOM   246  C CA  . ILE A 1 33  ? -8.191  -2.961  -9.600  1.00 21.81 ? 33  ILE A CA  1 
ATOM   247  C C   . ILE A 1 33  ? -8.166  -2.100  -10.850 1.00 21.16 ? 33  ILE A C   1 
ATOM   248  O O   . ILE A 1 33  ? -8.432  -2.586  -11.947 1.00 26.93 ? 33  ILE A O   1 
ATOM   249  C CB  . ILE A 1 33  ? -7.017  -3.937  -9.660  1.00 16.12 ? 33  ILE A CB  1 
ATOM   250  C CG1 . ILE A 1 33  ? -6.902  -4.721  -8.340  1.00 17.10 ? 33  ILE A CG1 1 
ATOM   251  C CG2 . ILE A 1 33  ? -5.762  -3.191  -9.949  1.00 17.21 ? 33  ILE A CG2 1 
ATOM   252  C CD1 . ILE A 1 33  ? -5.933  -5.913  -8.398  1.00 26.97 ? 33  ILE A CD1 1 
ATOM   253  N N   . LEU A 1 34  ? -7.850  -0.826  -10.689 1.00 19.28 ? 34  LEU A N   1 
ATOM   254  C CA  . LEU A 1 34  ? -7.750  0.076   -11.818 1.00 19.89 ? 34  LEU A CA  1 
ATOM   255  C C   . LEU A 1 34  ? -6.327  0.138   -12.349 1.00 20.77 ? 34  LEU A C   1 
ATOM   256  O O   . LEU A 1 34  ? -6.116  0.143   -13.542 1.00 23.26 ? 34  LEU A O   1 
ATOM   257  C CB  . LEU A 1 34  ? -8.237  1.472   -11.450 1.00 21.91 ? 34  LEU A CB  1 
ATOM   258  C CG  . LEU A 1 34  ? -9.713  1.637   -11.075 1.00 23.11 ? 34  LEU A CG  1 
ATOM   259  C CD1 . LEU A 1 34  ? -9.923  2.954   -10.433 1.00 35.82 ? 34  LEU A CD1 1 
ATOM   260  C CD2 . LEU A 1 34  ? -10.639 1.501   -12.275 1.00 28.03 ? 34  LEU A CD2 1 
ATOM   261  N N   A THR A 1 35  ? -5.354  0.142   -11.452 0.29 23.20 ? 35  THR A N   1 
ATOM   262  N N   B THR A 1 35  ? -5.353  0.171   -11.446 0.71 23.23 ? 35  THR A N   1 
ATOM   263  C CA  A THR A 1 35  ? -3.971  0.286   -11.863 0.29 18.41 ? 35  THR A CA  1 
ATOM   264  C CA  B THR A 1 35  ? -3.948  0.424   -11.783 0.71 17.69 ? 35  THR A CA  1 
ATOM   265  C C   A THR A 1 35  ? -3.037  -0.075  -10.719 0.29 20.44 ? 35  THR A C   1 
ATOM   266  C C   B THR A 1 35  ? -3.060  -0.149  -10.695 0.71 20.47 ? 35  THR A C   1 
ATOM   267  O O   A THR A 1 35  ? -3.376  0.090   -9.546  0.29 18.83 ? 35  THR A O   1 
ATOM   268  O O   B THR A 1 35  ? -3.460  -0.212  -9.526  0.71 18.23 ? 35  THR A O   1 
ATOM   269  C CB  A THR A 1 35  ? -3.703  1.719   -12.374 0.29 23.01 ? 35  THR A CB  1 
ATOM   270  C CB  B THR A 1 35  ? -3.644  1.934   -11.878 0.71 24.49 ? 35  THR A CB  1 
ATOM   271  O OG1 A THR A 1 35  ? -2.453  1.762   -13.062 0.29 19.63 ? 35  THR A OG1 1 
ATOM   272  O OG1 B THR A 1 35  ? -4.652  2.610   -12.643 0.71 27.06 ? 35  THR A OG1 1 
ATOM   273  C CG2 A THR A 1 35  ? -3.704  2.725   -11.231 0.29 16.95 ? 35  THR A CG2 1 
ATOM   274  C CG2 B THR A 1 35  ? -2.296  2.160   -12.530 0.71 23.40 ? 35  THR A CG2 1 
ATOM   275  N N   . VAL A 1 36  ? -1.868  -0.592  -11.074 1.00 15.78 ? 36  VAL A N   1 
ATOM   276  C CA  . VAL A 1 36  ? -0.866  -1.020  -10.096 1.00 19.61 ? 36  VAL A CA  1 
ATOM   277  C C   . VAL A 1 36  ? 0.442   -0.281  -10.435 1.00 29.14 ? 36  VAL A C   1 
ATOM   278  O O   . VAL A 1 36  ? 0.848   -0.248  -11.596 1.00 15.43 ? 36  VAL A O   1 
ATOM   279  C CB  . VAL A 1 36  ? -0.601  -2.567  -10.154 1.00 17.14 ? 36  VAL A CB  1 
ATOM   280  C CG1 . VAL A 1 36  ? 0.493   -2.985  -9.141  1.00 13.00 ? 36  VAL A CG1 1 
ATOM   281  C CG2 . VAL A 1 36  ? -1.877  -3.345  -9.901  1.00 21.62 ? 36  VAL A CG2 1 
ATOM   282  N N   . SER A 1 37  ? 1.093   0.321   -9.440  1.00 17.15 ? 37  SER A N   1 
ATOM   283  C CA  . SER A 1 37  ? 2.372   0.961   -9.676  1.00 21.28 ? 37  SER A CA  1 
ATOM   284  C C   . SER A 1 37  ? 3.391   -0.111  -10.032 1.00 19.22 ? 37  SER A C   1 
ATOM   285  O O   . SER A 1 37  ? 3.080   -1.287  -9.992  1.00 16.59 ? 37  SER A O   1 
ATOM   286  C CB  . SER A 1 37  ? 2.825   1.735   -8.419  1.00 12.66 ? 37  SER A CB  1 
ATOM   287  O OG  . SER A 1 37  ? 3.399   0.831   -7.470  1.00 13.73 ? 37  SER A OG  1 
ATOM   288  N N   . SER A 1 38  ? 4.587   0.307   -10.450 1.00 20.00 ? 38  SER A N   1 
ATOM   289  C CA  . SER A 1 38  ? 5.734   -0.578  -10.534 1.00 18.57 ? 38  SER A CA  1 
ATOM   290  C C   . SER A 1 38  ? 6.055   -1.109  -9.143  1.00 22.43 ? 38  SER A C   1 
ATOM   291  O O   . SER A 1 38  ? 5.518   -0.616  -8.158  1.00 15.84 ? 38  SER A O   1 
ATOM   292  C CB  . SER A 1 38  ? 6.966   0.174   -11.078 1.00 28.36 ? 38  SER A CB  1 
ATOM   293  O OG  . SER A 1 38  ? 6.704   0.785   -12.338 1.00 22.23 ? 38  SER A OG  1 
ATOM   294  N N   . PHE A 1 39  ? 6.940   -2.100  -9.080  1.00 18.77 ? 39  PHE A N   1 
ATOM   295  C CA  . PHE A 1 39  ? 7.386   -2.668  -7.821  1.00 16.57 ? 39  PHE A CA  1 
ATOM   296  C C   . PHE A 1 39  ? 8.728   -2.083  -7.548  1.00 19.98 ? 39  PHE A C   1 
ATOM   297  O O   . PHE A 1 39  ? 9.593   -2.056  -8.418  1.00 19.14 ? 39  PHE A O   1 
ATOM   298  C CB  . PHE A 1 39  ? 7.564   -4.202  -7.903  1.00 17.32 ? 39  PHE A CB  1 
ATOM   299  C CG  . PHE A 1 39  ? 6.295   -4.973  -8.118  1.00 17.58 ? 39  PHE A CG  1 
ATOM   300  C CD1 . PHE A 1 39  ? 5.044   -4.391  -7.939  1.00 17.03 ? 39  PHE A CD1 1 
ATOM   301  C CD2 . PHE A 1 39  ? 6.356   -6.309  -8.475  1.00 31.15 ? 39  PHE A CD2 1 
ATOM   302  C CE1 . PHE A 1 39  ? 3.891   -5.126  -8.103  1.00 21.65 ? 39  PHE A CE1 1 
ATOM   303  C CE2 . PHE A 1 39  ? 5.199   -7.046  -8.654  1.00 27.25 ? 39  PHE A CE2 1 
ATOM   304  C CZ  . PHE A 1 39  ? 3.970   -6.456  -8.475  1.00 29.08 ? 39  PHE A CZ  1 
ATOM   305  N N   . TYR A 1 40  ? 8.883   -1.617  -6.316  1.00 17.79 ? 40  TYR A N   1 
ATOM   306  C CA  . TYR A 1 40  ? 10.062  -0.925  -5.865  1.00 18.35 ? 40  TYR A CA  1 
ATOM   307  C C   . TYR A 1 40  ? 10.713  -1.648  -4.731  1.00 23.97 ? 40  TYR A C   1 
ATOM   308  O O   . TYR A 1 40  ? 10.044  -2.217  -3.860  1.00 21.32 ? 40  TYR A O   1 
ATOM   309  C CB  . TYR A 1 40  ? 9.700   0.483   -5.415  1.00 23.09 ? 40  TYR A CB  1 
ATOM   310  C CG  . TYR A 1 40  ? 9.119   1.334   -6.529  1.00 18.34 ? 40  TYR A CG  1 
ATOM   311  C CD1 . TYR A 1 40  ? 9.949   2.033   -7.383  1.00 25.65 ? 40  TYR A CD1 1 
ATOM   312  C CD2 . TYR A 1 40  ? 7.748   1.433   -6.723  1.00 18.12 ? 40  TYR A CD2 1 
ATOM   313  C CE1 . TYR A 1 40  ? 9.438   2.836   -8.384  1.00 20.72 ? 40  TYR A CE1 1 
ATOM   314  C CE2 . TYR A 1 40  ? 7.216   2.217   -7.717  1.00 16.17 ? 40  TYR A CE2 1 
ATOM   315  C CZ  . TYR A 1 40  ? 8.081   2.935   -8.548  1.00 36.81 ? 40  TYR A CZ  1 
ATOM   316  O OH  . TYR A 1 40  ? 7.631   3.743   -9.567  1.00 20.71 ? 40  TYR A OH  1 
ATOM   317  N N   . ARG A 1 41  ? 12.032  -1.616  -4.760  1.00 24.10 ? 41  ARG A N   1 
ATOM   318  C CA  . ARG A 1 41  ? 12.858  -2.178  -3.714  1.00 21.78 ? 41  ARG A CA  1 
ATOM   319  C C   . ARG A 1 41  ? 13.390  -1.064  -2.801  1.00 26.42 ? 41  ARG A C   1 
ATOM   320  O O   . ARG A 1 41  ? 14.113  -0.188  -3.245  1.00 25.72 ? 41  ARG A O   1 
ATOM   321  C CB  . ARG A 1 41  ? 14.033  -2.904  -4.333  1.00 17.80 ? 41  ARG A CB  1 
ATOM   322  C CG  . ARG A 1 41  ? 15.166  -3.115  -3.360  1.00 34.94 ? 41  ARG A CG  1 
ATOM   323  C CD  . ARG A 1 41  ? 15.676  -4.514  -3.409  1.00 29.93 ? 41  ARG A CD  1 
ATOM   324  N NE  . ARG A 1 41  ? 15.740  -4.964  -4.786  1.00 57.31 ? 41  ARG A NE  1 
ATOM   325  C CZ  . ARG A 1 41  ? 15.945  -6.221  -5.151  1.00 61.26 ? 41  ARG A CZ  1 
ATOM   326  N NH1 . ARG A 1 41  ? 16.130  -7.158  -4.222  1.00 49.13 ? 41  ARG A NH1 1 
ATOM   327  N NH2 . ARG A 1 41  ? 15.969  -6.530  -6.449  1.00 47.81 ? 41  ARG A NH2 1 
ATOM   328  N N   . THR A 1 42  ? 13.039  -1.118  -1.526  1.00 18.56 ? 42  THR A N   1 
ATOM   329  C CA  . THR A 1 42  ? 13.413  -0.095  -0.576  1.00 19.04 ? 42  THR A CA  1 
ATOM   330  C C   . THR A 1 42  ? 14.099  -0.698  0.641   1.00 29.18 ? 42  THR A C   1 
ATOM   331  O O   . THR A 1 42  ? 13.704  -1.750  1.121   1.00 28.20 ? 42  THR A O   1 
ATOM   332  C CB  . THR A 1 42  ? 12.181  0.716   -0.174  1.00 26.73 ? 42  THR A CB  1 
ATOM   333  O OG1 . THR A 1 42  ? 11.231  -0.126  0.479   1.00 30.10 ? 42  THR A OG1 1 
ATOM   334  C CG2 . THR A 1 42  ? 11.505  1.292   -1.420  1.00 27.85 ? 42  THR A CG2 1 
ATOM   335  N N   . PRO A 1 43  ? 15.138  -0.027  1.155   1.00 34.62 ? 43  PRO A N   1 
ATOM   336  C CA  . PRO A 1 43  ? 15.780  -0.463  2.405   1.00 32.92 ? 43  PRO A CA  1 
ATOM   337  C C   . PRO A 1 43  ? 14.789  -0.428  3.557   1.00 29.23 ? 43  PRO A C   1 
ATOM   338  O O   . PRO A 1 43  ? 13.912  0.438   3.570   1.00 31.32 ? 43  PRO A O   1 
ATOM   339  C CB  . PRO A 1 43  ? 16.837  0.613   2.667   1.00 46.20 ? 43  PRO A CB  1 
ATOM   340  C CG  . PRO A 1 43  ? 16.862  1.474   1.474   1.00 38.98 ? 43  PRO A CG  1 
ATOM   341  C CD  . PRO A 1 43  ? 15.590  1.302   0.728   1.00 44.38 ? 43  PRO A CD  1 
ATOM   342  N N   . PRO A 1 44  ? 14.948  -1.317  4.547   1.00 31.57 ? 44  PRO A N   1 
ATOM   343  C CA  . PRO A 1 44  ? 14.009  -1.259  5.674   1.00 54.46 ? 44  PRO A CA  1 
ATOM   344  C C   . PRO A 1 44  ? 14.236  -0.020  6.556   1.00 50.51 ? 44  PRO A C   1 
ATOM   345  O O   . PRO A 1 44  ? 15.375  0.433   6.674   1.00 51.41 ? 44  PRO A O   1 
ATOM   346  C CB  . PRO A 1 44  ? 14.314  -2.547  6.459   1.00 50.60 ? 44  PRO A CB  1 
ATOM   347  C CG  . PRO A 1 44  ? 15.603  -3.122  5.857   1.00 53.56 ? 44  PRO A CG  1 
ATOM   348  C CD  . PRO A 1 44  ? 16.118  -2.163  4.838   1.00 47.56 ? 44  PRO A CD  1 
ATOM   349  N N   . LEU A 1 45  ? 13.167  0.534   7.130   1.00 57.83 ? 45  LEU A N   1 
ATOM   350  C CA  . LEU A 1 45  ? 13.287  1.525   8.198   1.00 58.61 ? 45  LEU A CA  1 
ATOM   351  C C   . LEU A 1 45  ? 14.062  0.891   9.353   1.00 69.13 ? 45  LEU A C   1 
ATOM   352  O O   . LEU A 1 45  ? 13.703  -0.197  9.811   1.00 63.78 ? 45  LEU A O   1 
ATOM   353  C CB  . LEU A 1 45  ? 11.900  1.950   8.698   1.00 45.19 ? 45  LEU A CB  1 
ATOM   354  C CG  . LEU A 1 45  ? 11.001  2.795   7.794   1.00 57.13 ? 45  LEU A CG  1 
ATOM   355  C CD1 . LEU A 1 45  ? 9.619   3.004   8.416   1.00 38.57 ? 45  LEU A CD1 1 
ATOM   356  C CD2 . LEU A 1 45  ? 11.654  4.134   7.513   1.00 49.03 ? 45  LEU A CD2 1 
ATOM   357  N N   . GLY A 1 46  ? 15.121  1.547   9.816   1.00 61.22 ? 46  GLY A N   1 
ATOM   358  C CA  . GLY A 1 46  ? 15.876  1.039   10.952  1.00 54.38 ? 46  GLY A CA  1 
ATOM   359  C C   . GLY A 1 46  ? 16.985  0.045   10.622  1.00 77.24 ? 46  GLY A C   1 
ATOM   360  O O   . GLY A 1 46  ? 17.726  0.250   9.655   1.00 62.24 ? 46  GLY A O   1 
ATOM   361  N N   . PRO A 1 47  ? 17.109  -1.036  11.432  1.00 89.95 ? 47  PRO A N   1 
ATOM   362  C CA  . PRO A 1 47  ? 18.230  -1.981  11.319  1.00 79.55 ? 47  PRO A CA  1 
ATOM   363  C C   . PRO A 1 47  ? 18.452  -2.381  9.877   1.00 77.14 ? 47  PRO A C   1 
ATOM   364  O O   . PRO A 1 47  ? 17.521  -2.829  9.213   1.00 68.32 ? 47  PRO A O   1 
ATOM   365  C CB  . PRO A 1 47  ? 17.771  -3.187  12.150  1.00 87.89 ? 47  PRO A CB  1 
ATOM   366  C CG  . PRO A 1 47  ? 16.821  -2.637  13.132  1.00 94.60 ? 47  PRO A CG  1 
ATOM   367  C CD  . PRO A 1 47  ? 16.139  -1.467  12.457  1.00 92.37 ? 47  PRO A CD  1 
ATOM   368  N N   . GLN A 1 48  ? 19.675  -2.216  9.394   1.00 64.23 ? 48  GLN A N   1 
ATOM   369  C CA  . GLN A 1 48  ? 19.937  -2.415  7.980   1.00 83.22 ? 48  GLN A CA  1 
ATOM   370  C C   . GLN A 1 48  ? 20.373  -3.838  7.669   1.00 88.26 ? 48  GLN A C   1 
ATOM   371  O O   . GLN A 1 48  ? 20.529  -4.205  6.502   1.00 92.31 ? 48  GLN A O   1 
ATOM   372  C CB  . GLN A 1 48  ? 20.970  -1.406  7.484   1.00 84.44 ? 48  GLN A CB  1 
ATOM   373  C CG  . GLN A 1 48  ? 20.382  -0.023  7.252   1.00 99.63 ? 48  GLN A CG  1 
ATOM   374  C CD  . GLN A 1 48  ? 19.119  -0.063  6.402   1.00 89.57 ? 48  GLN A CD  1 
ATOM   375  O OE1 . GLN A 1 48  ? 19.075  -0.718  5.357   1.00 83.99 ? 48  GLN A OE1 1 
ATOM   376  N NE2 . GLN A 1 48  ? 18.080  0.632   6.856   1.00 77.24 ? 48  GLN A NE2 1 
ATOM   377  N N   . ASP A 1 49  ? 20.566  -4.639  8.711   1.00 89.56 ? 49  ASP A N   1 
ATOM   378  C CA  . ASP A 1 49  ? 20.795  -6.066  8.519   1.00 83.88 ? 49  ASP A CA  1 
ATOM   379  C C   . ASP A 1 49  ? 19.518  -6.735  7.965   1.00 73.42 ? 49  ASP A C   1 
ATOM   380  O O   . ASP A 1 49  ? 19.587  -7.799  7.342   1.00 56.32 ? 49  ASP A O   1 
ATOM   381  C CB  . ASP A 1 49  ? 21.306  -6.746  9.813   1.00 83.33 ? 49  ASP A CB  1 
ATOM   382  C CG  . ASP A 1 49  ? 20.747  -6.112  11.095  1.00 88.50 ? 49  ASP A CG  1 
ATOM   383  O OD1 . ASP A 1 49  ? 21.260  -5.051  11.523  1.00 80.48 ? 49  ASP A OD1 1 
ATOM   384  O OD2 . ASP A 1 49  ? 19.813  -6.692  11.694  1.00 68.24 ? 49  ASP A OD2 1 
ATOM   385  N N   . GLN A 1 50  ? 18.367  -6.083  8.162   1.00 74.86 ? 50  GLN A N   1 
ATOM   386  C CA  . GLN A 1 50  ? 17.058  -6.626  7.758   1.00 68.98 ? 50  GLN A CA  1 
ATOM   387  C C   . GLN A 1 50  ? 16.860  -6.671  6.243   1.00 57.28 ? 50  GLN A C   1 
ATOM   388  O O   . GLN A 1 50  ? 17.533  -5.952  5.503   1.00 61.06 ? 50  GLN A O   1 
ATOM   389  C CB  . GLN A 1 50  ? 15.924  -5.801  8.383   1.00 63.66 ? 50  GLN A CB  1 
ATOM   390  C CG  . GLN A 1 50  ? 15.949  -5.776  9.891   1.00 77.18 ? 50  GLN A CG  1 
ATOM   391  C CD  . GLN A 1 50  ? 16.189  -7.152  10.484  1.00 77.74 ? 50  GLN A CD  1 
ATOM   392  O OE1 . GLN A 1 50  ? 17.319  -7.645  10.495  1.00 64.68 ? 50  GLN A OE1 1 
ATOM   393  N NE2 . GLN A 1 50  ? 15.124  -7.785  10.973  1.00 81.49 ? 50  GLN A NE2 1 
ATOM   394  N N   . PRO A 1 51  ? 15.910  -7.502  5.778   1.00 44.36 ? 51  PRO A N   1 
ATOM   395  C CA  . PRO A 1 51  ? 15.691  -7.659  4.343   1.00 48.27 ? 51  PRO A CA  1 
ATOM   396  C C   . PRO A 1 51  ? 15.037  -6.416  3.736   1.00 36.45 ? 51  PRO A C   1 
ATOM   397  O O   . PRO A 1 51  ? 14.338  -5.673  4.434   1.00 40.19 ? 51  PRO A O   1 
ATOM   398  C CB  . PRO A 1 51  ? 14.767  -8.889  4.248   1.00 50.80 ? 51  PRO A CB  1 
ATOM   399  C CG  . PRO A 1 51  ? 14.437  -9.278  5.661   1.00 43.63 ? 51  PRO A CG  1 
ATOM   400  C CD  . PRO A 1 51  ? 14.858  -8.171  6.556   1.00 63.22 ? 51  PRO A CD  1 
ATOM   401  N N   . ASP A 1 52  ? 15.287  -6.187  2.453   1.00 42.64 ? 52  ASP A N   1 
ATOM   402  C CA  . ASP A 1 52  ? 14.638  -5.098  1.743   1.00 36.92 ? 52  ASP A CA  1 
ATOM   403  C C   . ASP A 1 52  ? 13.152  -5.346  1.664   1.00 42.36 ? 52  ASP A C   1 
ATOM   404  O O   . ASP A 1 52  ? 12.681  -6.476  1.816   1.00 35.91 ? 52  ASP A O   1 
ATOM   405  C CB  . ASP A 1 52  ? 15.193  -4.961  0.331   1.00 31.06 ? 52  ASP A CB  1 
ATOM   406  C CG  . ASP A 1 52  ? 16.613  -4.411  0.304   1.00 50.40 ? 52  ASP A CG  1 
ATOM   407  O OD1 . ASP A 1 52  ? 17.033  -3.797  1.311   1.00 37.16 ? 52  ASP A OD1 1 
ATOM   408  O OD2 . ASP A 1 52  ? 17.295  -4.600  -0.726  1.00 39.99 ? 52  ASP A OD2 1 
ATOM   409  N N   . TYR A 1 53  ? 12.414  -4.278  1.427   1.00 23.93 ? 53  TYR A N   1 
ATOM   410  C CA  . TYR A 1 53  ? 10.985  -4.392  1.198   1.00 26.90 ? 53  TYR A CA  1 
ATOM   411  C C   . TYR A 1 53  ? 10.692  -4.239  -0.283  1.00 17.59 ? 53  TYR A C   1 
ATOM   412  O O   . TYR A 1 53  ? 11.319  -3.454  -0.975  1.00 21.63 ? 53  TYR A O   1 
ATOM   413  C CB  . TYR A 1 53  ? 10.235  -3.287  1.925   1.00 33.00 ? 53  TYR A CB  1 
ATOM   414  C CG  . TYR A 1 53  ? 9.806   -3.592  3.325   1.00 31.18 ? 53  TYR A CG  1 
ATOM   415  C CD1 . TYR A 1 53  ? 10.695  -3.479  4.388   1.00 30.77 ? 53  TYR A CD1 1 
ATOM   416  C CD2 . TYR A 1 53  ? 8.488   -3.935  3.599   1.00 22.58 ? 53  TYR A CD2 1 
ATOM   417  C CE1 . TYR A 1 53  ? 10.288  -3.723  5.673   1.00 27.72 ? 53  TYR A CE1 1 
ATOM   418  C CE2 . TYR A 1 53  ? 8.068   -4.175  4.882   1.00 33.20 ? 53  TYR A CE2 1 
ATOM   419  C CZ  . TYR A 1 53  ? 8.971   -4.075  5.917   1.00 33.96 ? 53  TYR A CZ  1 
ATOM   420  O OH  . TYR A 1 53  ? 8.545   -4.331  7.193   1.00 31.68 ? 53  TYR A OH  1 
ATOM   421  N N   . LEU A 1 54  ? 9.718   -4.995  -0.754  1.00 18.47 ? 54  LEU A N   1 
ATOM   422  C CA  . LEU A 1 54  ? 9.046   -4.686  -1.995  1.00 16.63 ? 54  LEU A CA  1 
ATOM   423  C C   . LEU A 1 54  ? 7.820   -3.827  -1.649  1.00 20.38 ? 54  LEU A C   1 
ATOM   424  O O   . LEU A 1 54  ? 6.960   -4.237  -0.875  1.00 18.73 ? 54  LEU A O   1 
ATOM   425  C CB  . LEU A 1 54  ? 8.668   -5.983  -2.727  1.00 15.52 ? 54  LEU A CB  1 
ATOM   426  C CG  . LEU A 1 54  ? 8.198   -5.848  -4.180  1.00 22.58 ? 54  LEU A CG  1 
ATOM   427  C CD1 . LEU A 1 54  ? 8.043   -7.207  -4.830  1.00 24.06 ? 54  LEU A CD1 1 
ATOM   428  C CD2 . LEU A 1 54  ? 6.872   -5.098  -4.232  1.00 26.76 ? 54  LEU A CD2 1 
ATOM   429  N N   . ASN A 1 55  ? 7.768   -2.622  -2.220  1.00 18.81 ? 55  ASN A N   1 
ATOM   430  C CA  . ASN A 1 55  ? 6.628   -1.726  -2.111  1.00 14.29 ? 55  ASN A CA  1 
ATOM   431  C C   . ASN A 1 55  ? 5.941   -1.405  -3.425  1.00 15.35 ? 55  ASN A C   1 
ATOM   432  O O   . ASN A 1 55  ? 6.606   -1.180  -4.436  1.00 19.84 ? 55  ASN A O   1 
ATOM   433  C CB  . ASN A 1 55  ? 7.085   -0.398  -1.509  1.00 17.49 ? 55  ASN A CB  1 
ATOM   434  C CG  . ASN A 1 55  ? 7.292   -0.496  0.014   1.00 22.72 ? 55  ASN A CG  1 
ATOM   435  O OD1 . ASN A 1 55  ? 8.398   -0.315  0.517   1.00 24.41 ? 55  ASN A OD1 1 
ATOM   436  N ND2 . ASN A 1 55  ? 6.233   -0.787  0.729   1.00 19.72 ? 55  ASN A ND2 1 
ATOM   437  N N   . ALA A 1 56  ? 4.618   -1.297  -3.370  1.00 14.76 ? 56  ALA A N   1 
ATOM   438  C CA  . ALA A 1 56  ? 3.810   -0.876  -4.508  1.00 16.45 ? 56  ALA A CA  1 
ATOM   439  C C   . ALA A 1 56  ? 2.530   -0.239  -4.044  1.00 17.00 ? 56  ALA A C   1 
ATOM   440  O O   . ALA A 1 56  ? 2.133   -0.416  -2.911  1.00 22.40 ? 56  ALA A O   1 
ATOM   441  C CB  . ALA A 1 56  ? 3.475   -2.044  -5.415  1.00 15.89 ? 56  ALA A CB  1 
ATOM   442  N N   . ALA A 1 57  ? 1.893   0.493   -4.941  1.00 12.70 ? 57  ALA A N   1 
ATOM   443  C CA  . ALA A 1 57  ? 0.598   1.106   -4.734  1.00 13.42 ? 57  ALA A CA  1 
ATOM   444  C C   . ALA A 1 57  ? -0.410  0.546   -5.701  1.00 16.46 ? 57  ALA A C   1 
ATOM   445  O O   . ALA A 1 57  ? -0.074  0.221   -6.842  1.00 17.62 ? 57  ALA A O   1 
ATOM   446  C CB  . ALA A 1 57  ? 0.695   2.618   -4.960  1.00 18.73 ? 57  ALA A CB  1 
ATOM   447  N N   . VAL A 1 58  ? -1.659  0.487   -5.272  1.00 13.48 ? 58  VAL A N   1 
ATOM   448  C CA  . VAL A 1 58  ? -2.729  -0.079  -6.066  1.00 17.56 ? 58  VAL A CA  1 
ATOM   449  C C   . VAL A 1 58  ? -3.898  0.854   -5.970  1.00 23.85 ? 58  VAL A C   1 
ATOM   450  O O   . VAL A 1 58  ? -4.272  1.279   -4.862  1.00 18.06 ? 58  VAL A O   1 
ATOM   451  C CB  . VAL A 1 58  ? -3.228  -1.420  -5.523  1.00 21.80 ? 58  VAL A CB  1 
ATOM   452  C CG1 . VAL A 1 58  ? -4.473  -1.829  -6.253  1.00 20.73 ? 58  VAL A CG1 1 
ATOM   453  C CG2 . VAL A 1 58  ? -2.141  -2.461  -5.583  1.00 19.63 ? 58  VAL A CG2 1 
ATOM   454  N N   . ALA A 1 59  ? -4.463  1.183   -7.126  1.00 15.26 ? 59  ALA A N   1 
ATOM   455  C CA  . ALA A 1 59  ? -5.718  1.900   -7.179  1.00 16.38 ? 59  ALA A CA  1 
ATOM   456  C C   . ALA A 1 59  ? -6.887  0.895   -7.328  1.00 14.16 ? 59  ALA A C   1 
ATOM   457  O O   . ALA A 1 59  ? -6.934  0.155   -8.291  1.00 22.88 ? 59  ALA A O   1 
ATOM   458  C CB  . ALA A 1 59  ? -5.703  2.884   -8.334  1.00 13.47 ? 59  ALA A CB  1 
ATOM   459  N N   . LEU A 1 60  ? -7.852  0.950   -6.415  1.00 16.31 ? 60  LEU A N   1 
ATOM   460  C CA  . LEU A 1 60  ? -8.961  -0.019  -6.384  1.00 16.60 ? 60  LEU A CA  1 
ATOM   461  C C   . LEU A 1 60  ? -10.276 0.753   -6.393  1.00 23.87 ? 60  LEU A C   1 
ATOM   462  O O   . LEU A 1 60  ? -10.563 1.507   -5.457  1.00 24.68 ? 60  LEU A O   1 
ATOM   463  C CB  . LEU A 1 60  ? -8.882  -0.918  -5.131  1.00 19.68 ? 60  LEU A CB  1 
ATOM   464  C CG  . LEU A 1 60  ? -9.976  -1.987  -5.015  1.00 24.69 ? 60  LEU A CG  1 
ATOM   465  C CD1 . LEU A 1 60  ? -9.564  -3.158  -5.873  1.00 26.71 ? 60  LEU A CD1 1 
ATOM   466  C CD2 . LEU A 1 60  ? -10.282 -2.465  -3.569  1.00 26.74 ? 60  LEU A CD2 1 
ATOM   467  N N   . GLU A 1 61  ? -11.060 0.598   -7.453  1.00 23.81 ? 61  GLU A N   1 
ATOM   468  C CA  . GLU A 1 61  ? -12.436 1.094   -7.474  1.00 27.18 ? 61  GLU A CA  1 
ATOM   469  C C   . GLU A 1 61  ? -13.314 0.176   -6.608  1.00 34.40 ? 61  GLU A C   1 
ATOM   470  O O   . GLU A 1 61  ? -13.269 -1.034  -6.749  1.00 26.98 ? 61  GLU A O   1 
ATOM   471  C CB  . GLU A 1 61  ? -12.962 1.165   -8.910  1.00 33.17 ? 61  GLU A CB  1 
ATOM   472  C CG  . GLU A 1 61  ? -14.441 1.506   -9.062  1.00 37.31 ? 61  GLU A CG  1 
ATOM   473  C CD  . GLU A 1 61  ? -14.806 2.919   -8.647  1.00 64.63 ? 61  GLU A CD  1 
ATOM   474  O OE1 . GLU A 1 61  ? -13.995 3.857   -8.850  1.00 58.32 ? 61  GLU A OE1 1 
ATOM   475  O OE2 . GLU A 1 61  ? -15.930 3.087   -8.114  1.00 69.97 ? 61  GLU A OE2 1 
ATOM   476  N N   . THR A 1 62  ? -14.094 0.743   -5.689  1.00 28.65 ? 62  THR A N   1 
ATOM   477  C CA  . THR A 1 62  ? -14.913 -0.076  -4.815  1.00 22.75 ? 62  THR A CA  1 
ATOM   478  C C   . THR A 1 62  ? -16.163 0.666   -4.385  1.00 31.38 ? 62  THR A C   1 
ATOM   479  O O   . THR A 1 62  ? -16.164 1.885   -4.176  1.00 27.55 ? 62  THR A O   1 
ATOM   480  C CB  . THR A 1 62  ? -14.139 -0.510  -3.573  1.00 32.83 ? 62  THR A CB  1 
ATOM   481  O OG1 . THR A 1 62  ? -14.949 -1.362  -2.754  1.00 30.74 ? 62  THR A OG1 1 
ATOM   482  C CG2 . THR A 1 62  ? -13.740 0.716   -2.754  1.00 27.72 ? 62  THR A CG2 1 
ATOM   483  N N   . SER A 1 63  ? -17.238 -0.090  -4.253  1.00 31.25 ? 63  SER A N   1 
ATOM   484  C CA  . SER A 1 63  ? -18.459 0.424   -3.662  1.00 38.64 ? 63  SER A CA  1 
ATOM   485  C C   . SER A 1 63  ? -18.619 -0.047  -2.209  1.00 33.76 ? 63  SER A C   1 
ATOM   486  O O   . SER A 1 63  ? -19.629 0.238   -1.579  1.00 29.63 ? 63  SER A O   1 
ATOM   487  C CB  . SER A 1 63  ? -19.672 0.018   -4.507  1.00 46.07 ? 63  SER A CB  1 
ATOM   488  O OG  . SER A 1 63  ? -19.694 -1.379  -4.755  1.00 61.86 ? 63  SER A OG  1 
ATOM   489  N N   . LEU A 1 64  ? -17.634 -0.764  -1.670  1.00 23.57 ? 64  LEU A N   1 
ATOM   490  C CA  . LEU A 1 64  ? -17.645 -1.095  -0.243  1.00 30.47 ? 64  LEU A CA  1 
ATOM   491  C C   . LEU A 1 64  ? -17.487 0.130   0.688   1.00 37.97 ? 64  LEU A C   1 
ATOM   492  O O   . LEU A 1 64  ? -16.879 1.143   0.325   1.00 28.68 ? 64  LEU A O   1 
ATOM   493  C CB  . LEU A 1 64  ? -16.534 -2.091  0.076   1.00 25.84 ? 64  LEU A CB  1 
ATOM   494  C CG  . LEU A 1 64  ? -16.520 -3.387  -0.738  1.00 27.36 ? 64  LEU A CG  1 
ATOM   495  C CD1 . LEU A 1 64  ? -15.234 -4.152  -0.455  1.00 30.59 ? 64  LEU A CD1 1 
ATOM   496  C CD2 . LEU A 1 64  ? -17.752 -4.266  -0.483  1.00 25.72 ? 64  LEU A CD2 1 
ATOM   497  N N   . ALA A 1 65  ? -18.041 0.045   1.898   1.00 26.71 ? 65  ALA A N   1 
ATOM   498  C CA  . ALA A 1 65  ? -17.696 1.024   2.931   1.00 28.70 ? 65  ALA A CA  1 
ATOM   499  C C   . ALA A 1 65  ? -16.240 0.796   3.374   1.00 23.19 ? 65  ALA A C   1 
ATOM   500  O O   . ALA A 1 65  ? -15.710 -0.284  3.236   1.00 24.60 ? 65  ALA A O   1 
ATOM   501  C CB  . ALA A 1 65  ? -18.650 0.901   4.122   1.00 36.27 ? 65  ALA A CB  1 
ATOM   502  N N   . PRO A 1 66  ? -15.597 1.809   3.942   1.00 26.80 ? 66  PRO A N   1 
ATOM   503  C CA  . PRO A 1 66  ? -14.186 1.709   4.304   1.00 22.19 ? 66  PRO A CA  1 
ATOM   504  C C   . PRO A 1 66  ? -13.842 0.569   5.256   1.00 22.90 ? 66  PRO A C   1 
ATOM   505  O O   . PRO A 1 66  ? -12.832 -0.081  5.080   1.00 21.67 ? 66  PRO A O   1 
ATOM   506  C CB  . PRO A 1 66  ? -13.930 3.037   5.020   1.00 22.82 ? 66  PRO A CB  1 
ATOM   507  C CG  . PRO A 1 66  ? -14.961 3.943   4.523   1.00 32.74 ? 66  PRO A CG  1 
ATOM   508  C CD  . PRO A 1 66  ? -16.164 3.108   4.339   1.00 34.32 ? 66  PRO A CD  1 
ATOM   509  N N   . GLU A 1 67  ? -14.617 0.386   6.310   1.00 26.37 ? 67  GLU A N   1 
ATOM   510  C CA  . GLU A 1 67  ? -14.299 -0.679  7.269   1.00 27.83 ? 67  GLU A CA  1 
ATOM   511  C C   . GLU A 1 67  ? -14.555 -2.081  6.651   1.00 19.11 ? 67  GLU A C   1 
ATOM   512  O O   . GLU A 1 67  ? -13.920 -3.058  7.053   1.00 26.50 ? 67  GLU A O   1 
ATOM   513  C CB  . GLU A 1 67  ? -15.041 -0.483  8.591   1.00 33.28 ? 67  GLU A CB  1 
ATOM   514  C CG  . GLU A 1 67  ? -16.427 0.134   8.468   1.00 66.62 ? 67  GLU A CG  1 
ATOM   515  C CD  . GLU A 1 67  ? -16.392 1.657   8.381   1.00 77.64 ? 67  GLU A CD  1 
ATOM   516  O OE1 . GLU A 1 67  ? -15.718 2.280   9.237   1.00 89.18 ? 67  GLU A OE1 1 
ATOM   517  O OE2 . GLU A 1 67  ? -17.030 2.227   7.452   1.00 38.47 ? 67  GLU A OE2 1 
ATOM   518  N N   . GLU A 1 68  ? -15.433 -2.179  5.645   1.00 26.63 ? 68  GLU A N   1 
ATOM   519  C CA  . GLU A 1 68  ? -15.604 -3.452  4.917   1.00 29.07 ? 68  GLU A CA  1 
ATOM   520  C C   . GLU A 1 68  ? -14.361 -3.727  4.070   1.00 28.61 ? 68  GLU A C   1 
ATOM   521  O O   . GLU A 1 68  ? -13.879 -4.845  4.008   1.00 20.44 ? 68  GLU A O   1 
ATOM   522  C CB  . GLU A 1 68  ? -16.853 -3.463  4.026   1.00 28.93 ? 68  GLU A CB  1 
ATOM   523  C CG  . GLU A 1 68  ? -18.086 -2.872  4.680   1.00 43.67 ? 68  GLU A CG  1 
ATOM   524  C CD  . GLU A 1 68  ? -19.352 -2.951  3.820   1.00 60.22 ? 68  GLU A CD  1 
ATOM   525  O OE1 . GLU A 1 68  ? -19.340 -2.536  2.628   1.00 33.29 ? 68  GLU A OE1 1 
ATOM   526  O OE2 . GLU A 1 68  ? -20.380 -3.412  4.365   1.00 54.43 ? 68  GLU A OE2 1 
ATOM   527  N N   . LEU A 1 69  ? -13.819 -2.699  3.430   1.00 24.59 ? 69  LEU A N   1 
ATOM   528  C CA  . LEU A 1 69  ? -12.580 -2.873  2.674   1.00 17.16 ? 69  LEU A CA  1 
ATOM   529  C C   . LEU A 1 69  ? -11.461 -3.293  3.611   1.00 18.78 ? 69  LEU A C   1 
ATOM   530  O O   . LEU A 1 69  ? -10.659 -4.163  3.273   1.00 20.34 ? 69  LEU A O   1 
ATOM   531  C CB  . LEU A 1 69  ? -12.200 -1.589  1.916   1.00 22.93 ? 69  LEU A CB  1 
ATOM   532  C CG  . LEU A 1 69  ? -10.875 -1.655  1.152   1.00 25.57 ? 69  LEU A CG  1 
ATOM   533  C CD1 . LEU A 1 69  ? -10.948 -2.775  0.088   1.00 18.33 ? 69  LEU A CD1 1 
ATOM   534  C CD2 . LEU A 1 69  ? -10.446 -0.295  0.490   1.00 19.94 ? 69  LEU A CD2 1 
ATOM   535  N N   . LEU A 1 70  ? -11.431 -2.709  4.812   1.00 17.91 ? 70  LEU A N   1 
ATOM   536  C CA  . LEU A 1 70  ? -10.406 -3.047  5.782   1.00 14.29 ? 70  LEU A CA  1 
ATOM   537  C C   . LEU A 1 70  ? -10.526 -4.469  6.241   1.00 14.08 ? 70  LEU A C   1 
ATOM   538  O O   . LEU A 1 70  ? -9.517  -5.139  6.422   1.00 17.39 ? 70  LEU A O   1 
ATOM   539  C CB  . LEU A 1 70  ? -10.478 -2.105  6.995   1.00 21.85 ? 70  LEU A CB  1 
ATOM   540  C CG  . LEU A 1 70  ? -9.469  -2.360  8.116   1.00 21.75 ? 70  LEU A CG  1 
ATOM   541  C CD1 . LEU A 1 70  ? -8.026  -2.160  7.607   1.00 22.92 ? 70  LEU A CD1 1 
ATOM   542  C CD2 . LEU A 1 70  ? -9.751  -1.416  9.337   1.00 17.65 ? 70  LEU A CD2 1 
ATOM   543  N N   . ASN A 1 71  ? -11.756 -4.948  6.431   1.00 20.62 ? 71  ASN A N   1 
ATOM   544  C CA  . ASN A 1 71  ? -11.968 -6.360  6.787   1.00 21.40 ? 71  ASN A CA  1 
ATOM   545  C C   . ASN A 1 71  ? -11.384 -7.307  5.733   1.00 22.39 ? 71  ASN A C   1 
ATOM   546  O O   . ASN A 1 71  ? -10.775 -8.321  6.069   1.00 18.75 ? 71  ASN A O   1 
ATOM   547  C CB  . ASN A 1 71  ? -13.453 -6.685  6.956   1.00 20.33 ? 71  ASN A CB  1 
ATOM   548  C CG  . ASN A 1 71  ? -14.112 -5.972  8.159   1.00 23.22 ? 71  ASN A CG  1 
ATOM   549  O OD1 . ASN A 1 71  ? -13.440 -5.454  9.068   1.00 22.63 ? 71  ASN A OD1 1 
ATOM   550  N ND2 . ASN A 1 71  ? -15.441 -5.995  8.178   1.00 23.63 ? 71  ASN A ND2 1 
ATOM   551  N N   . HIS A 1 72  ? -11.568 -6.961  4.456   1.00 16.03 ? 72  HIS A N   1 
ATOM   552  C CA  . HIS A 1 72  ? -10.979 -7.727  3.365   1.00 21.73 ? 72  HIS A CA  1 
ATOM   553  C C   . HIS A 1 72  ? -9.454  -7.675  3.366   1.00 17.60 ? 72  HIS A C   1 
ATOM   554  O O   . HIS A 1 72  ? -8.786  -8.708  3.205   1.00 17.84 ? 72  HIS A O   1 
ATOM   555  C CB  . HIS A 1 72  ? -11.549 -7.259  2.029   1.00 23.01 ? 72  HIS A CB  1 
ATOM   556  C CG  . HIS A 1 72  ? -12.958 -7.716  1.810   1.00 25.00 ? 72  HIS A CG  1 
ATOM   557  N ND1 . HIS A 1 72  ? -13.267 -8.995  1.405   1.00 25.55 ? 72  HIS A ND1 1 
ATOM   558  C CD2 . HIS A 1 72  ? -14.138 -7.071  1.944   1.00 37.98 ? 72  HIS A CD2 1 
ATOM   559  C CE1 . HIS A 1 72  ? -14.574 -9.117  1.299   1.00 30.97 ? 72  HIS A CE1 1 
ATOM   560  N NE2 . HIS A 1 72  ? -15.130 -7.959  1.613   1.00 33.55 ? 72  HIS A NE2 1 
ATOM   561  N N   . THR A 1 73  ? -8.896  -6.483  3.533   1.00 19.70 ? 73  THR A N   1 
ATOM   562  C CA  . THR A 1 73  ? -7.452  -6.365  3.512   1.00 19.27 ? 73  THR A CA  1 
ATOM   563  C C   . THR A 1 73  ? -6.869  -7.140  4.699   1.00 18.04 ? 73  THR A C   1 
ATOM   564  O O   . THR A 1 73  ? -5.834  -7.781  4.565   1.00 15.94 ? 73  THR A O   1 
ATOM   565  C CB  . THR A 1 73  ? -6.963  -4.885  3.433   1.00 20.40 ? 73  THR A CB  1 
ATOM   566  O OG1 . THR A 1 73  ? -7.333  -4.150  4.613   1.00 22.35 ? 73  THR A OG1 1 
ATOM   567  C CG2 . THR A 1 73  ? -7.549  -4.204  2.203   1.00 20.28 ? 73  THR A CG2 1 
ATOM   568  N N   . GLN A 1 74  ? -7.547  -7.118  5.848   1.00 14.04 ? 74  GLN A N   1 
ATOM   569  C CA  . GLN A 1 74  ? -7.068  -7.879  6.988   1.00 17.16 ? 74  GLN A CA  1 
ATOM   570  C C   . GLN A 1 74  ? -7.210  -9.386  6.781   1.00 11.90 ? 74  GLN A C   1 
ATOM   571  O O   . GLN A 1 74  ? -6.345  -10.145 7.188   1.00 18.95 ? 74  GLN A O   1 
ATOM   572  C CB  . GLN A 1 74  ? -7.754  -7.422  8.296   1.00 17.57 ? 74  GLN A CB  1 
ATOM   573  C CG  . GLN A 1 74  ? -7.318  -6.018  8.686   1.00 24.00 ? 74  GLN A CG  1 
ATOM   574  C CD  . GLN A 1 74  ? -7.906  -5.553  10.005  1.00 31.30 ? 74  GLN A CD  1 
ATOM   575  O OE1 . GLN A 1 74  ? -8.878  -6.118  10.495  1.00 29.03 ? 74  GLN A OE1 1 
ATOM   576  N NE2 . GLN A 1 74  ? -7.306  -4.521  10.582  1.00 29.86 ? 74  GLN A NE2 1 
ATOM   577  N N   . ARG A 1 75  ? -8.280  -9.817  6.127   1.00 18.65 ? 75  ARG A N   1 
ATOM   578  C CA  . ARG A 1 75  ? -8.435  -11.233 5.809   1.00 20.41 ? 75  ARG A CA  1 
ATOM   579  C C   . ARG A 1 75  ? -7.308  -11.668 4.867   1.00 22.66 ? 75  ARG A C   1 
ATOM   580  O O   . ARG A 1 75  ? -6.703  -12.732 5.044   1.00 16.31 ? 75  ARG A O   1 
ATOM   581  C CB  . ARG A 1 75  ? -9.814  -11.508 5.195   1.00 22.74 ? 75  ARG A CB  1 
ATOM   582  C CG  . ARG A 1 75  ? -9.949  -12.887 4.530   1.00 18.21 ? 75  ARG A CG  1 
ATOM   583  C CD  . ARG A 1 75  ? -11.275 -13.064 3.812   1.00 18.92 ? 75  ARG A CD  1 
ATOM   584  N NE  . ARG A 1 75  ? -11.505 -12.077 2.760   1.00 21.92 ? 75  ARG A NE  1 
ATOM   585  C CZ  . ARG A 1 75  ? -10.917 -12.072 1.563   1.00 25.00 ? 75  ARG A CZ  1 
ATOM   586  N NH1 . ARG A 1 75  ? -10.069 -13.034 1.202   1.00 30.62 ? 75  ARG A NH1 1 
ATOM   587  N NH2 . ARG A 1 75  ? -11.199 -11.104 0.699   1.00 23.21 ? 75  ARG A NH2 1 
ATOM   588  N N   . ILE A 1 76  ? -7.006  -10.838 3.868   1.00 13.78 ? 76  ILE A N   1 
ATOM   589  C CA  . ILE A 1 76  ? -5.932  -11.166 2.908   1.00 21.50 ? 76  ILE A CA  1 
ATOM   590  C C   . ILE A 1 76  ? -4.578  -11.328 3.621   1.00 20.62 ? 76  ILE A C   1 
ATOM   591  O O   . ILE A 1 76  ? -3.867  -12.293 3.366   1.00 22.62 ? 76  ILE A O   1 
ATOM   592  C CB  . ILE A 1 76  ? -5.890  -10.137 1.747   1.00 18.33 ? 76  ILE A CB  1 
ATOM   593  C CG1 . ILE A 1 76  ? -7.160  -10.302 0.922   1.00 21.04 ? 76  ILE A CG1 1 
ATOM   594  C CG2 . ILE A 1 76  ? -4.671  -10.316 0.874   1.00 15.44 ? 76  ILE A CG2 1 
ATOM   595  C CD1 . ILE A 1 76  ? -7.496  -9.151  0.058   1.00 21.65 ? 76  ILE A CD1 1 
ATOM   596  N N   . GLU A 1 77  ? -4.256  -10.443 4.561   1.00 18.29 ? 77  GLU A N   1 
ATOM   597  C CA  . GLU A 1 77  ? -3.028  -10.551 5.363   1.00 18.46 ? 77  GLU A CA  1 
ATOM   598  C C   . GLU A 1 77  ? -2.971  -11.853 6.171   1.00 13.71 ? 77  GLU A C   1 
ATOM   599  O O   . GLU A 1 77  ? -1.919  -12.479 6.279   1.00 25.35 ? 77  GLU A O   1 
ATOM   600  C CB  . GLU A 1 77  ? -2.886  -9.356  6.322   1.00 16.89 ? 77  GLU A CB  1 
ATOM   601  C CG  . GLU A 1 77  ? -2.575  -8.007  5.663   1.00 21.02 ? 77  GLU A CG  1 
ATOM   602  C CD  . GLU A 1 77  ? -2.640  -6.800  6.617   1.00 34.43 ? 77  GLU A CD  1 
ATOM   603  O OE1 . GLU A 1 77  ? -3.297  -6.900  7.667   1.00 24.85 ? 77  GLU A OE1 1 
ATOM   604  O OE2 . GLU A 1 77  ? -2.034  -5.744  6.307   1.00 29.01 ? 77  GLU A OE2 1 
ATOM   605  N N   . LEU A 1 78  ? -4.102  -12.262 6.735   1.00 25.28 ? 78  LEU A N   1 
ATOM   606  C CA  . LEU A 1 78  ? -4.184  -13.525 7.480   1.00 22.49 ? 78  LEU A CA  1 
ATOM   607  C C   . LEU A 1 78  ? -4.024  -14.749 6.597   1.00 20.73 ? 78  LEU A C   1 
ATOM   608  O O   . LEU A 1 78  ? -3.390  -15.729 6.988   1.00 23.80 ? 78  LEU A O   1 
ATOM   609  C CB  . LEU A 1 78  ? -5.547  -13.630 8.190   1.00 22.91 ? 78  LEU A CB  1 
ATOM   610  C CG  . LEU A 1 78  ? -5.691  -12.731 9.407   1.00 28.36 ? 78  LEU A CG  1 
ATOM   611  C CD1 . LEU A 1 78  ? -7.074  -12.958 9.997   1.00 33.70 ? 78  LEU A CD1 1 
ATOM   612  C CD2 . LEU A 1 78  ? -4.606  -13.071 10.412  1.00 28.99 ? 78  LEU A CD2 1 
ATOM   613  N N   . GLN A 1 79  ? -4.628  -14.713 5.413   1.00 23.80 ? 79  GLN A N   1 
ATOM   614  C CA  . GLN A 1 79  ? -4.613  -15.878 4.525   1.00 28.60 ? 79  GLN A CA  1 
ATOM   615  C C   . GLN A 1 79  ? -3.331  -15.978 3.677   1.00 32.16 ? 79  GLN A C   1 
ATOM   616  O O   . GLN A 1 79  ? -2.866  -17.074 3.369   1.00 31.12 ? 79  GLN A O   1 
ATOM   617  C CB  . GLN A 1 79  ? -5.843  -15.844 3.606   1.00 26.68 ? 79  GLN A CB  1 
ATOM   618  C CG  . GLN A 1 79  ? -7.180  -15.976 4.356   1.00 28.64 ? 79  GLN A CG  1 
ATOM   619  C CD  . GLN A 1 79  ? -8.358  -15.810 3.427   1.00 25.62 ? 79  GLN A CD  1 
ATOM   620  O OE1 . GLN A 1 79  ? -8.264  -15.117 2.429   1.00 19.09 ? 79  GLN A OE1 1 
ATOM   621  N NE2 . GLN A 1 79  ? -9.473  -16.450 3.740   1.00 24.26 ? 79  GLN A NE2 1 
ATOM   622  N N   . GLN A 1 80  ? -2.775  -14.835 3.304   1.00 21.16 ? 80  GLN A N   1 
ATOM   623  C CA  . GLN A 1 80  ? -1.644  -14.771 2.364   1.00 27.43 ? 80  GLN A CA  1 
ATOM   624  C C   . GLN A 1 80  ? -0.344  -14.255 3.002   1.00 40.81 ? 80  GLN A C   1 
ATOM   625  O O   . GLN A 1 80  ? 0.720   -14.251 2.364   1.00 26.37 ? 80  GLN A O   1 
ATOM   626  C CB  . GLN A 1 80  ? -1.946  -13.798 1.209   1.00 30.56 ? 80  GLN A CB  1 
ATOM   627  C CG  . GLN A 1 80  ? -3.246  -13.983 0.446   1.00 33.33 ? 80  GLN A CG  1 
ATOM   628  C CD  . GLN A 1 80  ? -3.343  -15.320 -0.231  1.00 40.40 ? 80  GLN A CD  1 
ATOM   629  O OE1 . GLN A 1 80  ? -2.331  -15.978 -0.497  1.00 45.51 ? 80  GLN A OE1 1 
ATOM   630  N NE2 . GLN A 1 80  ? -4.570  -15.755 -0.488  1.00 47.72 ? 80  GLN A NE2 1 
ATOM   631  N N   . GLY A 1 81  ? -0.424  -13.769 4.231   1.00 21.87 ? 81  GLY A N   1 
ATOM   632  C CA  . GLY A 1 81  ? 0.632   -12.941 4.758   1.00 21.05 ? 81  GLY A CA  1 
ATOM   633  C C   . GLY A 1 81  ? 1.781   -13.746 5.286   1.00 26.19 ? 81  GLY A C   1 
ATOM   634  O O   . GLY A 1 81  ? 2.879   -13.206 5.502   1.00 28.75 ? 81  GLY A O   1 
ATOM   635  N N   . ARG A 1 82  ? 1.520   -15.030 5.509   1.00 19.84 ? 82  ARG A N   1 
ATOM   636  C CA  . ARG A 1 82  ? 2.515   -15.952 6.059   1.00 28.56 ? 82  ARG A CA  1 
ATOM   637  C C   . ARG A 1 82  ? 2.946   -17.023 5.074   1.00 32.89 ? 82  ARG A C   1 
ATOM   638  O O   . ARG A 1 82  ? 2.113   -17.740 4.515   1.00 40.44 ? 82  ARG A O   1 
ATOM   639  C CB  . ARG A 1 82  ? 1.976   -16.642 7.294   1.00 36.20 ? 82  ARG A CB  1 
ATOM   640  C CG  . ARG A 1 82  ? 1.813   -15.717 8.487   1.00 32.34 ? 82  ARG A CG  1 
ATOM   641  C CD  . ARG A 1 82  ? 1.408   -16.530 9.722   1.00 40.62 ? 82  ARG A CD  1 
ATOM   642  N NE  . ARG A 1 82  ? 1.065   -15.705 10.875  1.00 35.75 ? 82  ARG A NE  1 
ATOM   643  C CZ  . ARG A 1 82  ? 1.898   -15.414 11.875  1.00 64.08 ? 82  ARG A CZ  1 
ATOM   644  N NH1 . ARG A 1 82  ? 3.150   -15.856 11.863  1.00 36.02 ? 82  ARG A NH1 1 
ATOM   645  N NH2 . ARG A 1 82  ? 1.487   -14.657 12.890  1.00 64.60 ? 82  ARG A NH2 1 
ATOM   646  N N   . VAL A 1 83  ? 4.257   -17.143 4.888   1.00 27.69 ? 83  VAL A N   1 
ATOM   647  C CA  . VAL A 1 83  ? 4.814   -18.160 3.991   1.00 40.76 ? 83  VAL A CA  1 
ATOM   648  C C   . VAL A 1 83  ? 5.356   -19.348 4.786   1.00 46.23 ? 83  VAL A C   1 
ATOM   649  O O   . VAL A 1 83  ? 5.911   -19.174 5.879   1.00 36.11 ? 83  VAL A O   1 
ATOM   650  C CB  . VAL A 1 83  ? 5.930   -17.553 3.117   1.00 41.28 ? 83  VAL A CB  1 
ATOM   651  C CG1 . VAL A 1 83  ? 6.659   -18.625 2.343   1.00 42.58 ? 83  VAL A CG1 1 
ATOM   652  C CG2 . VAL A 1 83  ? 5.343   -16.537 2.175   1.00 30.76 ? 83  VAL A CG2 1 
ATOM   653  N N   . ARG A 1 84  ? 5.169   -20.553 4.251   1.00 26.95 ? 84  ARG A N   1 
ATOM   654  C CA  . ARG A 1 84  ? 5.679   -21.785 4.888   1.00 31.71 ? 84  ARG A CA  1 
ATOM   655  C C   . ARG A 1 84  ? 7.198   -21.795 4.942   1.00 40.09 ? 84  ARG A C   1 
ATOM   656  O O   . ARG A 1 84  ? 7.865   -21.615 3.925   1.00 49.55 ? 84  ARG A O   1 
ATOM   657  C CB  . ARG A 1 84  ? 5.204   -23.055 4.157   1.00 36.78 ? 84  ARG A CB  1 
ATOM   658  C CG  . ARG A 1 84  ? 3.960   -23.724 4.710   1.00 40.36 ? 84  ARG A CG  1 
ATOM   659  C CD  . ARG A 1 84  ? 3.994   -23.986 6.227   1.00 60.32 ? 84  ARG A CD  1 
ATOM   660  N NE  . ARG A 1 84  ? 4.861   -25.092 6.629   1.00 61.81 ? 84  ARG A NE  1 
ATOM   661  C CZ  . ARG A 1 84  ? 4.440   -26.253 7.128   1.00 45.87 ? 84  ARG A CZ  1 
ATOM   662  N NH1 . ARG A 1 84  ? 3.148   -26.509 7.290   1.00 68.29 ? 84  ARG A NH1 1 
ATOM   663  N NH2 . ARG A 1 84  ? 5.326   -27.178 7.461   1.00 50.76 ? 84  ARG A NH2 1 
ATOM   664  N N   . LYS A 1 85  ? 7.722   -22.019 6.143   1.00 41.44 ? 85  LYS A N   1 
ATOM   665  C CA  . LYS A 1 85  ? 9.153   -21.947 6.441   1.00 54.51 ? 85  LYS A CA  1 
ATOM   666  C C   . LYS A 1 85  ? 9.670   -23.352 6.764   1.00 69.57 ? 85  LYS A C   1 
ATOM   667  O O   . LYS A 1 85  ? 10.237  -23.595 7.852   1.00 56.40 ? 85  LYS A O   1 
ATOM   668  C CB  . LYS A 1 85  ? 9.404   -20.996 7.631   1.00 64.25 ? 85  LYS A CB  1 
ATOM   669  C CG  . LYS A 1 85  ? 10.038  -19.651 7.272   1.00 78.59 ? 85  LYS A CG  1 
ATOM   670  C CD  . LYS A 1 85  ? 9.164   -18.792 6.339   1.00 84.40 ? 85  LYS A CD  1 
ATOM   671  C CE  . LYS A 1 85  ? 9.879   -17.494 5.923   1.00 75.34 ? 85  LYS A CE  1 
ATOM   672  N NZ  . LYS A 1 85  ? 9.046   -16.251 6.048   1.00 50.49 ? 85  LYS A NZ  1 
ATOM   673  N N   . ALA A 1 86  ? 9.435   -24.264 5.814   1.00 39.20 ? 86  ALA A N   1 
ATOM   674  C CA  . ALA A 1 86  ? 9.908   -25.655 5.864   1.00 52.70 ? 86  ALA A CA  1 
ATOM   675  C C   . ALA A 1 86  ? 9.205   -26.503 6.907   1.00 45.23 ? 86  ALA A C   1 
ATOM   676  O O   . ALA A 1 86  ? 8.395   -27.364 6.577   1.00 75.56 ? 86  ALA A O   1 
ATOM   677  C CB  . ALA A 1 86  ? 11.410  -25.711 6.085   1.00 58.78 ? 86  ALA A CB  1 
ATOM   678  N N   . GLU A 1 87  ? 9.540   -26.284 8.169   1.00 57.51 ? 87  GLU A N   1 
ATOM   679  C CA  . GLU A 1 87  ? 8.971   -27.088 9.236   1.00 65.90 ? 87  GLU A CA  1 
ATOM   680  C C   . GLU A 1 87  ? 7.795   -26.384 9.904   1.00 56.99 ? 87  GLU A C   1 
ATOM   681  O O   . GLU A 1 87  ? 7.076   -27.000 10.683  1.00 46.94 ? 87  GLU A O   1 
ATOM   682  C CB  . GLU A 1 87  ? 10.049  -27.451 10.261  1.00 69.05 ? 87  GLU A CB  1 
ATOM   683  C CG  . GLU A 1 87  ? 10.100  -28.957 10.596  1.00 77.48 ? 87  GLU A CG  1 
ATOM   684  C CD  . GLU A 1 87  ? 10.764  -29.833 9.515   1.00 73.48 ? 87  GLU A CD  1 
ATOM   685  O OE1 . GLU A 1 87  ? 11.759  -29.380 8.902   1.00 76.87 ? 87  GLU A OE1 1 
ATOM   686  O OE2 . GLU A 1 87  ? 10.294  -30.983 9.297   1.00 45.62 ? 87  GLU A OE2 1 
ATOM   687  N N   . ARG A 1 88  ? 7.587   -25.103 9.594   1.00 35.97 ? 88  ARG A N   1 
ATOM   688  C CA  . ARG A 1 88  ? 6.514   -24.340 10.228  1.00 42.62 ? 88  ARG A CA  1 
ATOM   689  C C   . ARG A 1 88  ? 6.224   -23.056 9.474   1.00 44.87 ? 88  ARG A C   1 
ATOM   690  O O   . ARG A 1 88  ? 6.948   -22.703 8.555   1.00 42.94 ? 88  ARG A O   1 
ATOM   691  C CB  . ARG A 1 88  ? 6.890   -23.990 11.663  1.00 62.54 ? 88  ARG A CB  1 
ATOM   692  C CG  . ARG A 1 88  ? 7.966   -22.934 11.759  1.00 52.01 ? 88  ARG A CG  1 
ATOM   693  C CD  . ARG A 1 88  ? 8.525   -22.867 13.162  1.00 68.57 ? 88  ARG A CD  1 
ATOM   694  N NE  . ARG A 1 88  ? 9.597   -21.884 13.271  1.00 98.62 ? 88  ARG A NE  1 
ATOM   695  C CZ  . ARG A 1 88  ? 10.805  -22.019 12.727  1.00 95.76 ? 88  ARG A CZ  1 
ATOM   696  N NH1 . ARG A 1 88  ? 11.115  -23.099 12.009  1.00 99.12 ? 88  ARG A NH1 1 
ATOM   697  N NH2 . ARG A 1 88  ? 11.707  -21.063 12.898  1.00 49.68 ? 88  ARG A NH2 1 
ATOM   698  N N   . TRP A 1 89  ? 5.166   -22.355 9.877   1.00 43.45 ? 89  TRP A N   1 
ATOM   699  C CA  . TRP A 1 89  ? 4.783   -21.111 9.210   1.00 54.08 ? 89  TRP A CA  1 
ATOM   700  C C   . TRP A 1 89  ? 5.642   -19.957 9.699   1.00 43.95 ? 89  TRP A C   1 
ATOM   701  O O   . TRP A 1 89  ? 5.814   -19.769 10.895  1.00 54.74 ? 89  TRP A O   1 
ATOM   702  C CB  . TRP A 1 89  ? 3.284   -20.814 9.388   1.00 41.88 ? 89  TRP A CB  1 
ATOM   703  C CG  . TRP A 1 89  ? 2.411   -21.712 8.548   1.00 36.53 ? 89  TRP A CG  1 
ATOM   704  C CD1 . TRP A 1 89  ? 1.870   -22.920 8.919   1.00 34.77 ? 89  TRP A CD1 1 
ATOM   705  C CD2 . TRP A 1 89  ? 1.983   -21.488 7.189   1.00 48.21 ? 89  TRP A CD2 1 
ATOM   706  N NE1 . TRP A 1 89  ? 1.151   -23.462 7.871   1.00 45.68 ? 89  TRP A NE1 1 
ATOM   707  C CE2 . TRP A 1 89  ? 1.193   -22.600 6.807   1.00 52.53 ? 89  TRP A CE2 1 
ATOM   708  C CE3 . TRP A 1 89  ? 2.199   -20.459 6.255   1.00 42.69 ? 89  TRP A CE3 1 
ATOM   709  C CZ2 . TRP A 1 89  ? 0.616   -22.713 5.530   1.00 54.72 ? 89  TRP A CZ2 1 
ATOM   710  C CZ3 . TRP A 1 89  ? 1.619   -20.575 4.982   1.00 41.96 ? 89  TRP A CZ3 1 
ATOM   711  C CH2 . TRP A 1 89  ? 0.839   -21.693 4.637   1.00 51.73 ? 89  TRP A CH2 1 
ATOM   712  N N   . GLY A 1 90  ? 6.206   -19.206 8.757   1.00 52.40 ? 90  GLY A N   1 
ATOM   713  C CA  . GLY A 1 90  ? 7.034   -18.055 9.076   1.00 43.72 ? 90  GLY A CA  1 
ATOM   714  C C   . GLY A 1 90  ? 6.224   -16.911 9.657   1.00 37.66 ? 90  GLY A C   1 
ATOM   715  O O   . GLY A 1 90  ? 5.008   -17.010 9.787   1.00 29.23 ? 90  GLY A O   1 
ATOM   716  N N   . PRO A 1 91  ? 6.905   -15.819 10.023  1.00 36.28 ? 91  PRO A N   1 
ATOM   717  C CA  . PRO A 1 91  ? 6.252   -14.589 10.476  1.00 37.28 ? 91  PRO A CA  1 
ATOM   718  C C   . PRO A 1 91  ? 5.404   -13.938 9.383   1.00 34.73 ? 91  PRO A C   1 
ATOM   719  O O   . PRO A 1 91  ? 5.505   -14.295 8.200   1.00 30.02 ? 91  PRO A O   1 
ATOM   720  C CB  . PRO A 1 91  ? 7.433   -13.675 10.832  1.00 44.02 ? 91  PRO A CB  1 
ATOM   721  C CG  . PRO A 1 91  ? 8.583   -14.184 10.044  1.00 40.91 ? 91  PRO A CG  1 
ATOM   722  C CD  . PRO A 1 91  ? 8.368   -15.671 9.919   1.00 46.00 ? 91  PRO A CD  1 
ATOM   723  N N   . ARG A 1 92  ? 4.565   -12.992 9.773   1.00 31.59 ? 92  ARG A N   1 
ATOM   724  C CA  . ARG A 1 92  ? 3.829   -12.220 8.799   1.00 40.21 ? 92  ARG A CA  1 
ATOM   725  C C   . ARG A 1 92  ? 4.844   -11.322 8.087   1.00 33.21 ? 92  ARG A C   1 
ATOM   726  O O   . ARG A 1 92  ? 5.658   -10.644 8.746   1.00 32.56 ? 92  ARG A O   1 
ATOM   727  C CB  . ARG A 1 92  ? 2.717   -11.386 9.444   1.00 41.46 ? 92  ARG A CB  1 
ATOM   728  C CG  . ARG A 1 92  ? 1.811   -10.667 8.409   1.00 46.46 ? 92  ARG A CG  1 
ATOM   729  C CD  . ARG A 1 92  ? 0.774   -9.744  9.064   1.00 58.33 ? 92  ARG A CD  1 
ATOM   730  N NE  . ARG A 1 92  ? 0.957   -8.359  8.635   1.00 51.20 ? 92  ARG A NE  1 
ATOM   731  C CZ  . ARG A 1 92  ? 0.101   -7.366  8.857   1.00 54.18 ? 92  ARG A CZ  1 
ATOM   732  N NH1 . ARG A 1 92  ? -1.032  -7.585  9.517   1.00 67.42 ? 92  ARG A NH1 1 
ATOM   733  N NH2 . ARG A 1 92  ? 0.382   -6.149  8.405   1.00 41.97 ? 92  ARG A NH2 1 
ATOM   734  N N   . THR A 1 93  ? 4.801   -11.336 6.753   1.00 25.95 ? 93  THR A N   1 
ATOM   735  C CA  . THR A 1 93  ? 5.722   -10.531 5.937   1.00 19.66 ? 93  THR A CA  1 
ATOM   736  C C   . THR A 1 93  ? 5.019   -9.614  4.968   1.00 28.38 ? 93  THR A C   1 
ATOM   737  O O   . THR A 1 93  ? 5.694   -8.844  4.289   1.00 26.09 ? 93  THR A O   1 
ATOM   738  C CB  . THR A 1 93  ? 6.644   -11.403 5.131   1.00 32.95 ? 93  THR A CB  1 
ATOM   739  O OG1 . THR A 1 93  ? 5.869   -12.418 4.479   1.00 33.61 ? 93  THR A OG1 1 
ATOM   740  C CG2 . THR A 1 93  ? 7.681   -12.046 6.029   1.00 34.11 ? 93  THR A CG2 1 
ATOM   741  N N   . LEU A 1 94  ? 3.689   -9.690  4.905   1.00 25.86 ? 94  LEU A N   1 
ATOM   742  C CA  . LEU A 1 94  ? 2.896   -8.845  4.016   1.00 20.58 ? 94  LEU A CA  1 
ATOM   743  C C   . LEU A 1 94  ? 2.082   -7.812  4.775   1.00 25.17 ? 94  LEU A C   1 
ATOM   744  O O   . LEU A 1 94  ? 1.392   -8.155  5.727   1.00 22.80 ? 94  LEU A O   1 
ATOM   745  C CB  . LEU A 1 94  ? 1.928   -9.699  3.201   1.00 23.40 ? 94  LEU A CB  1 
ATOM   746  C CG  . LEU A 1 94  ? 0.879   -8.950  2.366   1.00 19.31 ? 94  LEU A CG  1 
ATOM   747  C CD1 . LEU A 1 94  ? 1.504   -8.315  1.072   1.00 20.36 ? 94  LEU A CD1 1 
ATOM   748  C CD2 . LEU A 1 94  ? -0.249  -9.896  2.000   1.00 16.07 ? 94  LEU A CD2 1 
ATOM   749  N N   . ASP A 1 95  ? 2.152   -6.556  4.327   1.00 19.71 ? 95  ASP A N   1 
ATOM   750  C CA  . ASP A 1 95  ? 1.323   -5.470  4.830   1.00 24.07 ? 95  ASP A CA  1 
ATOM   751  C C   . ASP A 1 95  ? 0.475   -4.906  3.732   1.00 26.00 ? 95  ASP A C   1 
ATOM   752  O O   . ASP A 1 95  ? 0.949   -4.694  2.614   1.00 24.55 ? 95  ASP A O   1 
ATOM   753  C CB  . ASP A 1 95  ? 2.184   -4.305  5.338   1.00 21.56 ? 95  ASP A CB  1 
ATOM   754  C CG  . ASP A 1 95  ? 3.182   -4.733  6.368   1.00 36.48 ? 95  ASP A CG  1 
ATOM   755  O OD1 . ASP A 1 95  ? 2.796   -5.548  7.248   1.00 39.70 ? 95  ASP A OD1 1 
ATOM   756  O OD2 . ASP A 1 95  ? 4.343   -4.268  6.278   1.00 45.18 ? 95  ASP A OD2 1 
ATOM   757  N N   . LEU A 1 96  ? -0.765  -4.614  4.071   1.00 20.69 ? 96  LEU A N   1 
ATOM   758  C CA  . LEU A 1 96  ? -1.680  -3.920  3.184   1.00 18.99 ? 96  LEU A CA  1 
ATOM   759  C C   . LEU A 1 96  ? -2.249  -2.726  3.962   1.00 25.05 ? 96  LEU A C   1 
ATOM   760  O O   . LEU A 1 96  ? -2.948  -2.914  4.964   1.00 33.22 ? 96  LEU A O   1 
ATOM   761  C CB  . LEU A 1 96  ? -2.817  -4.856  2.757   1.00 26.80 ? 96  LEU A CB  1 
ATOM   762  C CG  . LEU A 1 96  ? -2.482  -6.091  1.910   1.00 23.23 ? 96  LEU A CG  1 
ATOM   763  C CD1 . LEU A 1 96  ? -3.701  -6.991  1.773   1.00 22.67 ? 96  LEU A CD1 1 
ATOM   764  C CD2 . LEU A 1 96  ? -1.987  -5.651  0.520   1.00 23.46 ? 96  LEU A CD2 1 
ATOM   765  N N   . ASP A 1 97  ? -1.947  -1.516  3.514   1.00 26.68 ? 97  ASP A N   1 
ATOM   766  C CA  . ASP A 1 97  ? -2.378  -0.300  4.213   1.00 24.32 ? 97  ASP A CA  1 
ATOM   767  C C   . ASP A 1 97  ? -3.321  0.466   3.313   1.00 27.95 ? 97  ASP A C   1 
ATOM   768  O O   . ASP A 1 97  ? -3.056  0.608   2.141   1.00 26.83 ? 97  ASP A O   1 
ATOM   769  C CB  . ASP A 1 97  ? -1.166  0.557   4.552   1.00 27.91 ? 97  ASP A CB  1 
ATOM   770  C CG  . ASP A 1 97  ? -0.383  0.030   5.754   1.00 46.27 ? 97  ASP A CG  1 
ATOM   771  O OD1 . ASP A 1 97  ? -0.892  0.126   6.887   1.00 47.10 ? 97  ASP A OD1 1 
ATOM   772  O OD2 . ASP A 1 97  ? 0.753   -0.451  5.572   1.00 46.35 ? 97  ASP A OD2 1 
ATOM   773  N N   . ILE A 1 98  ? -4.449  0.910   3.837   1.00 18.50 ? 98  ILE A N   1 
ATOM   774  C CA  . ILE A 1 98  ? -5.289  1.835   3.099   1.00 20.24 ? 98  ILE A CA  1 
ATOM   775  C C   . ILE A 1 98  ? -4.725  3.249   3.218   1.00 36.00 ? 98  ILE A C   1 
ATOM   776  O O   . ILE A 1 98  ? -4.730  3.841   4.295   1.00 23.33 ? 98  ILE A O   1 
ATOM   777  C CB  . ILE A 1 98  ? -6.708  1.798   3.595   1.00 22.85 ? 98  ILE A CB  1 
ATOM   778  C CG1 . ILE A 1 98  ? -7.257  0.395   3.413   1.00 23.09 ? 98  ILE A CG1 1 
ATOM   779  C CG2 . ILE A 1 98  ? -7.565  2.809   2.873   1.00 23.25 ? 98  ILE A CG2 1 
ATOM   780  C CD1 . ILE A 1 98  ? -8.603  0.176   4.103   1.00 27.30 ? 98  ILE A CD1 1 
ATOM   781  N N   . MET A 1 99  ? -4.236  3.787   2.106   1.00 20.18 ? 99  MET A N   1 
ATOM   782  C CA  . MET A 1 99  ? -3.628  5.082   2.105   1.00 14.67 ? 99  MET A CA  1 
ATOM   783  C C   . MET A 1 99  ? -4.709  6.146   1.996   1.00 22.49 ? 99  MET A C   1 
ATOM   784  O O   . MET A 1 99  ? -4.712  7.136   2.745   1.00 24.81 ? 99  MET A O   1 
ATOM   785  C CB  . MET A 1 99  ? -2.619  5.202   0.963   1.00 18.25 ? 99  MET A CB  1 
ATOM   786  C CG  . MET A 1 99  ? -1.284  4.489   1.207   1.00 22.13 ? 99  MET A CG  1 
ATOM   787  S SD  . MET A 1 99  ? -0.004  4.914   -0.032  1.00 20.71 ? 99  MET A SD  1 
ATOM   788  C CE  . MET A 1 99  ? -0.696  4.160   -1.477  1.00 18.48 ? 99  MET A CE  1 
ATOM   789  N N   . LEU A 1 100 ? -5.631  5.959   1.068   1.00 20.76 ? 100 LEU A N   1 
ATOM   790  C CA  . LEU A 1 100 ? -6.679  6.937   0.835   1.00 17.11 ? 100 LEU A CA  1 
ATOM   791  C C   . LEU A 1 100 ? -7.948  6.208   0.521   1.00 17.59 ? 100 LEU A C   1 
ATOM   792  O O   . LEU A 1 100 ? -7.907  5.092   0.036   1.00 17.37 ? 100 LEU A O   1 
ATOM   793  C CB  . LEU A 1 100 ? -6.305  7.841   -0.325  1.00 16.89 ? 100 LEU A CB  1 
ATOM   794  C CG  . LEU A 1 100 ? -5.026  8.648   -0.060  1.00 21.69 ? 100 LEU A CG  1 
ATOM   795  C CD1 . LEU A 1 100 ? -4.423  9.168   -1.315  1.00 27.43 ? 100 LEU A CD1 1 
ATOM   796  C CD2 . LEU A 1 100 ? -5.390  9.779   0.862   1.00 28.00 ? 100 LEU A CD2 1 
ATOM   797  N N   . PHE A 1 101 ? -9.079  6.802   0.839   1.00 16.90 ? 101 PHE A N   1 
ATOM   798  C CA  . PHE A 1 101 ? -10.357 6.187   0.493   1.00 21.46 ? 101 PHE A CA  1 
ATOM   799  C C   . PHE A 1 101 ? -11.221 7.294   -0.067  1.00 18.04 ? 101 PHE A C   1 
ATOM   800  O O   . PHE A 1 101 ? -11.802 8.053   0.688   1.00 18.96 ? 101 PHE A O   1 
ATOM   801  C CB  . PHE A 1 101 ? -11.037 5.532   1.717   1.00 17.89 ? 101 PHE A CB  1 
ATOM   802  C CG  . PHE A 1 101 ? -12.225 4.662   1.359   1.00 24.26 ? 101 PHE A CG  1 
ATOM   803  C CD1 . PHE A 1 101 ? -13.476 5.223   1.159   1.00 24.97 ? 101 PHE A CD1 1 
ATOM   804  C CD2 . PHE A 1 101 ? -12.076 3.293   1.172   1.00 27.75 ? 101 PHE A CD2 1 
ATOM   805  C CE1 . PHE A 1 101 ? -14.563 4.441   0.801   1.00 30.10 ? 101 PHE A CE1 1 
ATOM   806  C CE2 . PHE A 1 101 ? -13.159 2.498   0.802   1.00 34.69 ? 101 PHE A CE2 1 
ATOM   807  C CZ  . PHE A 1 101 ? -14.403 3.069   0.609   1.00 29.28 ? 101 PHE A CZ  1 
ATOM   808  N N   . GLY A 1 102 ? -11.274 7.441   -1.381  1.00 21.94 ? 102 GLY A N   1 
ATOM   809  C CA  . GLY A 1 102 ? -11.892 8.624   -1.963  1.00 23.23 ? 102 GLY A CA  1 
ATOM   810  C C   . GLY A 1 102 ? -11.315 9.908   -1.382  1.00 24.78 ? 102 GLY A C   1 
ATOM   811  O O   . GLY A 1 102 ? -10.107 10.013  -1.117  1.00 23.18 ? 102 GLY A O   1 
ATOM   812  N N   A ASN A 1 103 ? -12.176 10.901  -1.178  0.40 29.93 ? 103 ASN A N   1 
ATOM   813  N N   B ASN A 1 103 ? -12.187 10.883  -1.170  0.60 29.90 ? 103 ASN A N   1 
ATOM   814  C CA  A ASN A 1 103 ? -11.784 12.120  -0.466  0.40 26.25 ? 103 ASN A CA  1 
ATOM   815  C CA  B ASN A 1 103 ? -11.815 12.113  -0.475  0.60 26.09 ? 103 ASN A CA  1 
ATOM   816  C C   A ASN A 1 103 ? -12.186 12.087  1.015   0.40 26.38 ? 103 ASN A C   1 
ATOM   817  C C   B ASN A 1 103 ? -12.162 12.084  1.021   0.60 26.28 ? 103 ASN A C   1 
ATOM   818  O O   A ASN A 1 103 ? -12.363 13.134  1.646   0.40 27.17 ? 103 ASN A O   1 
ATOM   819  O O   B ASN A 1 103 ? -12.270 13.131  1.673   0.60 26.99 ? 103 ASN A O   1 
ATOM   820  C CB  A ASN A 1 103 ? -12.378 13.364  -1.143  0.40 27.82 ? 103 ASN A CB  1 
ATOM   821  C CB  B ASN A 1 103 ? -12.502 13.308  -1.128  0.60 27.66 ? 103 ASN A CB  1 
ATOM   822  C CG  A ASN A 1 103 ? -11.802 13.608  -2.525  0.40 41.26 ? 103 ASN A CG  1 
ATOM   823  C CG  B ASN A 1 103 ? -11.794 14.594  -0.846  0.60 32.09 ? 103 ASN A CG  1 
ATOM   824  O OD1 A ASN A 1 103 ? -10.766 13.044  -2.884  0.40 48.45 ? 103 ASN A OD1 1 
ATOM   825  O OD1 B ASN A 1 103 ? -10.560 14.651  -0.865  0.60 42.88 ? 103 ASN A OD1 1 
ATOM   826  N ND2 A ASN A 1 103 ? -12.466 14.459  -3.310  0.40 41.12 ? 103 ASN A ND2 1 
ATOM   827  N ND2 B ASN A 1 103 ? -12.558 15.648  -0.586  0.60 46.65 ? 103 ASN A ND2 1 
ATOM   828  N N   . GLU A 1 104 ? -12.321 10.890  1.583   1.00 29.06 ? 104 GLU A N   1 
ATOM   829  C CA  . GLU A 1 104 ? -12.734 10.770  2.986   1.00 26.83 ? 104 GLU A CA  1 
ATOM   830  C C   . GLU A 1 104 ? -11.612 10.941  4.004   1.00 21.01 ? 104 GLU A C   1 
ATOM   831  O O   . GLU A 1 104 ? -10.479 10.501  3.806   1.00 20.20 ? 104 GLU A O   1 
ATOM   832  C CB  . GLU A 1 104 ? -13.473 9.451   3.230   1.00 24.24 ? 104 GLU A CB  1 
ATOM   833  C CG  . GLU A 1 104 ? -14.547 9.192   2.200   1.00 29.33 ? 104 GLU A CG  1 
ATOM   834  C CD  . GLU A 1 104 ? -15.610 8.263   2.670   1.00 44.93 ? 104 GLU A CD  1 
ATOM   835  O OE1 . GLU A 1 104 ? -15.621 7.915   3.880   1.00 47.52 ? 104 GLU A OE1 1 
ATOM   836  O OE2 . GLU A 1 104 ? -16.441 7.888   1.814   1.00 48.90 ? 104 GLU A OE2 1 
ATOM   837  N N   . VAL A 1 105 ? -11.976 11.568  5.124   1.00 26.25 ? 105 VAL A N   1 
ATOM   838  C CA  . VAL A 1 105 ? -11.131 11.621  6.313   1.00 29.61 ? 105 VAL A CA  1 
ATOM   839  C C   . VAL A 1 105 ? -11.788 10.722  7.345   1.00 28.60 ? 105 VAL A C   1 
ATOM   840  O O   . VAL A 1 105 ? -12.968 10.875  7.636   1.00 23.88 ? 105 VAL A O   1 
ATOM   841  C CB  . VAL A 1 105 ? -11.029 13.061  6.875   1.00 28.50 ? 105 VAL A CB  1 
ATOM   842  C CG1 . VAL A 1 105 ? -10.201 13.089  8.153   1.00 27.69 ? 105 VAL A CG1 1 
ATOM   843  C CG2 . VAL A 1 105 ? -10.440 13.990  5.828   1.00 26.17 ? 105 VAL A CG2 1 
ATOM   844  N N   . ILE A 1 106 ? -11.027 9.776   7.873   1.00 24.87 ? 106 ILE A N   1 
ATOM   845  C CA  . ILE A 1 106 ? -11.564 8.770   8.793   1.00 22.20 ? 106 ILE A CA  1 
ATOM   846  C C   . ILE A 1 106 ? -10.633 8.700   9.965   1.00 32.27 ? 106 ILE A C   1 
ATOM   847  O O   . ILE A 1 106 ? -9.408  8.605   9.782   1.00 21.89 ? 106 ILE A O   1 
ATOM   848  C CB  . ILE A 1 106 ? -11.643 7.378   8.142   1.00 29.18 ? 106 ILE A CB  1 
ATOM   849  C CG1 . ILE A 1 106 ? -12.524 7.426   6.878   1.00 25.72 ? 106 ILE A CG1 1 
ATOM   850  C CG2 . ILE A 1 106 ? -12.177 6.362   9.156   1.00 28.54 ? 106 ILE A CG2 1 
ATOM   851  C CD1 . ILE A 1 106 ? -12.356 6.261   5.951   1.00 29.48 ? 106 ILE A CD1 1 
ATOM   852  N N   . ASN A 1 107 ? -11.216 8.788   11.161  1.00 30.43 ? 107 ASN A N   1 
ATOM   853  C CA  . ASN A 1 107 ? -10.478 8.657   12.401  1.00 26.04 ? 107 ASN A CA  1 
ATOM   854  C C   . ASN A 1 107 ? -11.304 7.847   13.374  1.00 32.54 ? 107 ASN A C   1 
ATOM   855  O O   . ASN A 1 107 ? -12.122 8.399   14.094  1.00 28.78 ? 107 ASN A O   1 
ATOM   856  C CB  . ASN A 1 107 ? -10.203 10.029  13.013  1.00 24.98 ? 107 ASN A CB  1 
ATOM   857  C CG  . ASN A 1 107 ? -9.269  10.863  12.164  1.00 40.56 ? 107 ASN A CG  1 
ATOM   858  O OD1 . ASN A 1 107 ? -9.706  11.776  11.467  1.00 37.06 ? 107 ASN A OD1 1 
ATOM   859  N ND2 . ASN A 1 107 ? -7.979  10.541  12.202  1.00 27.73 ? 107 ASN A ND2 1 
ATOM   860  N N   . THR A 1 108 ? -11.108 6.541   13.363  1.00 23.26 ? 108 THR A N   1 
ATOM   861  C CA  . THR A 1 108 ? -11.833 5.664   14.258  1.00 26.45 ? 108 THR A CA  1 
ATOM   862  C C   . THR A 1 108 ? -10.796 4.815   14.929  1.00 30.95 ? 108 THR A C   1 
ATOM   863  O O   . THR A 1 108 ? -9.615  4.917   14.635  1.00 23.32 ? 108 THR A O   1 
ATOM   864  C CB  . THR A 1 108 ? -12.805 4.735   13.509  1.00 39.97 ? 108 THR A CB  1 
ATOM   865  O OG1 . THR A 1 108 ? -12.062 3.823   12.688  1.00 24.23 ? 108 THR A OG1 1 
ATOM   866  C CG2 . THR A 1 108 ? -13.737 5.528   12.634  1.00 36.75 ? 108 THR A CG2 1 
ATOM   867  N N   . GLU A 1 109 ? -11.254 3.929   15.796  1.00 24.76 ? 109 GLU A N   1 
ATOM   868  C CA  . GLU A 1 109 ? -10.359 3.026   16.490  1.00 23.14 ? 109 GLU A CA  1 
ATOM   869  C C   . GLU A 1 109 ? -9.609  2.116   15.499  1.00 34.04 ? 109 GLU A C   1 
ATOM   870  O O   . GLU A 1 109 ? -8.471  1.706   15.733  1.00 34.12 ? 109 GLU A O   1 
ATOM   871  C CB  . GLU A 1 109 ? -11.179 2.191   17.470  1.00 28.39 ? 109 GLU A CB  1 
ATOM   872  C CG  . GLU A 1 109 ? -12.000 3.023   18.477  1.00 31.21 ? 109 GLU A CG  1 
ATOM   873  C CD  . GLU A 1 109 ? -13.459 3.263   18.040  1.00 50.41 ? 109 GLU A CD  1 
ATOM   874  O OE1 . GLU A 1 109 ? -13.721 3.593   16.852  1.00 30.72 ? 109 GLU A OE1 1 
ATOM   875  O OE2 . GLU A 1 109 ? -14.354 3.127   18.912  1.00 39.68 ? 109 GLU A OE2 1 
ATOM   876  N N   . ARG A 1 110 ? -10.248 1.809   14.382  1.00 23.09 ? 110 ARG A N   1 
ATOM   877  C CA  . ARG A 1 110 ? -9.709  0.816   13.465  1.00 24.84 ? 110 ARG A CA  1 
ATOM   878  C C   . ARG A 1 110 ? -8.954  1.487   12.334  1.00 29.44 ? 110 ARG A C   1 
ATOM   879  O O   . ARG A 1 110 ? -7.987  0.948   11.825  1.00 32.31 ? 110 ARG A O   1 
ATOM   880  C CB  . ARG A 1 110 ? -10.843 -0.016  12.873  1.00 24.65 ? 110 ARG A CB  1 
ATOM   881  C CG  . ARG A 1 110 ? -11.525 -0.974  13.848  1.00 30.54 ? 110 ARG A CG  1 
ATOM   882  C CD  . ARG A 1 110 ? -12.447 -1.914  13.098  1.00 27.01 ? 110 ARG A CD  1 
ATOM   883  N NE  . ARG A 1 110 ? -11.711 -2.876  12.266  1.00 24.39 ? 110 ARG A NE  1 
ATOM   884  C CZ  . ARG A 1 110 ? -12.263 -3.589  11.292  1.00 18.93 ? 110 ARG A CZ  1 
ATOM   885  N NH1 . ARG A 1 110 ? -13.533 -3.408  10.970  1.00 32.24 ? 110 ARG A NH1 1 
ATOM   886  N NH2 . ARG A 1 110 ? -11.532 -4.452  10.591  1.00 29.31 ? 110 ARG A NH2 1 
ATOM   887  N N   . LEU A 1 111 ? -9.393  2.683   11.963  1.00 23.82 ? 111 LEU A N   1 
ATOM   888  C CA  . LEU A 1 111 ? -8.961  3.274   10.713  1.00 30.32 ? 111 LEU A CA  1 
ATOM   889  C C   . LEU A 1 111 ? -8.620  4.763   10.822  1.00 32.55 ? 111 LEU A C   1 
ATOM   890  O O   . LEU A 1 111 ? -9.431  5.566   11.280  1.00 26.25 ? 111 LEU A O   1 
ATOM   891  C CB  . LEU A 1 111 ? -10.086 3.058   9.710   1.00 28.68 ? 111 LEU A CB  1 
ATOM   892  C CG  . LEU A 1 111 ? -9.725  2.905   8.262   1.00 35.87 ? 111 LEU A CG  1 
ATOM   893  C CD1 . LEU A 1 111 ? -8.557  1.951   8.072   1.00 29.40 ? 111 LEU A CD1 1 
ATOM   894  C CD2 . LEU A 1 111 ? -10.961 2.450   7.544   1.00 33.44 ? 111 LEU A CD2 1 
ATOM   895  N N   . THR A 1 112 ? -7.393  5.103   10.439  1.00 31.40 ? 112 THR A N   1 
ATOM   896  C CA  . THR A 1 112 ? -6.991  6.477   10.168  1.00 24.92 ? 112 THR A CA  1 
ATOM   897  C C   . THR A 1 112 ? -6.661  6.642   8.691   1.00 27.50 ? 112 THR A C   1 
ATOM   898  O O   . THR A 1 112 ? -5.716  6.036   8.169   1.00 20.41 ? 112 THR A O   1 
ATOM   899  C CB  . THR A 1 112 ? -5.750  6.850   10.958  1.00 26.62 ? 112 THR A CB  1 
ATOM   900  O OG1 . THR A 1 112 ? -5.993  6.612   12.341  1.00 30.39 ? 112 THR A OG1 1 
ATOM   901  C CG2 . THR A 1 112 ? -5.413  8.313   10.756  1.00 22.05 ? 112 THR A CG2 1 
ATOM   902  N N   . VAL A 1 113 ? -7.460  7.470   8.035   1.00 25.09 ? 113 VAL A N   1 
ATOM   903  C CA  . VAL A 1 113 ? -7.317  7.752   6.622   1.00 23.54 ? 113 VAL A CA  1 
ATOM   904  C C   . VAL A 1 113 ? -7.390  9.267   6.449   1.00 23.76 ? 113 VAL A C   1 
ATOM   905  O O   . VAL A 1 113 ? -8.293  9.887   6.986   1.00 21.22 ? 113 VAL A O   1 
ATOM   906  C CB  . VAL A 1 113 ? -8.440  7.091   5.788   1.00 19.60 ? 113 VAL A CB  1 
ATOM   907  C CG1 . VAL A 1 113 ? -8.356  7.577   4.322   1.00 24.59 ? 113 VAL A CG1 1 
ATOM   908  C CG2 . VAL A 1 113 ? -8.342  5.568   5.882   1.00 20.84 ? 113 VAL A CG2 1 
ATOM   909  N N   . PRO A 1 114 ? -6.440  9.876   5.706   1.00 21.52 ? 114 PRO A N   1 
ATOM   910  C CA  . PRO A 1 114 ? -5.257  9.294   5.064   1.00 17.17 ? 114 PRO A CA  1 
ATOM   911  C C   . PRO A 1 114 ? -4.324  8.639   6.057   1.00 21.83 ? 114 PRO A C   1 
ATOM   912  O O   . PRO A 1 114 ? -4.261  9.004   7.220   1.00 23.96 ? 114 PRO A O   1 
ATOM   913  C CB  . PRO A 1 114 ? -4.582  10.497  4.406   1.00 24.62 ? 114 PRO A CB  1 
ATOM   914  C CG  . PRO A 1 114 ? -5.699  11.433  4.093   1.00 25.60 ? 114 PRO A CG  1 
ATOM   915  C CD  . PRO A 1 114 ? -6.722  11.232  5.185   1.00 27.52 ? 114 PRO A CD  1 
ATOM   916  N N   . HIS A 1 115 ? -3.558  7.688   5.565   1.00 15.07 ? 115 HIS A N   1 
ATOM   917  C CA  . HIS A 1 115 ? -2.721  6.890   6.419   1.00 21.59 ? 115 HIS A CA  1 
ATOM   918  C C   . HIS A 1 115 ? -1.899  7.824   7.280   1.00 28.87 ? 115 HIS A C   1 
ATOM   919  O O   . HIS A 1 115 ? -1.397  8.868   6.803   1.00 24.52 ? 115 HIS A O   1 
ATOM   920  C CB  . HIS A 1 115 ? -1.863  6.000   5.554   1.00 17.77 ? 115 HIS A CB  1 
ATOM   921  C CG  . HIS A 1 115 ? -0.921  5.138   6.306   1.00 25.23 ? 115 HIS A CG  1 
ATOM   922  N ND1 . HIS A 1 115 ? 0.294   5.596   6.759   1.00 30.58 ? 115 HIS A ND1 1 
ATOM   923  C CD2 . HIS A 1 115 ? -0.986  3.829   6.645   1.00 25.57 ? 115 HIS A CD2 1 
ATOM   924  C CE1 . HIS A 1 115 ? 0.927   4.613   7.377   1.00 36.53 ? 115 HIS A CE1 1 
ATOM   925  N NE2 . HIS A 1 115 ? 0.177   3.529   7.312   1.00 35.32 ? 115 HIS A NE2 1 
ATOM   926  N N   . TYR A 1 116 ? -1.770  7.440   8.551   1.00 24.10 ? 116 TYR A N   1 
ATOM   927  C CA  . TYR A 1 116 ? -1.203  8.307   9.593   1.00 30.41 ? 116 TYR A CA  1 
ATOM   928  C C   . TYR A 1 116 ? 0.222   8.797   9.308   1.00 30.33 ? 116 TYR A C   1 
ATOM   929  O O   . TYR A 1 116 ? 0.579   9.901   9.723   1.00 31.20 ? 116 TYR A O   1 
ATOM   930  C CB  . TYR A 1 116 ? -1.259  7.604   10.968  1.00 31.43 ? 116 TYR A CB  1 
ATOM   931  C CG  . TYR A 1 116 ? -0.124  6.627   11.236  1.00 37.33 ? 116 TYR A CG  1 
ATOM   932  C CD1 . TYR A 1 116 ? -0.063  5.401   10.577  1.00 54.95 ? 116 TYR A CD1 1 
ATOM   933  C CD2 . TYR A 1 116 ? 0.895   6.937   12.142  1.00 55.55 ? 116 TYR A CD2 1 
ATOM   934  C CE1 . TYR A 1 116 ? 0.975   4.507   10.805  1.00 47.89 ? 116 TYR A CE1 1 
ATOM   935  C CE2 . TYR A 1 116 ? 1.946   6.042   12.383  1.00 47.48 ? 116 TYR A CE2 1 
ATOM   936  C CZ  . TYR A 1 116 ? 1.973   4.828   11.706  1.00 65.71 ? 116 TYR A CZ  1 
ATOM   937  O OH  . TYR A 1 116 ? 2.993   3.923   11.921  1.00 84.46 ? 116 TYR A OH  1 
ATOM   938  N N   . ASP A 1 117 ? 1.038   8.014   8.602   1.00 27.40 ? 117 ASP A N   1 
ATOM   939  C CA  . ASP A 1 117 ? 2.433   8.408   8.392   1.00 22.00 ? 117 ASP A CA  1 
ATOM   940  C C   . ASP A 1 117 ? 2.913   8.453   6.939   1.00 24.35 ? 117 ASP A C   1 
ATOM   941  O O   . ASP A 1 117 ? 4.103   8.568   6.675   1.00 20.17 ? 117 ASP A O   1 
ATOM   942  C CB  . ASP A 1 117 ? 3.350   7.491   9.192   1.00 40.99 ? 117 ASP A CB  1 
ATOM   943  C CG  . ASP A 1 117 ? 4.718   8.116   9.463   1.00 34.73 ? 117 ASP A CG  1 
ATOM   944  O OD1 . ASP A 1 117 ? 4.797   9.300   9.862   1.00 31.30 ? 117 ASP A OD1 1 
ATOM   945  O OD2 . ASP A 1 117 ? 5.721   7.409   9.282   1.00 33.87 ? 117 ASP A OD2 1 
ATOM   946  N N   . MET A 1 118 ? 2.007   8.399   5.988   1.00 22.41 ? 118 MET A N   1 
ATOM   947  C CA  . MET A 1 118 ? 2.447   8.302   4.611   1.00 20.46 ? 118 MET A CA  1 
ATOM   948  C C   . MET A 1 118 ? 3.253   9.551   4.161   1.00 22.56 ? 118 MET A C   1 
ATOM   949  O O   . MET A 1 118 ? 4.109   9.436   3.303   1.00 18.01 ? 118 MET A O   1 
ATOM   950  C CB  . MET A 1 118 ? 1.274   8.018   3.685   1.00 22.13 ? 118 MET A CB  1 
ATOM   951  C CG  . MET A 1 118 ? 0.243   9.124   3.594   1.00 23.40 ? 118 MET A CG  1 
ATOM   952  S SD  . MET A 1 118 ? -1.227  8.625   2.649   1.00 24.09 ? 118 MET A SD  1 
ATOM   953  C CE  . MET A 1 118 ? -0.609  8.771   0.962   1.00 21.86 ? 118 MET A CE  1 
ATOM   954  N N   A LYS A 1 119 ? 3.011   10.713  4.783   0.53 17.25 ? 119 LYS A N   1 
ATOM   955  N N   B LYS A 1 119 ? 3.023   10.709  4.771   0.47 17.34 ? 119 LYS A N   1 
ATOM   956  C CA  A LYS A 1 119 ? 3.707   11.952  4.409   0.53 20.57 ? 119 LYS A CA  1 
ATOM   957  C CA  B LYS A 1 119 ? 3.703   11.912  4.311   0.47 20.67 ? 119 LYS A CA  1 
ATOM   958  C C   A LYS A 1 119 ? 5.197   11.905  4.730   0.53 17.17 ? 119 LYS A C   1 
ATOM   959  C C   B LYS A 1 119 ? 5.180   11.935  4.755   0.47 17.21 ? 119 LYS A C   1 
ATOM   960  O O   A LYS A 1 119 ? 5.974   12.685  4.198   0.53 20.84 ? 119 LYS A O   1 
ATOM   961  O O   B LYS A 1 119 ? 5.942   12.784  4.314   0.47 21.23 ? 119 LYS A O   1 
ATOM   962  C CB  A LYS A 1 119 ? 3.087   13.179  5.085   0.53 23.19 ? 119 LYS A CB  1 
ATOM   963  C CB  B LYS A 1 119 ? 2.925   13.177  4.715   0.47 22.39 ? 119 LYS A CB  1 
ATOM   964  C CG  A LYS A 1 119 ? 3.678   13.519  6.449   0.53 30.54 ? 119 LYS A CG  1 
ATOM   965  C CG  B LYS A 1 119 ? 1.400   12.958  4.771   0.47 35.71 ? 119 LYS A CG  1 
ATOM   966  C CD  A LYS A 1 119 ? 2.821   14.554  7.176   0.53 35.23 ? 119 LYS A CD  1 
ATOM   967  C CD  B LYS A 1 119 ? 0.557   14.035  4.115   0.47 23.24 ? 119 LYS A CD  1 
ATOM   968  C CE  A LYS A 1 119 ? 3.459   15.915  7.181   0.53 26.76 ? 119 LYS A CE  1 
ATOM   969  C CE  B LYS A 1 119 ? -0.934  13.756  4.315   0.47 21.89 ? 119 LYS A CE  1 
ATOM   970  N NZ  A LYS A 1 119 ? 2.465   17.012  7.331   0.53 13.46 ? 119 LYS A NZ  1 
ATOM   971  N NZ  B LYS A 1 119 ? -1.804  14.895  3.891   0.47 24.92 ? 119 LYS A NZ  1 
ATOM   972  N N   . ASN A 1 120 ? 5.595   10.966  5.573   1.00 15.75 ? 120 ASN A N   1 
ATOM   973  C CA  . ASN A 1 120 ? 7.007   10.783  5.878   1.00 14.05 ? 120 ASN A CA  1 
ATOM   974  C C   . ASN A 1 120 ? 7.703   9.661   5.132   1.00 30.37 ? 120 ASN A C   1 
ATOM   975  O O   . ASN A 1 120 ? 8.904   9.453   5.342   1.00 21.06 ? 120 ASN A O   1 
ATOM   976  C CB  . ASN A 1 120 ? 7.163   10.506  7.374   1.00 23.77 ? 120 ASN A CB  1 
ATOM   977  C CG  . ASN A 1 120 ? 6.986   11.756  8.200   1.00 21.19 ? 120 ASN A CG  1 
ATOM   978  O OD1 . ASN A 1 120 ? 7.574   12.758  7.883   1.00 19.32 ? 120 ASN A OD1 1 
ATOM   979  N ND2 . ASN A 1 120 ? 6.165   11.700  9.235   1.00 18.12 ? 120 ASN A ND2 1 
ATOM   980  N N   . ARG A 1 121 ? 6.971   8.946   4.263   1.00 20.96 ? 121 ARG A N   1 
ATOM   981  C CA  . ARG A 1 121 ? 7.476   7.700   3.690   1.00 20.23 ? 121 ARG A CA  1 
ATOM   982  C C   . ARG A 1 121 ? 7.593   7.785   2.164   1.00 23.63 ? 121 ARG A C   1 
ATOM   983  O O   . ARG A 1 121 ? 6.600   7.788   1.458   1.00 17.34 ? 121 ARG A O   1 
ATOM   984  C CB  . ARG A 1 121 ? 6.577   6.536   4.125   1.00 15.87 ? 121 ARG A CB  1 
ATOM   985  C CG  . ARG A 1 121 ? 6.593   6.341   5.638   1.00 17.58 ? 121 ARG A CG  1 
ATOM   986  C CD  . ARG A 1 121 ? 5.635   5.257   6.179   1.00 32.85 ? 121 ARG A CD  1 
ATOM   987  N NE  . ARG A 1 121 ? 5.661   5.245   7.654   1.00 47.08 ? 121 ARG A NE  1 
ATOM   988  C CZ  . ARG A 1 121 ? 5.401   4.192   8.432   1.00 50.11 ? 121 ARG A CZ  1 
ATOM   989  N NH1 . ARG A 1 121 ? 5.096   3.009   7.915   1.00 42.22 ? 121 ARG A NH1 1 
ATOM   990  N NH2 . ARG A 1 121 ? 5.472   4.319   9.747   1.00 45.45 ? 121 ARG A NH2 1 
ATOM   991  N N   . GLY A 1 122 ? 8.815   7.930   1.683   1.00 20.03 ? 122 GLY A N   1 
ATOM   992  C CA  . GLY A 1 122 ? 9.061   7.986   0.267   1.00 17.84 ? 122 GLY A CA  1 
ATOM   993  C C   . GLY A 1 122 ? 8.537   6.693   -0.372  1.00 21.92 ? 122 GLY A C   1 
ATOM   994  O O   . GLY A 1 122 ? 7.971   6.725   -1.460  1.00 16.91 ? 122 GLY A O   1 
ATOM   995  N N   . PHE A 1 123 ? 8.689   5.569   0.325   1.00 19.32 ? 123 PHE A N   1 
ATOM   996  C CA  . PHE A 1 123 ? 8.310   4.276   -0.241  1.00 19.23 ? 123 PHE A CA  1 
ATOM   997  C C   . PHE A 1 123 ? 6.807   4.134   -0.362  1.00 18.11 ? 123 PHE A C   1 
ATOM   998  O O   . PHE A 1 123 ? 6.330   3.224   -1.012  1.00 14.96 ? 123 PHE A O   1 
ATOM   999  C CB  . PHE A 1 123 ? 8.918   3.097   0.544   1.00 25.26 ? 123 PHE A CB  1 
ATOM   1000 C CG  . PHE A 1 123 ? 8.552   3.066   2.020   1.00 17.55 ? 123 PHE A CG  1 
ATOM   1001 C CD1 . PHE A 1 123 ? 7.287   2.678   2.421   1.00 22.06 ? 123 PHE A CD1 1 
ATOM   1002 C CD2 . PHE A 1 123 ? 9.493   3.386   2.977   1.00 29.74 ? 123 PHE A CD2 1 
ATOM   1003 C CE1 . PHE A 1 123 ? 6.954   2.632   3.766   1.00 30.82 ? 123 PHE A CE1 1 
ATOM   1004 C CE2 . PHE A 1 123 ? 9.169   3.370   4.329   1.00 32.09 ? 123 PHE A CE2 1 
ATOM   1005 C CZ  . PHE A 1 123 ? 7.903   2.977   4.719   1.00 23.16 ? 123 PHE A CZ  1 
ATOM   1006 N N   . MET A 1 124 ? 6.056   5.036   0.256   1.00 17.88 ? 124 MET A N   1 
ATOM   1007 C CA  . MET A 1 124 ? 4.616   5.104   -0.001  1.00 15.51 ? 124 MET A CA  1 
ATOM   1008 C C   . MET A 1 124 ? 4.271   6.204   -1.028  1.00 16.83 ? 124 MET A C   1 
ATOM   1009 O O   . MET A 1 124 ? 3.408   6.045   -1.891  1.00 17.05 ? 124 MET A O   1 
ATOM   1010 C CB  . MET A 1 124 ? 3.869   5.351   1.322   1.00 20.96 ? 124 MET A CB  1 
ATOM   1011 C CG  . MET A 1 124 ? 4.006   4.217   2.325   1.00 19.25 ? 124 MET A CG  1 
ATOM   1012 S SD  . MET A 1 124 ? 3.078   4.506   3.880   1.00 24.81 ? 124 MET A SD  1 
ATOM   1013 C CE  . MET A 1 124 ? 1.445   4.017   3.353   1.00 33.74 ? 124 MET A CE  1 
ATOM   1014 N N   . LEU A 1 125 ? 4.953   7.322   -0.946  1.00 15.03 ? 125 LEU A N   1 
ATOM   1015 C CA  . LEU A 1 125 ? 4.541   8.475   -1.740  1.00 11.80 ? 125 LEU A CA  1 
ATOM   1016 C C   . LEU A 1 125 ? 4.958   8.324   -3.215  1.00 14.63 ? 125 LEU A C   1 
ATOM   1017 O O   . LEU A 1 125 ? 4.238   8.734   -4.111  1.00 12.94 ? 125 LEU A O   1 
ATOM   1018 C CB  . LEU A 1 125 ? 5.149   9.772   -1.187  1.00 17.64 ? 125 LEU A CB  1 
ATOM   1019 C CG  . LEU A 1 125 ? 4.690   10.234  0.200   1.00 16.18 ? 125 LEU A CG  1 
ATOM   1020 C CD1 . LEU A 1 125 ? 5.357   11.532  0.564   1.00 19.69 ? 125 LEU A CD1 1 
ATOM   1021 C CD2 . LEU A 1 125 ? 3.178   10.345  0.234   1.00 14.45 ? 125 LEU A CD2 1 
ATOM   1022 N N   . TRP A 1 126 ? 6.143   7.791   -3.454  1.00 13.90 ? 126 TRP A N   1 
ATOM   1023 C CA  . TRP A 1 126 ? 6.625   7.675   -4.837  1.00 15.91 ? 126 TRP A CA  1 
ATOM   1024 C C   . TRP A 1 126 ? 5.767   6.704   -5.703  1.00 18.72 ? 126 TRP A C   1 
ATOM   1025 O O   . TRP A 1 126 ? 5.347   7.067   -6.798  1.00 14.91 ? 126 TRP A O   1 
ATOM   1026 C CB  . TRP A 1 126 ? 8.116   7.314   -4.887  1.00 18.69 ? 126 TRP A CB  1 
ATOM   1027 C CG  . TRP A 1 126 ? 9.028   8.542   -4.820  1.00 25.67 ? 126 TRP A CG  1 
ATOM   1028 C CD1 . TRP A 1 126 ? 9.937   8.864   -3.831  1.00 27.40 ? 126 TRP A CD1 1 
ATOM   1029 C CD2 . TRP A 1 126 ? 9.101   9.615   -5.783  1.00 21.47 ? 126 TRP A CD2 1 
ATOM   1030 N NE1 . TRP A 1 126 ? 10.574  10.057  -4.143  1.00 21.87 ? 126 TRP A NE1 1 
ATOM   1031 C CE2 . TRP A 1 126 ? 10.074  10.538  -5.324  1.00 24.95 ? 126 TRP A CE2 1 
ATOM   1032 C CE3 . TRP A 1 126 ? 8.443   9.881   -6.982  1.00 32.74 ? 126 TRP A CE3 1 
ATOM   1033 C CZ2 . TRP A 1 126 ? 10.399  11.701  -6.029  1.00 29.27 ? 126 TRP A CZ2 1 
ATOM   1034 C CZ3 . TRP A 1 126 ? 8.771   11.033  -7.686  1.00 47.33 ? 126 TRP A CZ3 1 
ATOM   1035 C CH2 . TRP A 1 126 ? 9.739   11.930  -7.203  1.00 36.43 ? 126 TRP A CH2 1 
ATOM   1036 N N   . PRO A 1 127 ? 5.465   5.492   -5.208  1.00 15.52 ? 127 PRO A N   1 
ATOM   1037 C CA  . PRO A 1 127 ? 4.655   4.617   -6.062  1.00 15.39 ? 127 PRO A CA  1 
ATOM   1038 C C   . PRO A 1 127 ? 3.267   5.204   -6.262  1.00 20.00 ? 127 PRO A C   1 
ATOM   1039 O O   . PRO A 1 127 ? 2.680   5.001   -7.313  1.00 15.87 ? 127 PRO A O   1 
ATOM   1040 C CB  . PRO A 1 127 ? 4.606   3.297   -5.264  1.00 17.99 ? 127 PRO A CB  1 
ATOM   1041 C CG  . PRO A 1 127 ? 5.788   3.334   -4.397  1.00 14.54 ? 127 PRO A CG  1 
ATOM   1042 C CD  . PRO A 1 127 ? 5.949   4.777   -4.020  1.00 16.44 ? 127 PRO A CD  1 
ATOM   1043 N N   . LEU A 1 128 ? 2.750   5.933   -5.276  1.00 15.58 ? 128 LEU A N   1 
ATOM   1044 C CA  . LEU A 1 128 ? 1.446   6.555   -5.420  1.00 16.54 ? 128 LEU A CA  1 
ATOM   1045 C C   . LEU A 1 128 ? 1.500   7.659   -6.487  1.00 16.90 ? 128 LEU A C   1 
ATOM   1046 O O   . LEU A 1 128 ? 0.562   7.834   -7.271  1.00 18.52 ? 128 LEU A O   1 
ATOM   1047 C CB  . LEU A 1 128 ? 0.981   7.152   -4.088  1.00 17.91 ? 128 LEU A CB  1 
ATOM   1048 C CG  . LEU A 1 128 ? -0.409  7.801   -4.072  1.00 14.35 ? 128 LEU A CG  1 
ATOM   1049 C CD1 . LEU A 1 128 ? -1.525  6.834   -4.483  1.00 17.00 ? 128 LEU A CD1 1 
ATOM   1050 C CD2 . LEU A 1 128 ? -0.720  8.415   -2.705  1.00 21.00 ? 128 LEU A CD2 1 
ATOM   1051 N N   . PHE A 1 129 ? 2.609   8.410   -6.495  1.00 12.96 ? 129 PHE A N   1 
ATOM   1052 C CA  . PHE A 1 129 ? 2.835   9.456   -7.487  1.00 14.29 ? 129 PHE A CA  1 
ATOM   1053 C C   . PHE A 1 129 ? 2.928   8.906   -8.925  1.00 21.65 ? 129 PHE A C   1 
ATOM   1054 O O   . PHE A 1 129 ? 2.465   9.560   -9.860  1.00 15.79 ? 129 PHE A O   1 
ATOM   1055 C CB  . PHE A 1 129 ? 4.100   10.247  -7.102  1.00 18.53 ? 129 PHE A CB  1 
ATOM   1056 C CG  . PHE A 1 129 ? 4.416   11.378  -8.022  1.00 19.84 ? 129 PHE A CG  1 
ATOM   1057 C CD1 . PHE A 1 129 ? 3.601   12.497  -8.060  1.00 15.55 ? 129 PHE A CD1 1 
ATOM   1058 C CD2 . PHE A 1 129 ? 5.524   11.313  -8.856  1.00 19.91 ? 129 PHE A CD2 1 
ATOM   1059 C CE1 . PHE A 1 129 ? 3.898   13.558  -8.915  1.00 19.90 ? 129 PHE A CE1 1 
ATOM   1060 C CE2 . PHE A 1 129 ? 5.820   12.356  -9.711  1.00 23.55 ? 129 PHE A CE2 1 
ATOM   1061 C CZ  . PHE A 1 129 ? 5.004   13.476  -9.744  1.00 21.23 ? 129 PHE A CZ  1 
ATOM   1062 N N   . GLU A 1 130 ? 3.496   7.712   -9.089  1.00 16.46 ? 130 GLU A N   1 
ATOM   1063 C CA  . GLU A 1 130 ? 3.519   7.043   -10.405 1.00 16.76 ? 130 GLU A CA  1 
ATOM   1064 C C   . GLU A 1 130 ? 2.127   6.857   -10.987 1.00 17.56 ? 130 GLU A C   1 
ATOM   1065 O O   . GLU A 1 130 ? 1.912   7.099   -12.181 1.00 20.47 ? 130 GLU A O   1 
ATOM   1066 C CB  . GLU A 1 130 ? 4.221   5.689   -10.317 1.00 18.80 ? 130 GLU A CB  1 
ATOM   1067 C CG  . GLU A 1 130 ? 4.294   4.934   -11.644 1.00 27.48 ? 130 GLU A CG  1 
ATOM   1068 C CD  . GLU A 1 130 ? 5.011   3.584   -11.505 1.00 39.58 ? 130 GLU A CD  1 
ATOM   1069 O OE1 . GLU A 1 130 ? 5.359   3.189   -10.372 1.00 23.50 ? 130 GLU A OE1 1 
ATOM   1070 O OE2 . GLU A 1 130 ? 5.242   2.904   -12.521 1.00 32.43 ? 130 GLU A OE2 1 
ATOM   1071 N N   . ILE A 1 131 ? 1.182   6.399   -10.167 1.00 14.49 ? 131 ILE A N   1 
ATOM   1072 C CA  . ILE A 1 131 ? -0.148  6.103   -10.676 1.00 17.54 ? 131 ILE A CA  1 
ATOM   1073 C C   . ILE A 1 131 ? -1.162  7.250   -10.533 1.00 19.84 ? 131 ILE A C   1 
ATOM   1074 O O   . ILE A 1 131 ? -2.223  7.208   -11.139 1.00 20.86 ? 131 ILE A O   1 
ATOM   1075 C CB  . ILE A 1 131 ? -0.696  4.780   -10.041 1.00 21.87 ? 131 ILE A CB  1 
ATOM   1076 C CG1 . ILE A 1 131 ? -0.999  4.964   -8.557  1.00 18.61 ? 131 ILE A CG1 1 
ATOM   1077 C CG2 . ILE A 1 131 ? 0.321   3.650   -10.230 1.00 23.42 ? 131 ILE A CG2 1 
ATOM   1078 C CD1 . ILE A 1 131 ? -1.807  3.837   -7.992  1.00 24.79 ? 131 ILE A CD1 1 
ATOM   1079 N N   . ALA A 1 132 ? -0.849  8.260   -9.720  1.00 19.35 ? 132 ALA A N   1 
ATOM   1080 C CA  . ALA A 1 132 ? -1.782  9.341   -9.449  1.00 20.26 ? 132 ALA A CA  1 
ATOM   1081 C C   . ALA A 1 132 ? -1.016  10.667  -9.239  1.00 21.54 ? 132 ALA A C   1 
ATOM   1082 O O   . ALA A 1 132 ? -1.050  11.262  -8.161  1.00 19.36 ? 132 ALA A O   1 
ATOM   1083 C CB  . ALA A 1 132 ? -2.654  8.996   -8.222  1.00 21.04 ? 132 ALA A CB  1 
ATOM   1084 N N   . PRO A 1 133 ? -0.290  11.121  -10.269 1.00 22.69 ? 133 PRO A N   1 
ATOM   1085 C CA  . PRO A 1 133 ? 0.583   12.299  -10.107 1.00 20.28 ? 133 PRO A CA  1 
ATOM   1086 C C   . PRO A 1 133 ? -0.176  13.574  -9.740  1.00 15.48 ? 133 PRO A C   1 
ATOM   1087 O O   . PRO A 1 133 ? 0.414   14.435  -9.097  1.00 21.04 ? 133 PRO A O   1 
ATOM   1088 C CB  . PRO A 1 133 ? 1.289   12.419  -11.484 1.00 19.76 ? 133 PRO A CB  1 
ATOM   1089 C CG  . PRO A 1 133 ? 0.428   11.678  -12.433 1.00 21.02 ? 133 PRO A CG  1 
ATOM   1090 C CD  . PRO A 1 133 ? -0.197  10.551  -11.628 1.00 21.09 ? 133 PRO A CD  1 
ATOM   1091 N N   . GLU A 1 134 ? -1.454  13.668  -10.103 1.00 20.78 ? 134 GLU A N   1 
ATOM   1092 C CA  . GLU A 1 134 ? -2.250  14.873  -9.840  1.00 21.71 ? 134 GLU A CA  1 
ATOM   1093 C C   . GLU A 1 134 ? -3.043  14.766  -8.542  1.00 26.95 ? 134 GLU A C   1 
ATOM   1094 O O   . GLU A 1 134 ? -3.949  15.557  -8.302  1.00 20.70 ? 134 GLU A O   1 
ATOM   1095 C CB  . GLU A 1 134 ? -3.282  15.090  -10.941 1.00 27.39 ? 134 GLU A CB  1 
ATOM   1096 C CG  . GLU A 1 134 ? -2.720  15.163  -12.351 1.00 30.69 ? 134 GLU A CG  1 
ATOM   1097 C CD  . GLU A 1 134 ? -1.978  16.439  -12.574 1.00 38.74 ? 134 GLU A CD  1 
ATOM   1098 O OE1 . GLU A 1 134 ? -2.557  17.517  -12.285 1.00 57.28 ? 134 GLU A OE1 1 
ATOM   1099 O OE2 . GLU A 1 134 ? -0.812  16.368  -13.002 1.00 56.21 ? 134 GLU A OE2 1 
ATOM   1100 N N   . LEU A 1 135 ? -2.761  13.751  -7.742  1.00 19.60 ? 135 LEU A N   1 
ATOM   1101 C CA  . LEU A 1 135 ? -3.525  13.536  -6.496  1.00 20.38 ? 135 LEU A CA  1 
ATOM   1102 C C   . LEU A 1 135 ? -3.536  14.729  -5.498  1.00 21.73 ? 135 LEU A C   1 
ATOM   1103 O O   . LEU A 1 135 ? -2.515  15.340  -5.199  1.00 16.37 ? 135 LEU A O   1 
ATOM   1104 C CB  . LEU A 1 135 ? -3.009  12.269  -5.804  1.00 17.75 ? 135 LEU A CB  1 
ATOM   1105 C CG  . LEU A 1 135 ? -3.895  11.733  -4.683  1.00 22.18 ? 135 LEU A CG  1 
ATOM   1106 C CD1 . LEU A 1 135 ? -3.850  10.283  -4.648  1.00 16.76 ? 135 LEU A CD1 1 
ATOM   1107 C CD2 . LEU A 1 135 ? -3.388  12.282  -3.357  1.00 23.52 ? 135 LEU A CD2 1 
ATOM   1108 N N   . VAL A 1 136 ? -4.727  15.033  -4.994  1.00 21.93 ? 136 VAL A N   1 
ATOM   1109 C CA  . VAL A 1 136 ? -4.940  16.035  -3.953  1.00 24.02 ? 136 VAL A CA  1 
ATOM   1110 C C   . VAL A 1 136 ? -5.532  15.331  -2.736  1.00 22.47 ? 136 VAL A C   1 
ATOM   1111 O O   . VAL A 1 136 ? -6.488  14.549  -2.847  1.00 24.24 ? 136 VAL A O   1 
ATOM   1112 C CB  . VAL A 1 136 ? -5.956  17.107  -4.397  1.00 29.73 ? 136 VAL A CB  1 
ATOM   1113 C CG1 . VAL A 1 136 ? -6.130  18.198  -3.310  1.00 26.10 ? 136 VAL A CG1 1 
ATOM   1114 C CG2 . VAL A 1 136 ? -5.531  17.714  -5.704  1.00 33.45 ? 136 VAL A CG2 1 
ATOM   1115 N N   . PHE A 1 137 ? -4.946  15.592  -1.581  1.00 19.96 ? 137 PHE A N   1 
ATOM   1116 C CA  . PHE A 1 137 ? -5.488  15.083  -0.325  1.00 18.08 ? 137 PHE A CA  1 
ATOM   1117 C C   . PHE A 1 137 ? -6.728  15.832  0.124   1.00 21.88 ? 137 PHE A C   1 
ATOM   1118 O O   . PHE A 1 137 ? -7.001  16.947  -0.344  1.00 21.00 ? 137 PHE A O   1 
ATOM   1119 C CB  . PHE A 1 137 ? -4.429  15.154  0.735   1.00 21.98 ? 137 PHE A CB  1 
ATOM   1120 C CG  . PHE A 1 137 ? -3.285  14.220  0.492   1.00 19.40 ? 137 PHE A CG  1 
ATOM   1121 C CD1 . PHE A 1 137 ? -2.242  14.580  -0.314  1.00 23.24 ? 137 PHE A CD1 1 
ATOM   1122 C CD2 . PHE A 1 137 ? -3.245  12.984  1.098   1.00 23.74 ? 137 PHE A CD2 1 
ATOM   1123 C CE1 . PHE A 1 137 ? -1.177  13.708  -0.528  1.00 28.40 ? 137 PHE A CE1 1 
ATOM   1124 C CE2 . PHE A 1 137 ? -2.184  12.130  0.892   1.00 24.99 ? 137 PHE A CE2 1 
ATOM   1125 C CZ  . PHE A 1 137 ? -1.153  12.497  0.089   1.00 25.27 ? 137 PHE A CZ  1 
ATOM   1126 N N   . PRO A 1 138 ? -7.511  15.216  1.032   1.00 20.86 ? 138 PRO A N   1 
ATOM   1127 C CA  . PRO A 1 138 ? -8.735  15.860  1.527   1.00 25.46 ? 138 PRO A CA  1 
ATOM   1128 C C   . PRO A 1 138 ? -8.503  17.269  2.135   1.00 21.60 ? 138 PRO A C   1 
ATOM   1129 O O   . PRO A 1 138 ? -9.379  18.130  1.997   1.00 25.81 ? 138 PRO A O   1 
ATOM   1130 C CB  . PRO A 1 138 ? -9.245  14.864  2.574   1.00 24.89 ? 138 PRO A CB  1 
ATOM   1131 C CG  . PRO A 1 138 ? -8.733  13.517  2.077   1.00 28.37 ? 138 PRO A CG  1 
ATOM   1132 C CD  . PRO A 1 138 ? -7.361  13.836  1.552   1.00 22.95 ? 138 PRO A CD  1 
ATOM   1133 N N   . ASP A 1 139 ? -7.350  17.519  2.745   1.00 22.99 ? 139 ASP A N   1 
ATOM   1134 C CA  . ASP A 1 139 ? -7.059  18.874  3.265   1.00 33.35 ? 139 ASP A CA  1 
ATOM   1135 C C   . ASP A 1 139 ? -6.537  19.862  2.214   1.00 34.99 ? 139 ASP A C   1 
ATOM   1136 O O   . ASP A 1 139 ? -6.319  21.032  2.516   1.00 33.96 ? 139 ASP A O   1 
ATOM   1137 C CB  . ASP A 1 139 ? -6.077  18.832  4.454   1.00 28.96 ? 139 ASP A CB  1 
ATOM   1138 C CG  . ASP A 1 139 ? -4.661  18.487  4.031   1.00 31.81 ? 139 ASP A CG  1 
ATOM   1139 O OD1 . ASP A 1 139 ? -4.460  18.049  2.873   1.00 27.60 ? 139 ASP A OD1 1 
ATOM   1140 O OD2 . ASP A 1 139 ? -3.739  18.637  4.854   1.00 28.89 ? 139 ASP A OD2 1 
ATOM   1141 N N   . GLY A 1 140 ? -6.331  19.402  0.984   1.00 32.37 ? 140 GLY A N   1 
ATOM   1142 C CA  . GLY A 1 140 ? -5.903  20.284  -0.084  1.00 26.99 ? 140 GLY A CA  1 
ATOM   1143 C C   . GLY A 1 140 ? -4.414  20.278  -0.379  1.00 24.75 ? 140 GLY A C   1 
ATOM   1144 O O   . GLY A 1 140 ? -3.994  20.903  -1.334  1.00 25.39 ? 140 GLY A O   1 
ATOM   1145 N N   . GLU A 1 141 ? -3.614  19.586  0.422   1.00 23.64 ? 141 GLU A N   1 
ATOM   1146 C CA  . GLU A 1 141 ? -2.226  19.354  0.055   1.00 22.64 ? 141 GLU A CA  1 
ATOM   1147 C C   . GLU A 1 141 ? -2.173  18.483  -1.205  1.00 17.92 ? 141 GLU A C   1 
ATOM   1148 O O   . GLU A 1 141 ? -2.944  17.536  -1.339  1.00 19.36 ? 141 GLU A O   1 
ATOM   1149 C CB  . GLU A 1 141 ? -1.466  18.633  1.160   1.00 19.60 ? 141 GLU A CB  1 
ATOM   1150 C CG  . GLU A 1 141 ? -1.457  19.367  2.525   1.00 33.42 ? 141 GLU A CG  1 
ATOM   1151 C CD  . GLU A 1 141 ? -0.737  18.560  3.607   1.00 18.39 ? 141 GLU A CD  1 
ATOM   1152 O OE1 . GLU A 1 141 ? 0.513   18.478  3.547   1.00 56.64 ? 141 GLU A OE1 1 
ATOM   1153 O OE2 . GLU A 1 141 ? -1.410  17.999  4.507   1.00 36.29 ? 141 GLU A OE2 1 
ATOM   1154 N N   A MET A 1 142 ? -1.301  18.824  -2.151  0.40 21.79 ? 142 MET A N   1 
ATOM   1155 N N   B MET A 1 142 ? -1.209  18.778  -2.069  0.60 21.44 ? 142 MET A N   1 
ATOM   1156 C CA  A MET A 1 142 ? -1.145  17.996  -3.354  0.40 25.36 ? 142 MET A CA  1 
ATOM   1157 C CA  B MET A 1 142 ? -1.060  18.066  -3.333  0.60 25.55 ? 142 MET A CA  1 
ATOM   1158 C C   A MET A 1 142 ? 0.045   17.062  -3.153  0.40 20.42 ? 142 MET A C   1 
ATOM   1159 C C   B MET A 1 142 ? 0.079   17.062  -3.151  0.60 20.32 ? 142 MET A C   1 
ATOM   1160 O O   A MET A 1 142 ? 1.046   17.442  -2.544  0.40 19.13 ? 142 MET A O   1 
ATOM   1161 O O   B MET A 1 142 ? 1.094   17.398  -2.535  0.60 18.95 ? 142 MET A O   1 
ATOM   1162 C CB  A MET A 1 142 ? -0.965  18.857  -4.623  0.40 26.75 ? 142 MET A CB  1 
ATOM   1163 C CB  B MET A 1 142 ? -0.734  19.084  -4.439  0.60 27.07 ? 142 MET A CB  1 
ATOM   1164 C CG  A MET A 1 142 ? -2.279  19.201  -5.355  0.40 29.96 ? 142 MET A CG  1 
ATOM   1165 C CG  B MET A 1 142 ? -1.343  20.493  -4.207  0.60 35.98 ? 142 MET A CG  1 
ATOM   1166 S SD  A MET A 1 142 ? -2.150  20.099  -6.947  0.40 29.82 ? 142 MET A SD  1 
ATOM   1167 S SD  B MET A 1 142 ? -0.768  21.826  -5.306  0.60 39.94 ? 142 MET A SD  1 
ATOM   1168 C CE  A MET A 1 142 ? -2.895  18.952  -8.097  0.40 26.81 ? 142 MET A CE  1 
ATOM   1169 C CE  B MET A 1 142 ? 0.053   22.926  -4.168  0.60 32.78 ? 142 MET A CE  1 
ATOM   1170 N N   . LEU A 1 143 ? -0.081  15.830  -3.636  1.00 23.55 ? 143 LEU A N   1 
ATOM   1171 C CA  . LEU A 1 143 ? 0.990   14.837  -3.519  1.00 22.20 ? 143 LEU A CA  1 
ATOM   1172 C C   . LEU A 1 143 ? 2.320   15.353  -4.123  1.00 18.70 ? 143 LEU A C   1 
ATOM   1173 O O   . LEU A 1 143 ? 3.408   15.186  -3.560  1.00 17.25 ? 143 LEU A O   1 
ATOM   1174 C CB  . LEU A 1 143 ? 0.575   13.537  -4.226  1.00 18.27 ? 143 LEU A CB  1 
ATOM   1175 C CG  . LEU A 1 143 ? 1.613   12.403  -4.353  1.00 19.85 ? 143 LEU A CG  1 
ATOM   1176 C CD1 . LEU A 1 143 ? 2.179   12.017  -3.006  1.00 21.77 ? 143 LEU A CD1 1 
ATOM   1177 C CD2 . LEU A 1 143 ? 1.009   11.177  -5.051  1.00 20.53 ? 143 LEU A CD2 1 
ATOM   1178 N N   A ARG A 1 144 ? 2.207   15.966  -5.287  0.54 19.49 ? 144 ARG A N   1 
ATOM   1179 N N   B ARG A 1 144 ? 2.214   15.968  -5.291  0.46 19.57 ? 144 ARG A N   1 
ATOM   1180 C CA  A ARG A 1 144 ? 3.351   16.546  -5.963  0.54 22.49 ? 144 ARG A CA  1 
ATOM   1181 C CA  B ARG A 1 144 ? 3.372   16.542  -5.957  0.46 22.49 ? 144 ARG A CA  1 
ATOM   1182 C C   A ARG A 1 144 ? 4.088   17.523  -5.023  0.54 24.67 ? 144 ARG A C   1 
ATOM   1183 C C   B ARG A 1 144 ? 4.094   17.527  -5.020  0.46 24.64 ? 144 ARG A C   1 
ATOM   1184 O O   A ARG A 1 144 ? 5.319   17.507  -4.921  0.54 19.87 ? 144 ARG A O   1 
ATOM   1185 O O   B ARG A 1 144 ? 5.325   17.526  -4.923  0.46 19.98 ? 144 ARG A O   1 
ATOM   1186 C CB  A ARG A 1 144 ? 2.839   17.274  -7.199  0.54 21.18 ? 144 ARG A CB  1 
ATOM   1187 C CB  B ARG A 1 144 ? 2.907   17.237  -7.237  0.46 21.20 ? 144 ARG A CB  1 
ATOM   1188 C CG  A ARG A 1 144 ? 3.878   17.867  -8.080  0.54 22.21 ? 144 ARG A CG  1 
ATOM   1189 C CG  B ARG A 1 144 ? 3.859   18.240  -7.820  0.46 25.01 ? 144 ARG A CG  1 
ATOM   1190 C CD  A ARG A 1 144 ? 3.377   19.210  -8.614  0.54 24.29 ? 144 ARG A CD  1 
ATOM   1191 C CD  B ARG A 1 144 ? 3.103   19.474  -8.299  0.46 22.43 ? 144 ARG A CD  1 
ATOM   1192 N NE  A ARG A 1 144 ? 3.338   20.227  -7.559  0.54 23.13 ? 144 ARG A NE  1 
ATOM   1193 N NE  B ARG A 1 144 ? 2.051   19.133  -9.252  0.46 25.04 ? 144 ARG A NE  1 
ATOM   1194 C CZ  A ARG A 1 144 ? 2.237   20.773  -7.042  0.54 22.51 ? 144 ARG A CZ  1 
ATOM   1195 C CZ  B ARG A 1 144 ? 0.747   19.155  -8.996  0.46 25.90 ? 144 ARG A CZ  1 
ATOM   1196 N NH1 A ARG A 1 144 ? 1.024   20.440  -7.471  0.54 25.59 ? 144 ARG A NH1 1 
ATOM   1197 N NH1 B ARG A 1 144 ? 0.284   19.523  -7.810  0.46 31.80 ? 144 ARG A NH1 1 
ATOM   1198 N NH2 A ARG A 1 144 ? 2.352   21.669  -6.084  0.54 24.54 ? 144 ARG A NH2 1 
ATOM   1199 N NH2 B ARG A 1 144 ? -0.106  18.819  -9.943  0.46 17.61 ? 144 ARG A NH2 1 
ATOM   1200 N N   . GLN A 1 145 ? 3.329   18.350  -4.310  1.00 19.02 ? 145 GLN A N   1 
ATOM   1201 C CA  . GLN A 1 145 ? 3.940   19.341  -3.386  1.00 24.20 ? 145 GLN A CA  1 
ATOM   1202 C C   . GLN A 1 145 ? 4.682   18.701  -2.229  1.00 21.61 ? 145 GLN A C   1 
ATOM   1203 O O   . GLN A 1 145 ? 5.767   19.114  -1.881  1.00 23.33 ? 145 GLN A O   1 
ATOM   1204 C CB  . GLN A 1 145 ? 2.909   20.305  -2.820  1.00 25.48 ? 145 GLN A CB  1 
ATOM   1205 C CG  . GLN A 1 145 ? 3.547   21.456  -2.050  1.00 38.89 ? 145 GLN A CG  1 
ATOM   1206 C CD  . GLN A 1 145 ? 4.224   22.485  -2.979  1.00 63.28 ? 145 GLN A CD  1 
ATOM   1207 O OE1 . GLN A 1 145 ? 3.581   23.054  -3.862  1.00 48.30 ? 145 GLN A OE1 1 
ATOM   1208 N NE2 . GLN A 1 145 ? 5.524   22.717  -2.778  1.00 53.14 ? 145 GLN A NE2 1 
ATOM   1209 N N   . ILE A 1 146 ? 4.094   17.676  -1.631  1.00 24.14 ? 146 ILE A N   1 
ATOM   1210 C CA  . ILE A 1 146 ? 4.759   16.986  -0.525  1.00 23.37 ? 146 ILE A CA  1 
ATOM   1211 C C   . ILE A 1 146 ? 6.105   16.409  -0.964  1.00 22.10 ? 146 ILE A C   1 
ATOM   1212 O O   . ILE A 1 146 ? 7.103   16.593  -0.279  1.00 17.64 ? 146 ILE A O   1 
ATOM   1213 C CB  . ILE A 1 146 ? 3.882   15.882  0.042   1.00 20.68 ? 146 ILE A CB  1 
ATOM   1214 C CG1 . ILE A 1 146 ? 2.636   16.498  0.689   1.00 29.68 ? 146 ILE A CG1 1 
ATOM   1215 C CG2 . ILE A 1 146 ? 4.697   15.015  1.001   1.00 24.79 ? 146 ILE A CG2 1 
ATOM   1216 C CD1 . ILE A 1 146 ? 1.707   15.481  1.283   1.00 31.09 ? 146 ILE A CD1 1 
ATOM   1217 N N   . LEU A 1 147 ? 6.145   15.759  -2.134  1.00 18.99 ? 147 LEU A N   1 
ATOM   1218 C CA  . LEU A 1 147 ? 7.403   15.281  -2.710  1.00 15.87 ? 147 LEU A CA  1 
ATOM   1219 C C   . LEU A 1 147 ? 8.386   16.371  -3.083  1.00 20.93 ? 147 LEU A C   1 
ATOM   1220 O O   . LEU A 1 147 ? 9.586   16.187  -2.933  1.00 22.62 ? 147 LEU A O   1 
ATOM   1221 C CB  . LEU A 1 147 ? 7.128   14.428  -3.979  1.00 18.34 ? 147 LEU A CB  1 
ATOM   1222 C CG  . LEU A 1 147 ? 6.574   13.053  -3.694  1.00 17.03 ? 147 LEU A CG  1 
ATOM   1223 C CD1 . LEU A 1 147 ? 6.004   12.477  -4.970  1.00 27.08 ? 147 LEU A CD1 1 
ATOM   1224 C CD2 . LEU A 1 147 ? 7.618   12.110  -3.127  1.00 20.95 ? 147 LEU A CD2 1 
ATOM   1225 N N   . HIS A 1 148 ? 7.884   17.480  -3.614  1.00 17.87 ? 148 HIS A N   1 
ATOM   1226 C CA  . HIS A 1 148 ? 8.718   18.619  -3.954  1.00 26.54 ? 148 HIS A CA  1 
ATOM   1227 C C   . HIS A 1 148 ? 9.330   19.228  -2.679  1.00 25.98 ? 148 HIS A C   1 
ATOM   1228 O O   . HIS A 1 148 ? 10.528  19.468  -2.610  1.00 25.34 ? 148 HIS A O   1 
ATOM   1229 C CB  . HIS A 1 148 ? 7.865   19.649  -4.733  1.00 31.73 ? 148 HIS A CB  1 
ATOM   1230 C CG  . HIS A 1 148 ? 8.531   20.969  -4.962  1.00 56.90 ? 148 HIS A CG  1 
ATOM   1231 N ND1 . HIS A 1 148 ? 9.397   21.193  -6.008  1.00 40.26 ? 148 HIS A ND1 1 
ATOM   1232 C CD2 . HIS A 1 148 ? 8.437   22.144  -4.291  1.00 64.56 ? 148 HIS A CD2 1 
ATOM   1233 C CE1 . HIS A 1 148 ? 9.812   22.448  -5.974  1.00 42.99 ? 148 HIS A CE1 1 
ATOM   1234 N NE2 . HIS A 1 148 ? 9.246   23.046  -4.940  1.00 55.04 ? 148 HIS A NE2 1 
ATOM   1235 N N   . THR A 1 149 ? 8.507   19.420  -1.659  1.00 19.39 ? 149 THR A N   1 
ATOM   1236 C CA  . THR A 1 149 ? 8.944   20.042  -0.389  1.00 23.24 ? 149 THR A CA  1 
ATOM   1237 C C   . THR A 1 149 ? 9.992   19.209  0.361   1.00 28.48 ? 149 THR A C   1 
ATOM   1238 O O   . THR A 1 149 ? 10.970  19.744  0.831   1.00 26.52 ? 149 THR A O   1 
ATOM   1239 C CB  . THR A 1 149 ? 7.746   20.270  0.540   1.00 34.91 ? 149 THR A CB  1 
ATOM   1240 O OG1 . THR A 1 149 ? 6.869   21.236  -0.048  1.00 34.22 ? 149 THR A OG1 1 
ATOM   1241 C CG2 . THR A 1 149 ? 8.202   20.783  1.905   1.00 31.16 ? 149 THR A CG2 1 
ATOM   1242 N N   . ARG A 1 150 ? 9.778   17.902  0.471   1.00 20.30 ? 150 ARG A N   1 
ATOM   1243 C CA  . ARG A 1 150 ? 10.662  17.017  1.242   1.00 20.76 ? 150 ARG A CA  1 
ATOM   1244 C C   . ARG A 1 150 ? 11.809  16.446  0.414   1.00 20.56 ? 150 ARG A C   1 
ATOM   1245 O O   . ARG A 1 150 ? 12.767  15.924  0.961   1.00 30.66 ? 150 ARG A O   1 
ATOM   1246 C CB  . ARG A 1 150 ? 9.879   15.818  1.787   1.00 23.01 ? 150 ARG A CB  1 
ATOM   1247 C CG  . ARG A 1 150 ? 8.799   16.138  2.799   1.00 36.13 ? 150 ARG A CG  1 
ATOM   1248 C CD  . ARG A 1 150 ? 9.401   16.616  4.130   1.00 26.34 ? 150 ARG A CD  1 
ATOM   1249 N NE  . ARG A 1 150 ? 10.381  15.682  4.705   1.00 17.57 ? 150 ARG A NE  1 
ATOM   1250 C CZ  . ARG A 1 150 ? 10.094  14.667  5.513   1.00 21.28 ? 150 ARG A CZ  1 
ATOM   1251 N NH1 . ARG A 1 150 ? 8.834   14.396  5.846   1.00 18.25 ? 150 ARG A NH1 1 
ATOM   1252 N NH2 . ARG A 1 150 ? 11.084  13.920  5.993   1.00 22.74 ? 150 ARG A NH2 1 
ATOM   1253 N N   . ALA A 1 151 ? 11.651  16.446  -0.900  1.00 22.43 ? 151 ALA A N   1 
ATOM   1254 C CA  . ALA A 1 151 ? 12.699  15.976  -1.791  1.00 28.60 ? 151 ALA A CA  1 
ATOM   1255 C C   . ALA A 1 151 ? 13.165  14.554  -1.455  1.00 30.64 ? 151 ALA A C   1 
ATOM   1256 O O   . ALA A 1 151 ? 14.356  14.273  -1.465  1.00 32.45 ? 151 ALA A O   1 
ATOM   1257 C CB  . ALA A 1 151 ? 13.901  16.969  -1.777  1.00 33.46 ? 151 ALA A CB  1 
ATOM   1258 N N   . PHE A 1 152 ? 12.236  13.644  -1.168  1.00 26.41 ? 152 PHE A N   1 
ATOM   1259 C CA  . PHE A 1 152 ? 12.636  12.250  -0.939  1.00 23.32 ? 152 PHE A CA  1 
ATOM   1260 C C   . PHE A 1 152 ? 13.347  11.698  -2.208  1.00 25.77 ? 152 PHE A C   1 
ATOM   1261 O O   . PHE A 1 152 ? 12.974  12.028  -3.329  1.00 25.80 ? 152 PHE A O   1 
ATOM   1262 C CB  . PHE A 1 152 ? 11.432  11.387  -0.669  1.00 29.15 ? 152 PHE A CB  1 
ATOM   1263 C CG  . PHE A 1 152 ? 10.703  11.705  0.599   1.00 27.61 ? 152 PHE A CG  1 
ATOM   1264 C CD1 . PHE A 1 152 ? 11.264  11.416  1.827   1.00 30.02 ? 152 PHE A CD1 1 
ATOM   1265 C CD2 . PHE A 1 152 ? 9.429   12.235  0.556   1.00 19.02 ? 152 PHE A CD2 1 
ATOM   1266 C CE1 . PHE A 1 152 ? 10.572  11.679  2.987   1.00 34.55 ? 152 PHE A CE1 1 
ATOM   1267 C CE2 . PHE A 1 152 ? 8.727   12.499  1.719   1.00 22.35 ? 152 PHE A CE2 1 
ATOM   1268 C CZ  . PHE A 1 152 ? 9.294   12.209  2.924   1.00 21.37 ? 152 PHE A CZ  1 
ATOM   1269 N N   . ASP A 1 153 ? 14.342  10.843  -2.024  1.00 26.42 ? 153 ASP A N   1 
ATOM   1270 C CA  . ASP A 1 153 ? 15.007  10.194  -3.152  1.00 37.88 ? 153 ASP A CA  1 
ATOM   1271 C C   . ASP A 1 153 ? 14.039  9.306   -3.927  1.00 28.19 ? 153 ASP A C   1 
ATOM   1272 O O   . ASP A 1 153 ? 13.158  8.686   -3.328  1.00 28.71 ? 153 ASP A O   1 
ATOM   1273 C CB  . ASP A 1 153 ? 16.154  9.334   -2.651  1.00 46.31 ? 153 ASP A CB  1 
ATOM   1274 C CG  . ASP A 1 153 ? 17.266  10.150  -2.065  1.00 72.78 ? 153 ASP A CG  1 
ATOM   1275 O OD1 . ASP A 1 153 ? 17.650  11.147  -2.710  1.00 67.94 ? 153 ASP A OD1 1 
ATOM   1276 O OD2 . ASP A 1 153 ? 17.741  9.801   -0.960  1.00 71.31 ? 153 ASP A OD2 1 
ATOM   1277 N N   . LYS A 1 154 ? 14.181  9.277   -5.248  1.00 33.17 ? 154 LYS A N   1 
ATOM   1278 C CA  . LYS A 1 154 ? 13.406  8.364   -6.066  1.00 28.77 ? 154 LYS A CA  1 
ATOM   1279 C C   . LYS A 1 154 ? 13.781  6.911   -5.694  1.00 26.89 ? 154 LYS A C   1 
ATOM   1280 O O   . LYS A 1 154 ? 14.836  6.673   -5.113  1.00 29.59 ? 154 LYS A O   1 
ATOM   1281 C CB  . LYS A 1 154 ? 13.600  8.676   -7.557  1.00 33.05 ? 154 LYS A CB  1 
ATOM   1282 C CG  . LYS A 1 154 ? 12.707  9.816   -8.042  1.00 33.67 ? 154 LYS A CG  1 
ATOM   1283 C CD  . LYS A 1 154 ? 12.763  10.053  -9.539  1.00 31.00 ? 154 LYS A CD  1 
ATOM   1284 C CE  . LYS A 1 154 ? 12.027  8.975   -10.314 1.00 70.76 ? 154 LYS A CE  1 
ATOM   1285 N NZ  . LYS A 1 154 ? 10.551  9.003   -10.100 1.00 88.79 ? 154 LYS A NZ  1 
ATOM   1286 N N   . LEU A 1 155 ? 12.906  5.944   -5.987  1.00 22.31 ? 155 LEU A N   1 
ATOM   1287 C CA  . LEU A 1 155 ? 13.162  4.569   -5.545  1.00 20.30 ? 155 LEU A CA  1 
ATOM   1288 C C   . LEU A 1 155 ? 13.679  3.753   -6.701  1.00 25.60 ? 155 LEU A C   1 
ATOM   1289 O O   . LEU A 1 155 ? 13.406  4.082   -7.839  1.00 21.68 ? 155 LEU A O   1 
ATOM   1290 C CB  . LEU A 1 155 ? 11.891  3.926   -5.064  1.00 18.53 ? 155 LEU A CB  1 
ATOM   1291 C CG  . LEU A 1 155 ? 11.067  4.717   -4.065  1.00 21.71 ? 155 LEU A CG  1 
ATOM   1292 C CD1 . LEU A 1 155 ? 9.773   3.947   -3.764  1.00 17.61 ? 155 LEU A CD1 1 
ATOM   1293 C CD2 . LEU A 1 155 ? 11.923  5.014   -2.812  1.00 21.81 ? 155 LEU A CD2 1 
ATOM   1294 N N   . ASN A 1 156 ? 14.414  2.689   -6.392  1.00 17.61 ? 156 ASN A N   1 
ATOM   1295 C CA  . ASN A 1 156 ? 14.814  1.715   -7.378  1.00 24.33 ? 156 ASN A CA  1 
ATOM   1296 C C   . ASN A 1 156 ? 13.669  0.738   -7.592  1.00 23.78 ? 156 ASN A C   1 
ATOM   1297 O O   . ASN A 1 156 ? 12.943  0.372   -6.648  1.00 20.16 ? 156 ASN A O   1 
ATOM   1298 C CB  . ASN A 1 156 ? 16.033  0.934   -6.890  1.00 22.47 ? 156 ASN A CB  1 
ATOM   1299 C CG  . ASN A 1 156 ? 17.251  1.794   -6.723  1.00 45.69 ? 156 ASN A CG  1 
ATOM   1300 O OD1 . ASN A 1 156 ? 17.273  2.970   -7.110  1.00 35.99 ? 156 ASN A OD1 1 
ATOM   1301 N ND2 . ASN A 1 156 ? 18.284  1.210   -6.150  1.00 35.81 ? 156 ASN A ND2 1 
ATOM   1302 N N   . LYS A 1 157 ? 13.518  0.310   -8.828  1.00 18.57 ? 157 LYS A N   1 
ATOM   1303 C CA  . LYS A 1 157 ? 12.581  -0.754  -9.151  1.00 23.44 ? 157 LYS A CA  1 
ATOM   1304 C C   . LYS A 1 157 ? 13.151  -2.093  -8.688  1.00 22.95 ? 157 LYS A C   1 
ATOM   1305 O O   . LYS A 1 157 ? 14.371  -2.278  -8.606  1.00 22.37 ? 157 LYS A O   1 
ATOM   1306 C CB  . LYS A 1 157 ? 12.248  -0.740  -10.645 1.00 25.74 ? 157 LYS A CB  1 
ATOM   1307 C CG  . LYS A 1 157 ? 11.301  0.391   -10.994 1.00 27.95 ? 157 LYS A CG  1 
ATOM   1308 C CD  . LYS A 1 157 ? 11.143  0.606   -12.494 1.00 37.45 ? 157 LYS A CD  1 
ATOM   1309 C CE  . LYS A 1 157 ? 10.150  1.747   -12.761 1.00 50.38 ? 157 LYS A CE  1 
ATOM   1310 N NZ  . LYS A 1 157 ? 10.212  2.254   -14.153 1.00 59.34 ? 157 LYS A NZ  1 
ATOM   1311 N N   . TRP A 1 158 ? 12.250  -2.994  -8.312  1.00 23.48 ? 158 TRP A N   1 
ATOM   1312 C CA  . TRP A 1 158 ? 12.636  -4.326  -7.849  1.00 24.19 ? 158 TRP A CA  1 
ATOM   1313 C C   . TRP A 1 158 ? 13.391  -5.052  -8.949  1.00 29.82 ? 158 TRP A C   1 
ATOM   1314 O O   . TRP A 1 158 ? 14.399  -5.744  -8.779  1.00 30.23 ? 158 TRP A O   1 
ATOM   1315 C CB  . TRP A 1 158 ? 11.400  -5.147  -7.490  1.00 22.38 ? 158 TRP A CB  1 
ATOM   1316 C CG  . TRP A 1 158 ? 11.811  -6.409  -6.854  1.00 21.10 ? 158 TRP A CG  1 
ATOM   1317 C CD1 . TRP A 1 158 ? 11.986  -7.592  -7.462  1.00 26.32 ? 158 TRP A CD1 1 
ATOM   1318 C CD2 . TRP A 1 158 ? 12.160  -6.600  -5.476  1.00 24.22 ? 158 TRP A CD2 1 
ATOM   1319 N NE1 . TRP A 1 158 ? 12.414  -8.532  -6.558  1.00 31.22 ? 158 TRP A NE1 1 
ATOM   1320 C CE2 . TRP A 1 158 ? 12.527  -7.943  -5.329  1.00 27.80 ? 158 TRP A CE2 1 
ATOM   1321 C CE3 . TRP A 1 158 ? 12.197  -5.759  -4.352  1.00 26.78 ? 158 TRP A CE3 1 
ATOM   1322 C CZ2 . TRP A 1 158 ? 12.930  -8.467  -4.120  1.00 31.97 ? 158 TRP A CZ2 1 
ATOM   1323 C CZ3 . TRP A 1 158 ? 12.581  -6.281  -3.162  1.00 27.57 ? 158 TRP A CZ3 1 
ATOM   1324 C CH2 . TRP A 1 158 ? 12.951  -7.618  -3.047  1.00 21.78 ? 158 TRP A CH2 1 
ATOM   1325 O OXT . TRP A 1 158 ? 12.961  -4.940  -10.079 1.00 22.64 ? 158 TRP A OXT 1 
HETATM 1326 C C1  . J1A B 2 .   ? -3.668  -1.643  12.868  1.00 50.05 ? 171 J1A A C1  1 
HETATM 1327 N N1  . J1A B 2 .   ? -5.152  0.796   10.905  1.00 36.09 ? 171 J1A A N1  1 
HETATM 1328 O O1  . J1A B 2 .   ? -3.688  -0.511  12.021  1.00 31.80 ? 171 J1A A O1  1 
HETATM 1329 S S1  . J1A B 2 .   ? -1.433  -2.967  11.554  1.00 74.76 ? 171 J1A A S1  1 
HETATM 1330 C C2  . J1A B 2 .   ? -4.848  -2.525  12.372  1.00 40.04 ? 171 J1A A C2  1 
HETATM 1331 N N2  . J1A B 2 .   ? -5.446  2.812   9.966   1.00 24.20 ? 171 J1A A N2  1 
HETATM 1332 O O2  . J1A B 2 .   ? -5.496  -3.198  13.390  1.00 46.27 ? 171 J1A A O2  1 
HETATM 1333 C C3  . J1A B 2 .   ? -5.856  -1.482  11.772  1.00 37.08 ? 171 J1A A C3  1 
HETATM 1334 N N3  . J1A B 2 .   ? -5.202  3.298   7.109   1.00 24.82 ? 171 J1A A N3  1 
HETATM 1335 O O3  . J1A B 2 .   ? -7.094  -1.448  12.394  1.00 34.65 ? 171 J1A A O3  1 
HETATM 1336 C C4  . J1A B 2 .   ? -5.054  -0.151  11.957  1.00 41.47 ? 171 J1A A C4  1 
HETATM 1337 N N4  . J1A B 2 .   ? -4.678  0.956   6.847   1.00 27.43 ? 171 J1A A N4  1 
HETATM 1338 O O4  . J1A B 2 .   ? 6.636   -0.908  3.591   1.00 26.80 ? 171 J1A A O4  1 
HETATM 1339 C C5  . J1A B 2 .   ? -5.441  2.133   11.096  1.00 30.52 ? 171 J1A A C5  1 
HETATM 1340 N N5  . J1A B 2 .   ? -4.624  -0.506  8.828   1.00 30.37 ? 171 J1A A N5  1 
HETATM 1341 C C6  . J1A B 2 .   ? -5.134  1.903   8.999   1.00 38.04 ? 171 J1A A C6  1 
HETATM 1342 N N6  . J1A B 2 .   ? 2.262   -0.894  9.582   1.00 95.19 ? 171 J1A A N6  1 
HETATM 1343 C C7  . J1A B 2 .   ? -4.993  2.066   7.624   1.00 34.03 ? 171 J1A A C7  1 
HETATM 1344 C C8  . J1A B 2 .   ? -4.512  -0.235  7.505   1.00 33.50 ? 171 J1A A C8  1 
HETATM 1345 N N8  . J1A B 2 .   ? 10.298  -0.081  5.327   1.00 31.87 ? 171 J1A A N8  1 
HETATM 1346 C C9  . J1A B 2 .   ? -4.941  0.606   9.540   1.00 34.44 ? 171 J1A A C9  1 
HETATM 1347 N N9  . J1A B 2 .   ? 11.148  0.173   3.164   1.00 23.63 ? 171 J1A A N9  1 
HETATM 1348 C C10 . J1A B 2 .   ? -2.256  -2.248  12.996  1.00 58.84 ? 171 J1A A C10 1 
HETATM 1349 N N10 . J1A B 2 .   ? 8.828   -0.374  3.377   1.00 21.91 ? 171 J1A A N10 1 
HETATM 1350 C C11 . J1A B 2 .   ? 0.050   -1.917  11.224  1.00 82.49 ? 171 J1A A C11 1 
HETATM 1351 N N11 . J1A B 2 .   ? 6.828   -0.945  6.445   1.00 35.97 ? 171 J1A A N11 1 
HETATM 1352 C C12 . J1A B 2 .   ? 1.276   -2.811  11.001  1.00 50.10 ? 171 J1A A C12 1 
HETATM 1353 N N12 . J1A B 2 .   ? 9.454   -0.344  7.511   1.00 38.80 ? 171 J1A A N12 1 
HETATM 1354 C C13 . J1A B 2 .   ? 2.490   -1.929  10.643  1.00 78.32 ? 171 J1A A C13 1 
HETATM 1355 C C14 . J1A B 2 .   ? 0.971   -0.158  9.711   1.00 77.49 ? 171 J1A A C14 1 
HETATM 1356 C C15 . J1A B 2 .   ? -0.227  -1.060  9.978   1.00 64.69 ? 171 J1A A C15 1 
HETATM 1357 C C16 . J1A B 2 .   ? 2.517   -1.365  8.196   1.00 73.79 ? 171 J1A A C16 1 
HETATM 1358 C C18 . J1A B 2 .   ? 6.088   -1.169  8.868   1.00 57.76 ? 171 J1A A C18 1 
HETATM 1359 C C19 . J1A B 2 .   ? 10.067  -0.101  3.976   1.00 29.11 ? 171 J1A A C19 1 
HETATM 1360 C C20 . J1A B 2 .   ? 7.674   -0.673  4.170   1.00 26.72 ? 171 J1A A C20 1 
HETATM 1361 C C21 . J1A B 2 .   ? 7.116   -0.900  7.786   1.00 50.73 ? 171 J1A A C21 1 
HETATM 1362 C C22 . J1A B 2 .   ? 8.415   -0.615  8.289   1.00 35.75 ? 171 J1A A C22 1 
HETATM 1363 C C25 . J1A B 2 .   ? 9.198   -0.364  6.132   1.00 31.48 ? 171 J1A A C25 1 
HETATM 1364 C C26 . J1A B 2 .   ? 7.900   -0.664  5.621   1.00 28.08 ? 171 J1A A C26 1 
HETATM 1365 C C27 . J1A B 2 .   ? 3.918   -0.841  7.822   1.00 78.33 ? 171 J1A A C27 1 
HETATM 1366 N N28 . J1A B 2 .   ? 4.873   -1.816  8.412   1.00 64.59 ? 171 J1A A N28 1 
HETATM 1367 C C1  . EDO C 3 .   ? 5.937   -6.680  7.721   1.00 42.77 ? 191 EDO A C1  1 
HETATM 1368 O O1  . EDO C 3 .   ? 6.203   -5.321  8.127   1.00 35.47 ? 191 EDO A O1  1 
HETATM 1369 C C2  . EDO C 3 .   ? 5.348   -7.556  8.839   1.00 53.81 ? 191 EDO A C2  1 
HETATM 1370 O O2  . EDO C 3 .   ? 4.182   -6.989  9.457   1.00 51.54 ? 191 EDO A O2  1 
HETATM 1371 C C1  . EDO D 3 .   ? 3.341   0.698   2.711   1.00 37.35 ? 192 EDO A C1  1 
HETATM 1372 O O1  . EDO D 3 .   ? 4.752   0.900   2.576   1.00 56.21 ? 192 EDO A O1  1 
HETATM 1373 C C2  . EDO D 3 .   ? 2.965   -0.361  3.749   1.00 37.34 ? 192 EDO A C2  1 
HETATM 1374 O O2  . EDO D 3 .   ? 2.011   -1.206  3.074   1.00 28.10 ? 192 EDO A O2  1 
HETATM 1375 O O   . HOH E 4 .   ? 0.716   -26.935 6.350   1.00 24.56 ? 201 HOH A O   1 
HETATM 1376 O O   . HOH E 4 .   ? -9.955  -18.621 5.511   1.00 21.55 ? 202 HOH A O   1 
HETATM 1377 O O   . HOH E 4 .   ? -7.275  11.184  9.236   1.00 31.83 ? 203 HOH A O   1 
HETATM 1378 O O   . HOH E 4 .   ? -0.271  15.984  -6.885  1.00 19.47 ? 204 HOH A O   1 
HETATM 1379 O O   . HOH E 4 .   ? 2.203   -15.892 -6.527  1.00 24.24 ? 205 HOH A O   1 
HETATM 1380 O O   . HOH E 4 .   ? -10.040 -11.760 -1.978  1.00 23.86 ? 206 HOH A O   1 
HETATM 1381 O O   . HOH E 4 .   ? 4.001   1.201   -0.726  1.00 28.39 ? 207 HOH A O   1 
HETATM 1382 O O   . HOH E 4 .   ? -8.948  9.554   1.736   1.00 18.40 ? 208 HOH A O   1 
HETATM 1383 O O   . HOH E 4 .   ? -7.092  -14.170 0.144   1.00 28.02 ? 209 HOH A O   1 
HETATM 1384 O O   . HOH E 4 .   ? 6.202   15.264  4.892   1.00 26.12 ? 210 HOH A O   1 
HETATM 1385 O O   . HOH E 4 .   ? 13.265  15.719  3.842   1.00 34.37 ? 211 HOH A O   1 
HETATM 1386 O O   . HOH E 4 .   ? 6.956   -14.415 -2.317  1.00 22.51 ? 212 HOH A O   1 
HETATM 1387 O O   . HOH E 4 .   ? 0.598   18.521  -12.967 1.00 31.83 ? 213 HOH A O   1 
HETATM 1388 O O   . HOH E 4 .   ? -4.990  -4.166  6.179   1.00 27.59 ? 214 HOH A O   1 
HETATM 1389 O O   . HOH E 4 .   ? 3.653   -20.597 1.729   1.00 24.96 ? 215 HOH A O   1 
HETATM 1390 O O   . HOH E 4 .   ? -7.387  13.955  -6.299  1.00 31.93 ? 216 HOH A O   1 
HETATM 1391 O O   . HOH E 4 .   ? -5.300  15.175  4.280   1.00 25.73 ? 217 HOH A O   1 
HETATM 1392 O O   . HOH E 4 .   ? 0.426   11.246  6.506   1.00 32.26 ? 218 HOH A O   1 
HETATM 1393 O O   . HOH E 4 .   ? -8.414  13.261  -1.782  1.00 33.37 ? 219 HOH A O   1 
HETATM 1394 O O   . HOH E 4 .   ? 1.618   -18.302 1.532   1.00 32.32 ? 220 HOH A O   1 
HETATM 1395 O O   . HOH E 4 .   ? -5.023  -3.228  9.011   1.00 29.26 ? 221 HOH A O   1 
HETATM 1396 O O   . HOH E 4 .   ? 10.815  -12.781 -5.406  1.00 29.37 ? 222 HOH A O   1 
HETATM 1397 O O   . HOH E 4 .   ? -4.290  -15.229 -4.441  1.00 32.25 ? 223 HOH A O   1 
HETATM 1398 O O   . HOH E 4 .   ? 3.617   8.434   -14.005 1.00 36.08 ? 224 HOH A O   1 
HETATM 1399 O O   . HOH E 4 .   ? 10.937  10.858  6.795   1.00 26.62 ? 225 HOH A O   1 
HETATM 1400 O O   . HOH E 4 .   ? -0.110  14.110  -15.208 1.00 43.01 ? 226 HOH A O   1 
HETATM 1401 O O   . HOH E 4 .   ? -3.578  11.755  -11.259 1.00 32.55 ? 227 HOH A O   1 
HETATM 1402 O O   . HOH E 4 .   ? 14.902  2.254   -3.620  1.00 28.10 ? 228 HOH A O   1 
HETATM 1403 O O   . HOH E 4 .   ? 16.421  -3.595  -7.507  1.00 30.08 ? 229 HOH A O   1 
HETATM 1404 O O   . HOH E 4 .   ? -15.458 6.154   -8.409  1.00 51.97 ? 230 HOH A O   1 
HETATM 1405 O O   . HOH E 4 .   ? 6.304   -15.075 5.658   1.00 33.76 ? 231 HOH A O   1 
HETATM 1406 O O   . HOH E 4 .   ? 8.017   -3.299  -11.651 1.00 30.31 ? 232 HOH A O   1 
HETATM 1407 O O   . HOH E 4 .   ? -12.114 -16.175 1.912   1.00 27.16 ? 233 HOH A O   1 
HETATM 1408 O O   . HOH E 4 .   ? 12.907  -11.318 -6.436  1.00 33.16 ? 234 HOH A O   1 
HETATM 1409 O O   . HOH E 4 .   ? -6.654  4.299   13.874  1.00 33.09 ? 235 HOH A O   1 
HETATM 1410 O O   . HOH E 4 .   ? 1.412   16.429  -10.617 1.00 26.19 ? 236 HOH A O   1 
HETATM 1411 O O   . HOH E 4 .   ? -7.592  -12.993 -11.158 1.00 46.37 ? 237 HOH A O   1 
HETATM 1412 O O   . HOH E 4 .   ? 10.329  -4.200  -11.158 1.00 36.33 ? 238 HOH A O   1 
HETATM 1413 O O   . HOH E 4 .   ? 15.231  -7.728  -9.965  1.00 46.83 ? 239 HOH A O   1 
HETATM 1414 O O   . HOH E 4 .   ? -6.976  8.809   14.117  1.00 39.99 ? 240 HOH A O   1 
HETATM 1415 O O   . HOH E 4 .   ? -4.665  11.450  8.927   1.00 33.24 ? 241 HOH A O   1 
HETATM 1416 O O   . HOH E 4 .   ? -8.682  -3.380  12.885  1.00 27.69 ? 242 HOH A O   1 
HETATM 1417 O O   . HOH E 4 .   ? 12.393  7.857   -0.612  1.00 25.57 ? 243 HOH A O   1 
HETATM 1418 O O   . HOH E 4 .   ? 11.602  -11.738 6.293   1.00 47.12 ? 244 HOH A O   1 
HETATM 1419 O O   . HOH E 4 .   ? -8.761  -14.353 -1.445  1.00 31.95 ? 245 HOH A O   1 
HETATM 1420 O O   . HOH E 4 .   ? -13.431 1.953   11.395  1.00 44.31 ? 246 HOH A O   1 
HETATM 1421 O O   . HOH E 4 .   ? 13.494  -8.463  0.465   1.00 34.19 ? 247 HOH A O   1 
HETATM 1422 O O   . HOH E 4 .   ? 4.220   -21.214 13.117  1.00 40.97 ? 248 HOH A O   1 
HETATM 1423 O O   . HOH E 4 .   ? 11.423  7.925   3.202   1.00 23.06 ? 249 HOH A O   1 
HETATM 1424 O O   . HOH E 4 .   ? 15.112  -5.562  -12.237 1.00 40.78 ? 250 HOH A O   1 
HETATM 1425 O O   . HOH E 4 .   ? -6.649  5.211   -12.097 1.00 37.35 ? 251 HOH A O   1 
HETATM 1426 O O   . HOH E 4 .   ? -17.747 3.556   -1.139  1.00 37.69 ? 252 HOH A O   1 
HETATM 1427 O O   . HOH E 4 .   ? -5.679  6.629   -10.234 1.00 34.89 ? 253 HOH A O   1 
HETATM 1428 O O   . HOH E 4 .   ? 14.821  -11.612 -4.593  1.00 48.63 ? 254 HOH A O   1 
HETATM 1429 O O   . HOH E 4 .   ? 12.171  4.570   -10.204 1.00 43.64 ? 255 HOH A O   1 
HETATM 1430 O O   . HOH E 4 .   ? 11.384  -15.710 0.561   1.00 42.21 ? 256 HOH A O   1 
HETATM 1431 O O   . HOH E 4 .   ? 9.770   19.976  -8.057  1.00 38.09 ? 257 HOH A O   1 
HETATM 1432 O O   . HOH E 4 .   ? -16.662 -2.682  -9.130  1.00 50.51 ? 258 HOH A O   1 
HETATM 1433 O O   . HOH E 4 .   ? -4.282  1.865   -15.468 1.00 34.04 ? 259 HOH A O   1 
HETATM 1434 O O   . HOH E 4 .   ? -12.923 8.424   -5.192  1.00 43.56 ? 260 HOH A O   1 
HETATM 1435 O O   . HOH E 4 .   ? 4.769   -12.434 12.610  1.00 42.41 ? 261 HOH A O   1 
HETATM 1436 O O   . HOH E 4 .   ? 11.687  19.932  3.010   1.00 39.78 ? 262 HOH A O   1 
HETATM 1437 O O   . HOH E 4 .   ? 10.488  6.816   -7.625  1.00 42.44 ? 263 HOH A O   1 
HETATM 1438 O O   . HOH E 4 .   ? -3.136  5.224   9.491   1.00 31.64 ? 264 HOH A O   1 
HETATM 1439 O O   . HOH E 4 .   ? 12.649  -5.678  7.111   1.00 41.77 ? 265 HOH A O   1 
HETATM 1440 O O   . HOH E 4 .   ? -1.199  19.406  -11.809 1.00 42.04 ? 266 HOH A O   1 
HETATM 1441 O O   . HOH E 4 .   ? -14.926 13.270  5.114   1.00 44.89 ? 267 HOH A O   1 
HETATM 1442 O O   . HOH E 4 .   ? 3.906   1.876   11.025  1.00 54.32 ? 268 HOH A O   1 
HETATM 1443 O O   . HOH E 4 .   ? -15.501 9.410   13.648  1.00 49.16 ? 269 HOH A O   1 
HETATM 1444 O O   . HOH E 4 .   ? -17.627 1.557   -7.899  1.00 56.70 ? 270 HOH A O   1 
HETATM 1445 O O   . HOH E 4 .   ? 7.048   -20.121 -9.548  1.00 40.62 ? 271 HOH A O   1 
HETATM 1446 O O   . HOH E 4 .   ? 9.654   -17.345 -1.044  1.00 58.32 ? 272 HOH A O   1 
HETATM 1447 O O   . HOH E 4 .   ? -12.415 12.168  11.477  1.00 45.52 ? 273 HOH A O   1 
HETATM 1448 O O   . HOH E 4 .   ? 3.150   11.995  10.272  1.00 42.34 ? 274 HOH A O   1 
HETATM 1449 O O   . HOH E 4 .   ? -14.611 9.172   10.718  1.00 37.21 ? 275 HOH A O   1 
HETATM 1450 O O   . HOH E 4 .   ? -21.671 -2.942  0.419   1.00 47.79 ? 276 HOH A O   1 
HETATM 1451 O O   . HOH E 4 .   ? 0.922   20.696  -0.307  1.00 37.80 ? 277 HOH A O   1 
HETATM 1452 O O   . HOH E 4 .   ? 11.319  5.885   1.287   1.00 42.27 ? 278 HOH A O   1 
HETATM 1453 O O   . HOH E 4 .   ? 11.525  -1.669  9.066   1.00 46.02 ? 279 HOH A O   1 
HETATM 1454 O O   . HOH E 4 .   ? 2.350   3.142   -2.043  1.00 32.96 ? 280 HOH A O   1 
HETATM 1455 O O   . HOH E 4 .   ? 13.125  3.018   2.924   1.00 41.53 ? 281 HOH A O   1 
HETATM 1456 O O   . HOH E 4 .   ? 16.276  -0.956  -10.727 1.00 53.36 ? 282 HOH A O   1 
HETATM 1457 O O   . HOH E 4 .   ? -18.841 -8.204  -6.973  1.00 53.02 ? 283 HOH A O   1 
HETATM 1458 O O   . HOH E 4 .   ? -9.687  -6.386  -10.234 1.00 35.57 ? 284 HOH A O   1 
HETATM 1459 O O   . HOH E 4 .   ? -0.330  15.910  -17.540 1.00 44.08 ? 285 HOH A O   1 
HETATM 1460 O O   . HOH E 4 .   ? 8.290   8.422   10.096  1.00 39.80 ? 286 HOH A O   1 
HETATM 1461 O O   . HOH E 4 .   ? -12.766 -7.288  -9.115  1.00 43.56 ? 287 HOH A O   1 
HETATM 1462 O O   . HOH E 4 .   ? 14.097  3.959   4.824   1.00 59.63 ? 288 HOH A O   1 
HETATM 1463 O O   . HOH E 4 .   ? -6.742  15.282  7.006   1.00 43.79 ? 289 HOH A O   1 
HETATM 1464 O O   . HOH E 4 .   ? 14.019  18.065  3.058   1.00 48.67 ? 290 HOH A O   1 
HETATM 1465 O O   . HOH E 4 .   ? -8.431  11.242  -4.526  1.00 53.75 ? 291 HOH A O   1 
HETATM 1466 O O   . HOH E 4 .   ? -15.168 5.466   16.351  1.00 36.45 ? 292 HOH A O   1 
HETATM 1467 O O   . HOH E 4 .   ? 6.187   -14.114 -9.895  1.00 42.08 ? 293 HOH A O   1 
HETATM 1468 O O   . HOH E 4 .   ? -18.086 -7.850  1.397   1.00 34.79 ? 294 HOH A O   1 
HETATM 1469 O O   . HOH E 4 .   ? -0.815  -19.526 0.282   1.00 54.89 ? 295 HOH A O   1 
HETATM 1470 O O   . HOH E 4 .   ? -17.048 -4.614  10.391  1.00 40.32 ? 296 HOH A O   1 
HETATM 1471 O O   . HOH E 4 .   ? -18.191 5.712   1.890   1.00 47.02 ? 297 HOH A O   1 
HETATM 1472 O O   . HOH E 4 .   ? 7.682   7.190   -8.992  1.00 42.86 ? 298 HOH A O   1 
HETATM 1473 O O   . HOH E 4 .   ? -2.431  -10.596 10.365  1.00 47.94 ? 299 HOH A O   1 
HETATM 1474 O O   . HOH E 4 .   ? -7.182  11.200  -1.268  1.00 50.67 ? 300 HOH A O   1 
HETATM 1475 O O   . HOH E 4 .   ? -1.041  -14.640 11.819  1.00 41.90 ? 301 HOH A O   1 
HETATM 1476 O O   . HOH E 4 .   ? -8.362  -11.300 -9.561  1.00 50.91 ? 302 HOH A O   1 
HETATM 1477 O O   . HOH E 4 .   ? -5.656  11.733  -9.817  1.00 48.52 ? 303 HOH A O   1 
HETATM 1478 O O   . HOH E 4 .   ? -1.374  -3.089  7.845   1.00 44.15 ? 304 HOH A O   1 
HETATM 1479 O O   . HOH E 4 .   ? 0.120   16.349  6.475   1.00 40.12 ? 305 HOH A O   1 
HETATM 1480 O O   . HOH E 4 .   ? -2.994  -4.608  9.235   0.91 44.67 ? 306 HOH A O   1 
# 
loop_
_pdbx_poly_seq_scheme.asym_id 
_pdbx_poly_seq_scheme.entity_id 
_pdbx_poly_seq_scheme.seq_id 
_pdbx_poly_seq_scheme.mon_id 
_pdbx_poly_seq_scheme.ndb_seq_num 
_pdbx_poly_seq_scheme.pdb_seq_num 
_pdbx_poly_seq_scheme.auth_seq_num 
_pdbx_poly_seq_scheme.pdb_mon_id 
_pdbx_poly_seq_scheme.auth_mon_id 
_pdbx_poly_seq_scheme.pdb_strand_id 
_pdbx_poly_seq_scheme.pdb_ins_code 
_pdbx_poly_seq_scheme.hetero 
A 1 1   THR 1   1   1   THR THR A . n 
A 1 2   VAL 2   2   2   VAL VAL A . n 
A 1 3   ALA 3   3   3   ALA ALA A . n 
A 1 4   TYR 4   4   4   TYR TYR A . n 
A 1 5   ILE 5   5   5   ILE ILE A . n 
A 1 6   ALA 6   6   6   ALA ALA A . n 
A 1 7   ILE 7   7   7   ILE ILE A . n 
A 1 8   GLY 8   8   8   GLY GLY A . n 
A 1 9   SER 9   9   9   SER SER A . n 
A 1 10  ASN 10  10  10  ASN ASN A . n 
A 1 11  LEU 11  11  11  LEU LEU A . n 
A 1 12  ALA 12  12  12  ALA ALA A . n 
A 1 13  SER 13  13  13  SER SER A . n 
A 1 14  PRO 14  14  14  PRO PRO A . n 
A 1 15  LEU 15  15  15  LEU LEU A . n 
A 1 16  GLU 16  16  16  GLU GLU A . n 
A 1 17  GLN 17  17  17  GLN GLN A . n 
A 1 18  VAL 18  18  18  VAL VAL A . n 
A 1 19  ASN 19  19  19  ASN ASN A . n 
A 1 20  ALA 20  20  20  ALA ALA A . n 
A 1 21  ALA 21  21  21  ALA ALA A . n 
A 1 22  LEU 22  22  22  LEU LEU A . n 
A 1 23  LYS 23  23  23  LYS LYS A . n 
A 1 24  ALA 24  24  24  ALA ALA A . n 
A 1 25  LEU 25  25  25  LEU LEU A . n 
A 1 26  GLY 26  26  26  GLY GLY A . n 
A 1 27  ASP 27  27  27  ASP ASP A . n 
A 1 28  ILE 28  28  28  ILE ILE A . n 
A 1 29  PRO 29  29  29  PRO PRO A . n 
A 1 30  GLU 30  30  30  GLU GLU A . n 
A 1 31  SER 31  31  31  SER SER A . n 
A 1 32  HIS 32  32  32  HIS HIS A . n 
A 1 33  ILE 33  33  33  ILE ILE A . n 
A 1 34  LEU 34  34  34  LEU LEU A . n 
A 1 35  THR 35  35  35  THR THR A . n 
A 1 36  VAL 36  36  36  VAL VAL A . n 
A 1 37  SER 37  37  37  SER SER A . n 
A 1 38  SER 38  38  38  SER SER A . n 
A 1 39  PHE 39  39  39  PHE PHE A . n 
A 1 40  TYR 40  40  40  TYR TYR A . n 
A 1 41  ARG 41  41  41  ARG ARG A . n 
A 1 42  THR 42  42  42  THR THR A . n 
A 1 43  PRO 43  43  43  PRO PRO A . n 
A 1 44  PRO 44  44  44  PRO PRO A . n 
A 1 45  LEU 45  45  45  LEU LEU A . n 
A 1 46  GLY 46  46  46  GLY GLY A . n 
A 1 47  PRO 47  47  47  PRO PRO A . n 
A 1 48  GLN 48  48  48  GLN GLN A . n 
A 1 49  ASP 49  49  49  ASP ASP A . n 
A 1 50  GLN 50  50  50  GLN GLN A . n 
A 1 51  PRO 51  51  51  PRO PRO A . n 
A 1 52  ASP 52  52  52  ASP ASP A . n 
A 1 53  TYR 53  53  53  TYR TYR A . n 
A 1 54  LEU 54  54  54  LEU LEU A . n 
A 1 55  ASN 55  55  55  ASN ASN A . n 
A 1 56  ALA 56  56  56  ALA ALA A . n 
A 1 57  ALA 57  57  57  ALA ALA A . n 
A 1 58  VAL 58  58  58  VAL VAL A . n 
A 1 59  ALA 59  59  59  ALA ALA A . n 
A 1 60  LEU 60  60  60  LEU LEU A . n 
A 1 61  GLU 61  61  61  GLU GLU A . n 
A 1 62  THR 62  62  62  THR THR A . n 
A 1 63  SER 63  63  63  SER SER A . n 
A 1 64  LEU 64  64  64  LEU LEU A . n 
A 1 65  ALA 65  65  65  ALA ALA A . n 
A 1 66  PRO 66  66  66  PRO PRO A . n 
A 1 67  GLU 67  67  67  GLU GLU A . n 
A 1 68  GLU 68  68  68  GLU GLU A . n 
A 1 69  LEU 69  69  69  LEU LEU A . n 
A 1 70  LEU 70  70  70  LEU LEU A . n 
A 1 71  ASN 71  71  71  ASN ASN A . n 
A 1 72  HIS 72  72  72  HIS HIS A . n 
A 1 73  THR 73  73  73  THR THR A . n 
A 1 74  GLN 74  74  74  GLN GLN A . n 
A 1 75  ARG 75  75  75  ARG ARG A . n 
A 1 76  ILE 76  76  76  ILE ILE A . n 
A 1 77  GLU 77  77  77  GLU GLU A . n 
A 1 78  LEU 78  78  78  LEU LEU A . n 
A 1 79  GLN 79  79  79  GLN GLN A . n 
A 1 80  GLN 80  80  80  GLN GLN A . n 
A 1 81  GLY 81  81  81  GLY GLY A . n 
A 1 82  ARG 82  82  82  ARG ARG A . n 
A 1 83  VAL 83  83  83  VAL VAL A . n 
A 1 84  ARG 84  84  84  ARG ARG A . n 
A 1 85  LYS 85  85  85  LYS LYS A . n 
A 1 86  ALA 86  86  86  ALA ALA A . n 
A 1 87  GLU 87  87  87  GLU GLU A . n 
A 1 88  ARG 88  88  88  ARG ARG A . n 
A 1 89  TRP 89  89  89  TRP TRP A . n 
A 1 90  GLY 90  90  90  GLY GLY A . n 
A 1 91  PRO 91  91  91  PRO PRO A . n 
A 1 92  ARG 92  92  92  ARG ARG A . n 
A 1 93  THR 93  93  93  THR THR A . n 
A 1 94  LEU 94  94  94  LEU LEU A . n 
A 1 95  ASP 95  95  95  ASP ASP A . n 
A 1 96  LEU 96  96  96  LEU LEU A . n 
A 1 97  ASP 97  97  97  ASP ASP A . n 
A 1 98  ILE 98  98  98  ILE ILE A . n 
A 1 99  MET 99  99  99  MET MET A . n 
A 1 100 LEU 100 100 100 LEU LEU A . n 
A 1 101 PHE 101 101 101 PHE PHE A . n 
A 1 102 GLY 102 102 102 GLY GLY A . n 
A 1 103 ASN 103 103 103 ASN ASN A . n 
A 1 104 GLU 104 104 104 GLU GLU A . n 
A 1 105 VAL 105 105 105 VAL VAL A . n 
A 1 106 ILE 106 106 106 ILE ILE A . n 
A 1 107 ASN 107 107 107 ASN ASN A . n 
A 1 108 THR 108 108 108 THR THR A . n 
A 1 109 GLU 109 109 109 GLU GLU A . n 
A 1 110 ARG 110 110 110 ARG ARG A . n 
A 1 111 LEU 111 111 111 LEU LEU A . n 
A 1 112 THR 112 112 112 THR THR A . n 
A 1 113 VAL 113 113 113 VAL VAL A . n 
A 1 114 PRO 114 114 114 PRO PRO A . n 
A 1 115 HIS 115 115 115 HIS HIS A . n 
A 1 116 TYR 116 116 116 TYR TYR A . n 
A 1 117 ASP 117 117 117 ASP ASP A . n 
A 1 118 MET 118 118 118 MET MET A . n 
A 1 119 LYS 119 119 119 LYS LYS A . n 
A 1 120 ASN 120 120 120 ASN ASN A . n 
A 1 121 ARG 121 121 121 ARG ARG A . n 
A 1 122 GLY 122 122 122 GLY GLY A . n 
A 1 123 PHE 123 123 123 PHE PHE A . n 
A 1 124 MET 124 124 124 MET MET A . n 
A 1 125 LEU 125 125 125 LEU LEU A . n 
A 1 126 TRP 126 126 126 TRP TRP A . n 
A 1 127 PRO 127 127 127 PRO PRO A . n 
A 1 128 LEU 128 128 128 LEU LEU A . n 
A 1 129 PHE 129 129 129 PHE PHE A . n 
A 1 130 GLU 130 130 130 GLU GLU A . n 
A 1 131 ILE 131 131 131 ILE ILE A . n 
A 1 132 ALA 132 132 132 ALA ALA A . n 
A 1 133 PRO 133 133 133 PRO PRO A . n 
A 1 134 GLU 134 134 134 GLU GLU A . n 
A 1 135 LEU 135 135 135 LEU LEU A . n 
A 1 136 VAL 136 136 136 VAL VAL A . n 
A 1 137 PHE 137 137 137 PHE PHE A . n 
A 1 138 PRO 138 138 138 PRO PRO A . n 
A 1 139 ASP 139 139 139 ASP ASP A . n 
A 1 140 GLY 140 140 140 GLY GLY A . n 
A 1 141 GLU 141 141 141 GLU GLU A . n 
A 1 142 MET 142 142 142 MET MET A . n 
A 1 143 LEU 143 143 143 LEU LEU A . n 
A 1 144 ARG 144 144 144 ARG ARG A . n 
A 1 145 GLN 145 145 145 GLN GLN A . n 
A 1 146 ILE 146 146 146 ILE ILE A . n 
A 1 147 LEU 147 147 147 LEU LEU A . n 
A 1 148 HIS 148 148 148 HIS HIS A . n 
A 1 149 THR 149 149 149 THR THR A . n 
A 1 150 ARG 150 150 150 ARG ARG A . n 
A 1 151 ALA 151 151 151 ALA ALA A . n 
A 1 152 PHE 152 152 152 PHE PHE A . n 
A 1 153 ASP 153 153 153 ASP ASP A . n 
A 1 154 LYS 154 154 154 LYS LYS A . n 
A 1 155 LEU 155 155 155 LEU LEU A . n 
A 1 156 ASN 156 156 156 ASN ASN A . n 
A 1 157 LYS 157 157 157 LYS LYS A . n 
A 1 158 TRP 158 158 158 TRP TRP A . n 
# 
loop_
_pdbx_nonpoly_scheme.asym_id 
_pdbx_nonpoly_scheme.entity_id 
_pdbx_nonpoly_scheme.mon_id 
_pdbx_nonpoly_scheme.ndb_seq_num 
_pdbx_nonpoly_scheme.pdb_seq_num 
_pdbx_nonpoly_scheme.auth_seq_num 
_pdbx_nonpoly_scheme.pdb_mon_id 
_pdbx_nonpoly_scheme.auth_mon_id 
_pdbx_nonpoly_scheme.pdb_strand_id 
_pdbx_nonpoly_scheme.pdb_ins_code 
B 2 J1A 1   171 171 J1A J1A A . 
C 3 EDO 1   191 191 EDO EDO A . 
D 3 EDO 1   192 192 EDO EDO A . 
E 4 HOH 1   201 201 HOH HOH A . 
E 4 HOH 2   202 202 HOH HOH A . 
E 4 HOH 3   203 203 HOH HOH A . 
E 4 HOH 4   204 204 HOH HOH A . 
E 4 HOH 5   205 205 HOH HOH A . 
E 4 HOH 6   206 206 HOH HOH A . 
E 4 HOH 7   207 207 HOH HOH A . 
E 4 HOH 8   208 208 HOH HOH A . 
E 4 HOH 9   209 209 HOH HOH A . 
E 4 HOH 10  210 210 HOH HOH A . 
E 4 HOH 11  211 211 HOH HOH A . 
E 4 HOH 12  212 212 HOH HOH A . 
E 4 HOH 13  213 213 HOH HOH A . 
E 4 HOH 14  214 214 HOH HOH A . 
E 4 HOH 15  215 215 HOH HOH A . 
E 4 HOH 16  216 216 HOH HOH A . 
E 4 HOH 17  217 217 HOH HOH A . 
E 4 HOH 18  218 218 HOH HOH A . 
E 4 HOH 19  219 219 HOH HOH A . 
E 4 HOH 20  220 220 HOH HOH A . 
E 4 HOH 21  221 221 HOH HOH A . 
E 4 HOH 22  222 222 HOH HOH A . 
E 4 HOH 23  223 223 HOH HOH A . 
E 4 HOH 24  224 224 HOH HOH A . 
E 4 HOH 25  225 225 HOH HOH A . 
E 4 HOH 26  226 226 HOH HOH A . 
E 4 HOH 27  227 227 HOH HOH A . 
E 4 HOH 28  228 228 HOH HOH A . 
E 4 HOH 29  229 229 HOH HOH A . 
E 4 HOH 30  230 230 HOH HOH A . 
E 4 HOH 31  231 231 HOH HOH A . 
E 4 HOH 32  232 232 HOH HOH A . 
E 4 HOH 33  233 233 HOH HOH A . 
E 4 HOH 34  234 234 HOH HOH A . 
E 4 HOH 35  235 235 HOH HOH A . 
E 4 HOH 36  236 236 HOH HOH A . 
E 4 HOH 37  237 237 HOH HOH A . 
E 4 HOH 38  238 238 HOH HOH A . 
E 4 HOH 39  239 239 HOH HOH A . 
E 4 HOH 40  240 240 HOH HOH A . 
E 4 HOH 41  241 241 HOH HOH A . 
E 4 HOH 42  242 242 HOH HOH A . 
E 4 HOH 43  243 243 HOH HOH A . 
E 4 HOH 44  244 244 HOH HOH A . 
E 4 HOH 45  245 245 HOH HOH A . 
E 4 HOH 46  246 246 HOH HOH A . 
E 4 HOH 47  247 247 HOH HOH A . 
E 4 HOH 48  248 248 HOH HOH A . 
E 4 HOH 49  249 249 HOH HOH A . 
E 4 HOH 50  250 250 HOH HOH A . 
E 4 HOH 51  251 251 HOH HOH A . 
E 4 HOH 52  252 252 HOH HOH A . 
E 4 HOH 53  253 253 HOH HOH A . 
E 4 HOH 54  254 254 HOH HOH A . 
E 4 HOH 55  255 255 HOH HOH A . 
E 4 HOH 56  256 256 HOH HOH A . 
E 4 HOH 57  257 257 HOH HOH A . 
E 4 HOH 58  258 258 HOH HOH A . 
E 4 HOH 59  259 259 HOH HOH A . 
E 4 HOH 60  260 260 HOH HOH A . 
E 4 HOH 61  261 261 HOH HOH A . 
E 4 HOH 62  262 262 HOH HOH A . 
E 4 HOH 63  263 263 HOH HOH A . 
E 4 HOH 64  264 264 HOH HOH A . 
E 4 HOH 65  265 265 HOH HOH A . 
E 4 HOH 66  266 266 HOH HOH A . 
E 4 HOH 67  267 267 HOH HOH A . 
E 4 HOH 68  268 268 HOH HOH A . 
E 4 HOH 69  269 269 HOH HOH A . 
E 4 HOH 70  270 270 HOH HOH A . 
E 4 HOH 71  271 271 HOH HOH A . 
E 4 HOH 72  272 272 HOH HOH A . 
E 4 HOH 73  273 273 HOH HOH A . 
E 4 HOH 74  274 274 HOH HOH A . 
E 4 HOH 75  275 275 HOH HOH A . 
E 4 HOH 76  276 276 HOH HOH A . 
E 4 HOH 77  277 277 HOH HOH A . 
E 4 HOH 78  278 278 HOH HOH A . 
E 4 HOH 79  279 279 HOH HOH A . 
E 4 HOH 80  280 280 HOH HOH A . 
E 4 HOH 81  281 281 HOH HOH A . 
E 4 HOH 82  282 282 HOH HOH A . 
E 4 HOH 83  283 283 HOH HOH A . 
E 4 HOH 84  284 284 HOH HOH A . 
E 4 HOH 85  285 285 HOH HOH A . 
E 4 HOH 86  286 286 HOH HOH A . 
E 4 HOH 87  287 287 HOH HOH A . 
E 4 HOH 88  288 288 HOH HOH A . 
E 4 HOH 89  289 289 HOH HOH A . 
E 4 HOH 90  290 290 HOH HOH A . 
E 4 HOH 91  291 291 HOH HOH A . 
E 4 HOH 92  292 292 HOH HOH A . 
E 4 HOH 93  293 293 HOH HOH A . 
E 4 HOH 94  294 294 HOH HOH A . 
E 4 HOH 95  295 295 HOH HOH A . 
E 4 HOH 96  296 296 HOH HOH A . 
E 4 HOH 97  297 297 HOH HOH A . 
E 4 HOH 98  298 298 HOH HOH A . 
E 4 HOH 99  299 299 HOH HOH A . 
E 4 HOH 100 300 300 HOH HOH A . 
E 4 HOH 101 301 301 HOH HOH A . 
E 4 HOH 102 302 302 HOH HOH A . 
E 4 HOH 103 303 303 HOH HOH A . 
E 4 HOH 104 304 304 HOH HOH A . 
E 4 HOH 105 305 305 HOH HOH A . 
E 4 HOH 106 306 306 HOH HOH A . 
# 
_pdbx_struct_assembly.id                   1 
_pdbx_struct_assembly.details              author_and_software_defined_assembly 
_pdbx_struct_assembly.method_details       PISA 
_pdbx_struct_assembly.oligomeric_details   monomeric 
_pdbx_struct_assembly.oligomeric_count     1 
# 
_pdbx_struct_assembly_gen.assembly_id       1 
_pdbx_struct_assembly_gen.oper_expression   1 
_pdbx_struct_assembly_gen.asym_id_list      A,B,C,D,E 
# 
_pdbx_struct_oper_list.id                   1 
_pdbx_struct_oper_list.type                 'identity operation' 
_pdbx_struct_oper_list.name                 1_555 
_pdbx_struct_oper_list.symmetry_operation   x,y,z 
_pdbx_struct_oper_list.matrix[1][1]         1.0000000000 
_pdbx_struct_oper_list.matrix[1][2]         0.0000000000 
_pdbx_struct_oper_list.matrix[1][3]         0.0000000000 
_pdbx_struct_oper_list.vector[1]            0.0000000000 
_pdbx_struct_oper_list.matrix[2][1]         0.0000000000 
_pdbx_struct_oper_list.matrix[2][2]         1.0000000000 
_pdbx_struct_oper_list.matrix[2][3]         0.0000000000 
_pdbx_struct_oper_list.vector[2]            0.0000000000 
_pdbx_struct_oper_list.matrix[3][1]         0.0000000000 
_pdbx_struct_oper_list.matrix[3][2]         0.0000000000 
_pdbx_struct_oper_list.matrix[3][3]         1.0000000000 
_pdbx_struct_oper_list.vector[3]            0.0000000000 
# 
loop_
_pdbx_audit_revision_history.ordinal 
_pdbx_audit_revision_history.data_content_type 
_pdbx_audit_revision_history.major_revision 
_pdbx_audit_revision_history.minor_revision 
_pdbx_audit_revision_history.revision_date 
1 'Structure model' 1 0 2012-01-04 
2 'Structure model' 1 1 2012-01-18 
3 'Structure model' 1 2 2023-08-30 
4 'Structure model' 1 3 2023-09-13 
# 
_pdbx_audit_revision_details.ordinal             1 
_pdbx_audit_revision_details.revision_ordinal    1 
_pdbx_audit_revision_details.data_content_type   'Structure model' 
_pdbx_audit_revision_details.provider            repository 
_pdbx_audit_revision_details.type                'Initial release' 
_pdbx_audit_revision_details.description         ? 
_pdbx_audit_revision_details.details             ? 
# 
loop_
_pdbx_audit_revision_group.ordinal 
_pdbx_audit_revision_group.revision_ordinal 
_pdbx_audit_revision_group.data_content_type 
_pdbx_audit_revision_group.group 
1 2 'Structure model' 'Database references'    
2 3 'Structure model' 'Data collection'        
3 3 'Structure model' 'Database references'    
4 3 'Structure model' 'Derived calculations'   
5 3 'Structure model' 'Structure summary'      
6 4 'Structure model' 'Refinement description' 
# 
loop_
_pdbx_audit_revision_category.ordinal 
_pdbx_audit_revision_category.revision_ordinal 
_pdbx_audit_revision_category.data_content_type 
_pdbx_audit_revision_category.category 
1 3 'Structure model' audit_author                  
2 3 'Structure model' chem_comp_atom                
3 3 'Structure model' chem_comp_bond                
4 3 'Structure model' citation_author               
5 3 'Structure model' database_2                    
6 3 'Structure model' struct_site                   
7 4 'Structure model' pdbx_initial_refinement_model 
# 
loop_
_pdbx_audit_revision_item.ordinal 
_pdbx_audit_revision_item.revision_ordinal 
_pdbx_audit_revision_item.data_content_type 
_pdbx_audit_revision_item.item 
1 3 'Structure model' '_audit_author.identifier_ORCID'      
2 3 'Structure model' '_citation_author.identifier_ORCID'   
3 3 'Structure model' '_database_2.pdbx_DOI'                
4 3 'Structure model' '_database_2.pdbx_database_accession' 
5 3 'Structure model' '_struct_site.pdbx_auth_asym_id'      
6 3 'Structure model' '_struct_site.pdbx_auth_comp_id'      
7 3 'Structure model' '_struct_site.pdbx_auth_seq_id'       
# 
_diffrn_reflns.diffrn_id                   1 
_diffrn_reflns.pdbx_d_res_high             1.900 
_diffrn_reflns.pdbx_d_res_low              30.000 
_diffrn_reflns.pdbx_number_obs             10236 
_diffrn_reflns.pdbx_Rmerge_I_obs           0.089 
_diffrn_reflns.pdbx_Rsym_value             ? 
_diffrn_reflns.pdbx_chi_squared            0.92 
_diffrn_reflns.av_sigmaI_over_netI         ? 
_diffrn_reflns.pdbx_redundancy             6.50 
_diffrn_reflns.pdbx_percent_possible_obs   87.00 
_diffrn_reflns.number                      66903 
_diffrn_reflns.pdbx_observed_criterion     ? 
_diffrn_reflns.limit_h_max                 ? 
_diffrn_reflns.limit_h_min                 ? 
_diffrn_reflns.limit_k_max                 ? 
_diffrn_reflns.limit_k_min                 ? 
_diffrn_reflns.limit_l_max                 ? 
_diffrn_reflns.limit_l_min                 ? 
# 
loop_
_pdbx_diffrn_reflns_shell.diffrn_id 
_pdbx_diffrn_reflns_shell.d_res_high 
_pdbx_diffrn_reflns_shell.d_res_low 
_pdbx_diffrn_reflns_shell.number_obs 
_pdbx_diffrn_reflns_shell.rejects 
_pdbx_diffrn_reflns_shell.Rmerge_I_obs 
_pdbx_diffrn_reflns_shell.Rsym_value 
_pdbx_diffrn_reflns_shell.chi_squared 
_pdbx_diffrn_reflns_shell.redundancy 
_pdbx_diffrn_reflns_shell.percent_possible_obs 
1 1.90 1.97  ? ? 0.320 ? 0.904 5.30 61.70 
1 1.97 2.05  ? ? 0.252 ? 0.919 5.80 67.30 
1 2.05 2.14  ? ? 0.219 ? 0.755 6.20 75.40 
1 2.14 2.25  ? ? 0.184 ? 0.895 6.30 81.70 
1 2.25 2.39  ? ? 0.161 ? 0.965 6.50 91.50 
1 2.39 2.58  ? ? 0.139 ? 0.960 6.80 97.80 
1 2.58 2.84  ? ? 0.116 ? 0.949 7.10 99.70 
1 2.84 3.25  ? ? 0.087 ? 0.990 7.10 99.70 
1 3.25 4.09  ? ? 0.069 ? 0.860 6.80 97.10 
1 4.09 30.00 ? ? 0.066 ? 0.955 6.60 97.70 
# 
loop_
_software.pdbx_ordinal 
_software.name 
_software.version 
_software.date 
_software.type 
_software.contact_author 
_software.contact_author_email 
_software.classification 
_software.location 
_software.language 
_software.citation_id 
1 PHENIX      1.7.2_869 ?               package 'Paul D. Adams' PDAdams@lbl.gov          refinement        
http://www.phenix-online.org/             C++ ? 
2 PDB_EXTRACT 3.10      'June 10, 2010' package PDB             deposit@deposit.rcsb.org 'data extraction' 
http://sw-tools.pdb.org/apps/PDB_EXTRACT/ C++ ? 
3 HKL-2000    .         ?               ?       ?               ?                        'data collection' ? ?   ? 
4 HKL-2000    .         ?               ?       ?               ?                        'data reduction'  ? ?   ? 
5 HKL-2000    .         ?               ?       ?               ?                        'data scaling'    ? ?   ? 
6 PHENIX      .         ?               ?       ?               ?                        phasing           ? ?   ? 
# 
loop_
_pdbx_validate_torsion.id 
_pdbx_validate_torsion.PDB_model_num 
_pdbx_validate_torsion.auth_comp_id 
_pdbx_validate_torsion.auth_asym_id 
_pdbx_validate_torsion.auth_seq_id 
_pdbx_validate_torsion.PDB_ins_code 
_pdbx_validate_torsion.label_alt_id 
_pdbx_validate_torsion.phi 
_pdbx_validate_torsion.psi 
1 1 LYS A 85 ? ? -112.11 55.47  
2 1 ALA A 86 ? ? 70.40   -74.25 
# 
loop_
_chem_comp_atom.comp_id 
_chem_comp_atom.atom_id 
_chem_comp_atom.type_symbol 
_chem_comp_atom.pdbx_aromatic_flag 
_chem_comp_atom.pdbx_stereo_config 
_chem_comp_atom.pdbx_ordinal 
ALA N    N N N 1   
ALA CA   C N S 2   
ALA C    C N N 3   
ALA O    O N N 4   
ALA CB   C N N 5   
ALA OXT  O N N 6   
ALA H    H N N 7   
ALA H2   H N N 8   
ALA HA   H N N 9   
ALA HB1  H N N 10  
ALA HB2  H N N 11  
ALA HB3  H N N 12  
ALA HXT  H N N 13  
ARG N    N N N 14  
ARG CA   C N S 15  
ARG C    C N N 16  
ARG O    O N N 17  
ARG CB   C N N 18  
ARG CG   C N N 19  
ARG CD   C N N 20  
ARG NE   N N N 21  
ARG CZ   C N N 22  
ARG NH1  N N N 23  
ARG NH2  N N N 24  
ARG OXT  O N N 25  
ARG H    H N N 26  
ARG H2   H N N 27  
ARG HA   H N N 28  
ARG HB2  H N N 29  
ARG HB3  H N N 30  
ARG HG2  H N N 31  
ARG HG3  H N N 32  
ARG HD2  H N N 33  
ARG HD3  H N N 34  
ARG HE   H N N 35  
ARG HH11 H N N 36  
ARG HH12 H N N 37  
ARG HH21 H N N 38  
ARG HH22 H N N 39  
ARG HXT  H N N 40  
ASN N    N N N 41  
ASN CA   C N S 42  
ASN C    C N N 43  
ASN O    O N N 44  
ASN CB   C N N 45  
ASN CG   C N N 46  
ASN OD1  O N N 47  
ASN ND2  N N N 48  
ASN OXT  O N N 49  
ASN H    H N N 50  
ASN H2   H N N 51  
ASN HA   H N N 52  
ASN HB2  H N N 53  
ASN HB3  H N N 54  
ASN HD21 H N N 55  
ASN HD22 H N N 56  
ASN HXT  H N N 57  
ASP N    N N N 58  
ASP CA   C N S 59  
ASP C    C N N 60  
ASP O    O N N 61  
ASP CB   C N N 62  
ASP CG   C N N 63  
ASP OD1  O N N 64  
ASP OD2  O N N 65  
ASP OXT  O N N 66  
ASP H    H N N 67  
ASP H2   H N N 68  
ASP HA   H N N 69  
ASP HB2  H N N 70  
ASP HB3  H N N 71  
ASP HD2  H N N 72  
ASP HXT  H N N 73  
EDO C1   C N N 74  
EDO O1   O N N 75  
EDO C2   C N N 76  
EDO O2   O N N 77  
EDO H11  H N N 78  
EDO H12  H N N 79  
EDO HO1  H N N 80  
EDO H21  H N N 81  
EDO H22  H N N 82  
EDO HO2  H N N 83  
GLN N    N N N 84  
GLN CA   C N S 85  
GLN C    C N N 86  
GLN O    O N N 87  
GLN CB   C N N 88  
GLN CG   C N N 89  
GLN CD   C N N 90  
GLN OE1  O N N 91  
GLN NE2  N N N 92  
GLN OXT  O N N 93  
GLN H    H N N 94  
GLN H2   H N N 95  
GLN HA   H N N 96  
GLN HB2  H N N 97  
GLN HB3  H N N 98  
GLN HG2  H N N 99  
GLN HG3  H N N 100 
GLN HE21 H N N 101 
GLN HE22 H N N 102 
GLN HXT  H N N 103 
GLU N    N N N 104 
GLU CA   C N S 105 
GLU C    C N N 106 
GLU O    O N N 107 
GLU CB   C N N 108 
GLU CG   C N N 109 
GLU CD   C N N 110 
GLU OE1  O N N 111 
GLU OE2  O N N 112 
GLU OXT  O N N 113 
GLU H    H N N 114 
GLU H2   H N N 115 
GLU HA   H N N 116 
GLU HB2  H N N 117 
GLU HB3  H N N 118 
GLU HG2  H N N 119 
GLU HG3  H N N 120 
GLU HE2  H N N 121 
GLU HXT  H N N 122 
GLY N    N N N 123 
GLY CA   C N N 124 
GLY C    C N N 125 
GLY O    O N N 126 
GLY OXT  O N N 127 
GLY H    H N N 128 
GLY H2   H N N 129 
GLY HA2  H N N 130 
GLY HA3  H N N 131 
GLY HXT  H N N 132 
HIS N    N N N 133 
HIS CA   C N S 134 
HIS C    C N N 135 
HIS O    O N N 136 
HIS CB   C N N 137 
HIS CG   C Y N 138 
HIS ND1  N Y N 139 
HIS CD2  C Y N 140 
HIS CE1  C Y N 141 
HIS NE2  N Y N 142 
HIS OXT  O N N 143 
HIS H    H N N 144 
HIS H2   H N N 145 
HIS HA   H N N 146 
HIS HB2  H N N 147 
HIS HB3  H N N 148 
HIS HD1  H N N 149 
HIS HD2  H N N 150 
HIS HE1  H N N 151 
HIS HE2  H N N 152 
HIS HXT  H N N 153 
HOH O    O N N 154 
HOH H1   H N N 155 
HOH H2   H N N 156 
ILE N    N N N 157 
ILE CA   C N S 158 
ILE C    C N N 159 
ILE O    O N N 160 
ILE CB   C N S 161 
ILE CG1  C N N 162 
ILE CG2  C N N 163 
ILE CD1  C N N 164 
ILE OXT  O N N 165 
ILE H    H N N 166 
ILE H2   H N N 167 
ILE HA   H N N 168 
ILE HB   H N N 169 
ILE HG12 H N N 170 
ILE HG13 H N N 171 
ILE HG21 H N N 172 
ILE HG22 H N N 173 
ILE HG23 H N N 174 
ILE HD11 H N N 175 
ILE HD12 H N N 176 
ILE HD13 H N N 177 
ILE HXT  H N N 178 
J1A C1   C N S 179 
J1A N1   N Y N 180 
J1A O1   O N N 181 
J1A S1   S N N 182 
J1A C2   C N S 183 
J1A N2   N Y N 184 
J1A O2   O N N 185 
J1A C3   C N R 186 
J1A N3   N N N 187 
J1A O3   O N N 188 
J1A C4   C N R 189 
J1A N4   N Y N 190 
J1A O4   O N N 191 
J1A C5   C Y N 192 
J1A N5   N Y N 193 
J1A C6   C Y N 194 
J1A N6   N N N 195 
J1A C7   C Y N 196 
J1A C8   C Y N 197 
J1A N8   N N N 198 
J1A C9   C Y N 199 
J1A N9   N N N 200 
J1A C10  C N N 201 
J1A N10  N N N 202 
J1A C11  C N N 203 
J1A N11  N Y N 204 
J1A C12  C N N 205 
J1A N12  N Y N 206 
J1A C13  C N N 207 
J1A C14  C N N 208 
J1A C15  C N N 209 
J1A C16  C N N 210 
J1A C18  C N N 211 
J1A C19  C N N 212 
J1A C20  C N N 213 
J1A C21  C Y N 214 
J1A C22  C Y N 215 
J1A C25  C Y N 216 
J1A C26  C Y N 217 
J1A C27  C N N 218 
J1A N28  N N N 219 
J1A H1   H N N 220 
J1A H2   H N N 221 
J1A HO2  H N N 222 
J1A H3   H N N 223 
J1A HN3  H N N 224 
J1A HN3A H N N 225 
J1A HO3  H N N 226 
J1A H4   H N N 227 
J1A H5   H N N 228 
J1A H8   H N N 229 
J1A HN9  H N N 230 
J1A HN9A H N N 231 
J1A H10  H N N 232 
J1A H10A H N N 233 
J1A HN10 H N N 234 
J1A H11  H N N 235 
J1A H12  H N N 236 
J1A H12A H N N 237 
J1A H13  H N N 238 
J1A H13A H N N 239 
J1A H14  H N N 240 
J1A H14A H N N 241 
J1A H15  H N N 242 
J1A H15A H N N 243 
J1A H16  H N N 244 
J1A H16A H N N 245 
J1A H18  H N N 246 
J1A H18A H N N 247 
J1A H22  H N N 248 
J1A H27  H N N 249 
J1A H27A H N N 250 
J1A HN28 H N N 251 
LEU N    N N N 252 
LEU CA   C N S 253 
LEU C    C N N 254 
LEU O    O N N 255 
LEU CB   C N N 256 
LEU CG   C N N 257 
LEU CD1  C N N 258 
LEU CD2  C N N 259 
LEU OXT  O N N 260 
LEU H    H N N 261 
LEU H2   H N N 262 
LEU HA   H N N 263 
LEU HB2  H N N 264 
LEU HB3  H N N 265 
LEU HG   H N N 266 
LEU HD11 H N N 267 
LEU HD12 H N N 268 
LEU HD13 H N N 269 
LEU HD21 H N N 270 
LEU HD22 H N N 271 
LEU HD23 H N N 272 
LEU HXT  H N N 273 
LYS N    N N N 274 
LYS CA   C N S 275 
LYS C    C N N 276 
LYS O    O N N 277 
LYS CB   C N N 278 
LYS CG   C N N 279 
LYS CD   C N N 280 
LYS CE   C N N 281 
LYS NZ   N N N 282 
LYS OXT  O N N 283 
LYS H    H N N 284 
LYS H2   H N N 285 
LYS HA   H N N 286 
LYS HB2  H N N 287 
LYS HB3  H N N 288 
LYS HG2  H N N 289 
LYS HG3  H N N 290 
LYS HD2  H N N 291 
LYS HD3  H N N 292 
LYS HE2  H N N 293 
LYS HE3  H N N 294 
LYS HZ1  H N N 295 
LYS HZ2  H N N 296 
LYS HZ3  H N N 297 
LYS HXT  H N N 298 
MET N    N N N 299 
MET CA   C N S 300 
MET C    C N N 301 
MET O    O N N 302 
MET CB   C N N 303 
MET CG   C N N 304 
MET SD   S N N 305 
MET CE   C N N 306 
MET OXT  O N N 307 
MET H    H N N 308 
MET H2   H N N 309 
MET HA   H N N 310 
MET HB2  H N N 311 
MET HB3  H N N 312 
MET HG2  H N N 313 
MET HG3  H N N 314 
MET HE1  H N N 315 
MET HE2  H N N 316 
MET HE3  H N N 317 
MET HXT  H N N 318 
PHE N    N N N 319 
PHE CA   C N S 320 
PHE C    C N N 321 
PHE O    O N N 322 
PHE CB   C N N 323 
PHE CG   C Y N 324 
PHE CD1  C Y N 325 
PHE CD2  C Y N 326 
PHE CE1  C Y N 327 
PHE CE2  C Y N 328 
PHE CZ   C Y N 329 
PHE OXT  O N N 330 
PHE H    H N N 331 
PHE H2   H N N 332 
PHE HA   H N N 333 
PHE HB2  H N N 334 
PHE HB3  H N N 335 
PHE HD1  H N N 336 
PHE HD2  H N N 337 
PHE HE1  H N N 338 
PHE HE2  H N N 339 
PHE HZ   H N N 340 
PHE HXT  H N N 341 
PRO N    N N N 342 
PRO CA   C N S 343 
PRO C    C N N 344 
PRO O    O N N 345 
PRO CB   C N N 346 
PRO CG   C N N 347 
PRO CD   C N N 348 
PRO OXT  O N N 349 
PRO H    H N N 350 
PRO HA   H N N 351 
PRO HB2  H N N 352 
PRO HB3  H N N 353 
PRO HG2  H N N 354 
PRO HG3  H N N 355 
PRO HD2  H N N 356 
PRO HD3  H N N 357 
PRO HXT  H N N 358 
SER N    N N N 359 
SER CA   C N S 360 
SER C    C N N 361 
SER O    O N N 362 
SER CB   C N N 363 
SER OG   O N N 364 
SER OXT  O N N 365 
SER H    H N N 366 
SER H2   H N N 367 
SER HA   H N N 368 
SER HB2  H N N 369 
SER HB3  H N N 370 
SER HG   H N N 371 
SER HXT  H N N 372 
THR N    N N N 373 
THR CA   C N S 374 
THR C    C N N 375 
THR O    O N N 376 
THR CB   C N R 377 
THR OG1  O N N 378 
THR CG2  C N N 379 
THR OXT  O N N 380 
THR H    H N N 381 
THR H2   H N N 382 
THR HA   H N N 383 
THR HB   H N N 384 
THR HG1  H N N 385 
THR HG21 H N N 386 
THR HG22 H N N 387 
THR HG23 H N N 388 
THR HXT  H N N 389 
TRP N    N N N 390 
TRP CA   C N S 391 
TRP C    C N N 392 
TRP O    O N N 393 
TRP CB   C N N 394 
TRP CG   C Y N 395 
TRP CD1  C Y N 396 
TRP CD2  C Y N 397 
TRP NE1  N Y N 398 
TRP CE2  C Y N 399 
TRP CE3  C Y N 400 
TRP CZ2  C Y N 401 
TRP CZ3  C Y N 402 
TRP CH2  C Y N 403 
TRP OXT  O N N 404 
TRP H    H N N 405 
TRP H2   H N N 406 
TRP HA   H N N 407 
TRP HB2  H N N 408 
TRP HB3  H N N 409 
TRP HD1  H N N 410 
TRP HE1  H N N 411 
TRP HE3  H N N 412 
TRP HZ2  H N N 413 
TRP HZ3  H N N 414 
TRP HH2  H N N 415 
TRP HXT  H N N 416 
TYR N    N N N 417 
TYR CA   C N S 418 
TYR C    C N N 419 
TYR O    O N N 420 
TYR CB   C N N 421 
TYR CG   C Y N 422 
TYR CD1  C Y N 423 
TYR CD2  C Y N 424 
TYR CE1  C Y N 425 
TYR CE2  C Y N 426 
TYR CZ   C Y N 427 
TYR OH   O N N 428 
TYR OXT  O N N 429 
TYR H    H N N 430 
TYR H2   H N N 431 
TYR HA   H N N 432 
TYR HB2  H N N 433 
TYR HB3  H N N 434 
TYR HD1  H N N 435 
TYR HD2  H N N 436 
TYR HE1  H N N 437 
TYR HE2  H N N 438 
TYR HH   H N N 439 
TYR HXT  H N N 440 
VAL N    N N N 441 
VAL CA   C N S 442 
VAL C    C N N 443 
VAL O    O N N 444 
VAL CB   C N N 445 
VAL CG1  C N N 446 
VAL CG2  C N N 447 
VAL OXT  O N N 448 
VAL H    H N N 449 
VAL H2   H N N 450 
VAL HA   H N N 451 
VAL HB   H N N 452 
VAL HG11 H N N 453 
VAL HG12 H N N 454 
VAL HG13 H N N 455 
VAL HG21 H N N 456 
VAL HG22 H N N 457 
VAL HG23 H N N 458 
VAL HXT  H N N 459 
# 
loop_
_chem_comp_bond.comp_id 
_chem_comp_bond.atom_id_1 
_chem_comp_bond.atom_id_2 
_chem_comp_bond.value_order 
_chem_comp_bond.pdbx_aromatic_flag 
_chem_comp_bond.pdbx_stereo_config 
_chem_comp_bond.pdbx_ordinal 
ALA N   CA   sing N N 1   
ALA N   H    sing N N 2   
ALA N   H2   sing N N 3   
ALA CA  C    sing N N 4   
ALA CA  CB   sing N N 5   
ALA CA  HA   sing N N 6   
ALA C   O    doub N N 7   
ALA C   OXT  sing N N 8   
ALA CB  HB1  sing N N 9   
ALA CB  HB2  sing N N 10  
ALA CB  HB3  sing N N 11  
ALA OXT HXT  sing N N 12  
ARG N   CA   sing N N 13  
ARG N   H    sing N N 14  
ARG N   H2   sing N N 15  
ARG CA  C    sing N N 16  
ARG CA  CB   sing N N 17  
ARG CA  HA   sing N N 18  
ARG C   O    doub N N 19  
ARG C   OXT  sing N N 20  
ARG CB  CG   sing N N 21  
ARG CB  HB2  sing N N 22  
ARG CB  HB3  sing N N 23  
ARG CG  CD   sing N N 24  
ARG CG  HG2  sing N N 25  
ARG CG  HG3  sing N N 26  
ARG CD  NE   sing N N 27  
ARG CD  HD2  sing N N 28  
ARG CD  HD3  sing N N 29  
ARG NE  CZ   sing N N 30  
ARG NE  HE   sing N N 31  
ARG CZ  NH1  sing N N 32  
ARG CZ  NH2  doub N N 33  
ARG NH1 HH11 sing N N 34  
ARG NH1 HH12 sing N N 35  
ARG NH2 HH21 sing N N 36  
ARG NH2 HH22 sing N N 37  
ARG OXT HXT  sing N N 38  
ASN N   CA   sing N N 39  
ASN N   H    sing N N 40  
ASN N   H2   sing N N 41  
ASN CA  C    sing N N 42  
ASN CA  CB   sing N N 43  
ASN CA  HA   sing N N 44  
ASN C   O    doub N N 45  
ASN C   OXT  sing N N 46  
ASN CB  CG   sing N N 47  
ASN CB  HB2  sing N N 48  
ASN CB  HB3  sing N N 49  
ASN CG  OD1  doub N N 50  
ASN CG  ND2  sing N N 51  
ASN ND2 HD21 sing N N 52  
ASN ND2 HD22 sing N N 53  
ASN OXT HXT  sing N N 54  
ASP N   CA   sing N N 55  
ASP N   H    sing N N 56  
ASP N   H2   sing N N 57  
ASP CA  C    sing N N 58  
ASP CA  CB   sing N N 59  
ASP CA  HA   sing N N 60  
ASP C   O    doub N N 61  
ASP C   OXT  sing N N 62  
ASP CB  CG   sing N N 63  
ASP CB  HB2  sing N N 64  
ASP CB  HB3  sing N N 65  
ASP CG  OD1  doub N N 66  
ASP CG  OD2  sing N N 67  
ASP OD2 HD2  sing N N 68  
ASP OXT HXT  sing N N 69  
EDO C1  O1   sing N N 70  
EDO C1  C2   sing N N 71  
EDO C1  H11  sing N N 72  
EDO C1  H12  sing N N 73  
EDO O1  HO1  sing N N 74  
EDO C2  O2   sing N N 75  
EDO C2  H21  sing N N 76  
EDO C2  H22  sing N N 77  
EDO O2  HO2  sing N N 78  
GLN N   CA   sing N N 79  
GLN N   H    sing N N 80  
GLN N   H2   sing N N 81  
GLN CA  C    sing N N 82  
GLN CA  CB   sing N N 83  
GLN CA  HA   sing N N 84  
GLN C   O    doub N N 85  
GLN C   OXT  sing N N 86  
GLN CB  CG   sing N N 87  
GLN CB  HB2  sing N N 88  
GLN CB  HB3  sing N N 89  
GLN CG  CD   sing N N 90  
GLN CG  HG2  sing N N 91  
GLN CG  HG3  sing N N 92  
GLN CD  OE1  doub N N 93  
GLN CD  NE2  sing N N 94  
GLN NE2 HE21 sing N N 95  
GLN NE2 HE22 sing N N 96  
GLN OXT HXT  sing N N 97  
GLU N   CA   sing N N 98  
GLU N   H    sing N N 99  
GLU N   H2   sing N N 100 
GLU CA  C    sing N N 101 
GLU CA  CB   sing N N 102 
GLU CA  HA   sing N N 103 
GLU C   O    doub N N 104 
GLU C   OXT  sing N N 105 
GLU CB  CG   sing N N 106 
GLU CB  HB2  sing N N 107 
GLU CB  HB3  sing N N 108 
GLU CG  CD   sing N N 109 
GLU CG  HG2  sing N N 110 
GLU CG  HG3  sing N N 111 
GLU CD  OE1  doub N N 112 
GLU CD  OE2  sing N N 113 
GLU OE2 HE2  sing N N 114 
GLU OXT HXT  sing N N 115 
GLY N   CA   sing N N 116 
GLY N   H    sing N N 117 
GLY N   H2   sing N N 118 
GLY CA  C    sing N N 119 
GLY CA  HA2  sing N N 120 
GLY CA  HA3  sing N N 121 
GLY C   O    doub N N 122 
GLY C   OXT  sing N N 123 
GLY OXT HXT  sing N N 124 
HIS N   CA   sing N N 125 
HIS N   H    sing N N 126 
HIS N   H2   sing N N 127 
HIS CA  C    sing N N 128 
HIS CA  CB   sing N N 129 
HIS CA  HA   sing N N 130 
HIS C   O    doub N N 131 
HIS C   OXT  sing N N 132 
HIS CB  CG   sing N N 133 
HIS CB  HB2  sing N N 134 
HIS CB  HB3  sing N N 135 
HIS CG  ND1  sing Y N 136 
HIS CG  CD2  doub Y N 137 
HIS ND1 CE1  doub Y N 138 
HIS ND1 HD1  sing N N 139 
HIS CD2 NE2  sing Y N 140 
HIS CD2 HD2  sing N N 141 
HIS CE1 NE2  sing Y N 142 
HIS CE1 HE1  sing N N 143 
HIS NE2 HE2  sing N N 144 
HIS OXT HXT  sing N N 145 
HOH O   H1   sing N N 146 
HOH O   H2   sing N N 147 
ILE N   CA   sing N N 148 
ILE N   H    sing N N 149 
ILE N   H2   sing N N 150 
ILE CA  C    sing N N 151 
ILE CA  CB   sing N N 152 
ILE CA  HA   sing N N 153 
ILE C   O    doub N N 154 
ILE C   OXT  sing N N 155 
ILE CB  CG1  sing N N 156 
ILE CB  CG2  sing N N 157 
ILE CB  HB   sing N N 158 
ILE CG1 CD1  sing N N 159 
ILE CG1 HG12 sing N N 160 
ILE CG1 HG13 sing N N 161 
ILE CG2 HG21 sing N N 162 
ILE CG2 HG22 sing N N 163 
ILE CG2 HG23 sing N N 164 
ILE CD1 HD11 sing N N 165 
ILE CD1 HD12 sing N N 166 
ILE CD1 HD13 sing N N 167 
ILE OXT HXT  sing N N 168 
J1A C2  C1   sing N N 169 
J1A C10 C1   sing N N 170 
J1A C1  O1   sing N N 171 
J1A C1  H1   sing N N 172 
J1A C4  N1   sing N N 173 
J1A N1  C9   sing Y N 174 
J1A N1  C5   sing Y N 175 
J1A O1  C4   sing N N 176 
J1A C10 S1   sing N N 177 
J1A S1  C11  sing N N 178 
J1A O2  C2   sing N N 179 
J1A C2  C3   sing N N 180 
J1A C2  H2   sing N N 181 
J1A C5  N2   doub Y N 182 
J1A C6  N2   sing Y N 183 
J1A O2  HO2  sing N N 184 
J1A O3  C3   sing N N 185 
J1A C3  C4   sing N N 186 
J1A C3  H3   sing N N 187 
J1A C7  N3   sing N N 188 
J1A N3  HN3  sing N N 189 
J1A N3  HN3A sing N N 190 
J1A O3  HO3  sing N N 191 
J1A C4  H4   sing N N 192 
J1A C8  N4   doub Y N 193 
J1A N4  C7   sing Y N 194 
J1A O4  C20  doub N N 195 
J1A C5  H5   sing N N 196 
J1A N5  C9   doub Y N 197 
J1A N5  C8   sing Y N 198 
J1A C9  C6   sing Y N 199 
J1A C6  C7   doub Y N 200 
J1A C13 N6   sing N N 201 
J1A N6  C14  sing N N 202 
J1A N6  C16  sing N N 203 
J1A C8  H8   sing N N 204 
J1A C25 N8   sing N N 205 
J1A N8  C19  doub N N 206 
J1A C19 N9   sing N N 207 
J1A N9  HN9  sing N N 208 
J1A N9  HN9A sing N N 209 
J1A C10 H10  sing N N 210 
J1A C10 H10A sing N N 211 
J1A C20 N10  sing N N 212 
J1A N10 C19  sing N N 213 
J1A N10 HN10 sing N N 214 
J1A C12 C11  sing N N 215 
J1A C11 C15  sing N N 216 
J1A C11 H11  sing N N 217 
J1A C21 N11  doub Y N 218 
J1A N11 C26  sing Y N 219 
J1A C12 C13  sing N N 220 
J1A C12 H12  sing N N 221 
J1A C12 H12A sing N N 222 
J1A C22 N12  doub Y N 223 
J1A N12 C25  sing Y N 224 
J1A C13 H13  sing N N 225 
J1A C13 H13A sing N N 226 
J1A C15 C14  sing N N 227 
J1A C14 H14  sing N N 228 
J1A C14 H14A sing N N 229 
J1A C15 H15  sing N N 230 
J1A C15 H15A sing N N 231 
J1A C16 C27  sing N N 232 
J1A C16 H16  sing N N 233 
J1A C16 H16A sing N N 234 
J1A N28 C18  sing N N 235 
J1A C18 C21  sing N N 236 
J1A C18 H18  sing N N 237 
J1A C18 H18A sing N N 238 
J1A C26 C20  sing N N 239 
J1A C21 C22  sing Y N 240 
J1A C22 H22  sing N N 241 
J1A C26 C25  doub Y N 242 
J1A N28 C27  sing N N 243 
J1A C27 H27  sing N N 244 
J1A C27 H27A sing N N 245 
J1A N28 HN28 sing N N 246 
LEU N   CA   sing N N 247 
LEU N   H    sing N N 248 
LEU N   H2   sing N N 249 
LEU CA  C    sing N N 250 
LEU CA  CB   sing N N 251 
LEU CA  HA   sing N N 252 
LEU C   O    doub N N 253 
LEU C   OXT  sing N N 254 
LEU CB  CG   sing N N 255 
LEU CB  HB2  sing N N 256 
LEU CB  HB3  sing N N 257 
LEU CG  CD1  sing N N 258 
LEU CG  CD2  sing N N 259 
LEU CG  HG   sing N N 260 
LEU CD1 HD11 sing N N 261 
LEU CD1 HD12 sing N N 262 
LEU CD1 HD13 sing N N 263 
LEU CD2 HD21 sing N N 264 
LEU CD2 HD22 sing N N 265 
LEU CD2 HD23 sing N N 266 
LEU OXT HXT  sing N N 267 
LYS N   CA   sing N N 268 
LYS N   H    sing N N 269 
LYS N   H2   sing N N 270 
LYS CA  C    sing N N 271 
LYS CA  CB   sing N N 272 
LYS CA  HA   sing N N 273 
LYS C   O    doub N N 274 
LYS C   OXT  sing N N 275 
LYS CB  CG   sing N N 276 
LYS CB  HB2  sing N N 277 
LYS CB  HB3  sing N N 278 
LYS CG  CD   sing N N 279 
LYS CG  HG2  sing N N 280 
LYS CG  HG3  sing N N 281 
LYS CD  CE   sing N N 282 
LYS CD  HD2  sing N N 283 
LYS CD  HD3  sing N N 284 
LYS CE  NZ   sing N N 285 
LYS CE  HE2  sing N N 286 
LYS CE  HE3  sing N N 287 
LYS NZ  HZ1  sing N N 288 
LYS NZ  HZ2  sing N N 289 
LYS NZ  HZ3  sing N N 290 
LYS OXT HXT  sing N N 291 
MET N   CA   sing N N 292 
MET N   H    sing N N 293 
MET N   H2   sing N N 294 
MET CA  C    sing N N 295 
MET CA  CB   sing N N 296 
MET CA  HA   sing N N 297 
MET C   O    doub N N 298 
MET C   OXT  sing N N 299 
MET CB  CG   sing N N 300 
MET CB  HB2  sing N N 301 
MET CB  HB3  sing N N 302 
MET CG  SD   sing N N 303 
MET CG  HG2  sing N N 304 
MET CG  HG3  sing N N 305 
MET SD  CE   sing N N 306 
MET CE  HE1  sing N N 307 
MET CE  HE2  sing N N 308 
MET CE  HE3  sing N N 309 
MET OXT HXT  sing N N 310 
PHE N   CA   sing N N 311 
PHE N   H    sing N N 312 
PHE N   H2   sing N N 313 
PHE CA  C    sing N N 314 
PHE CA  CB   sing N N 315 
PHE CA  HA   sing N N 316 
PHE C   O    doub N N 317 
PHE C   OXT  sing N N 318 
PHE CB  CG   sing N N 319 
PHE CB  HB2  sing N N 320 
PHE CB  HB3  sing N N 321 
PHE CG  CD1  doub Y N 322 
PHE CG  CD2  sing Y N 323 
PHE CD1 CE1  sing Y N 324 
PHE CD1 HD1  sing N N 325 
PHE CD2 CE2  doub Y N 326 
PHE CD2 HD2  sing N N 327 
PHE CE1 CZ   doub Y N 328 
PHE CE1 HE1  sing N N 329 
PHE CE2 CZ   sing Y N 330 
PHE CE2 HE2  sing N N 331 
PHE CZ  HZ   sing N N 332 
PHE OXT HXT  sing N N 333 
PRO N   CA   sing N N 334 
PRO N   CD   sing N N 335 
PRO N   H    sing N N 336 
PRO CA  C    sing N N 337 
PRO CA  CB   sing N N 338 
PRO CA  HA   sing N N 339 
PRO C   O    doub N N 340 
PRO C   OXT  sing N N 341 
PRO CB  CG   sing N N 342 
PRO CB  HB2  sing N N 343 
PRO CB  HB3  sing N N 344 
PRO CG  CD   sing N N 345 
PRO CG  HG2  sing N N 346 
PRO CG  HG3  sing N N 347 
PRO CD  HD2  sing N N 348 
PRO CD  HD3  sing N N 349 
PRO OXT HXT  sing N N 350 
SER N   CA   sing N N 351 
SER N   H    sing N N 352 
SER N   H2   sing N N 353 
SER CA  C    sing N N 354 
SER CA  CB   sing N N 355 
SER CA  HA   sing N N 356 
SER C   O    doub N N 357 
SER C   OXT  sing N N 358 
SER CB  OG   sing N N 359 
SER CB  HB2  sing N N 360 
SER CB  HB3  sing N N 361 
SER OG  HG   sing N N 362 
SER OXT HXT  sing N N 363 
THR N   CA   sing N N 364 
THR N   H    sing N N 365 
THR N   H2   sing N N 366 
THR CA  C    sing N N 367 
THR CA  CB   sing N N 368 
THR CA  HA   sing N N 369 
THR C   O    doub N N 370 
THR C   OXT  sing N N 371 
THR CB  OG1  sing N N 372 
THR CB  CG2  sing N N 373 
THR CB  HB   sing N N 374 
THR OG1 HG1  sing N N 375 
THR CG2 HG21 sing N N 376 
THR CG2 HG22 sing N N 377 
THR CG2 HG23 sing N N 378 
THR OXT HXT  sing N N 379 
TRP N   CA   sing N N 380 
TRP N   H    sing N N 381 
TRP N   H2   sing N N 382 
TRP CA  C    sing N N 383 
TRP CA  CB   sing N N 384 
TRP CA  HA   sing N N 385 
TRP C   O    doub N N 386 
TRP C   OXT  sing N N 387 
TRP CB  CG   sing N N 388 
TRP CB  HB2  sing N N 389 
TRP CB  HB3  sing N N 390 
TRP CG  CD1  doub Y N 391 
TRP CG  CD2  sing Y N 392 
TRP CD1 NE1  sing Y N 393 
TRP CD1 HD1  sing N N 394 
TRP CD2 CE2  doub Y N 395 
TRP CD2 CE3  sing Y N 396 
TRP NE1 CE2  sing Y N 397 
TRP NE1 HE1  sing N N 398 
TRP CE2 CZ2  sing Y N 399 
TRP CE3 CZ3  doub Y N 400 
TRP CE3 HE3  sing N N 401 
TRP CZ2 CH2  doub Y N 402 
TRP CZ2 HZ2  sing N N 403 
TRP CZ3 CH2  sing Y N 404 
TRP CZ3 HZ3  sing N N 405 
TRP CH2 HH2  sing N N 406 
TRP OXT HXT  sing N N 407 
TYR N   CA   sing N N 408 
TYR N   H    sing N N 409 
TYR N   H2   sing N N 410 
TYR CA  C    sing N N 411 
TYR CA  CB   sing N N 412 
TYR CA  HA   sing N N 413 
TYR C   O    doub N N 414 
TYR C   OXT  sing N N 415 
TYR CB  CG   sing N N 416 
TYR CB  HB2  sing N N 417 
TYR CB  HB3  sing N N 418 
TYR CG  CD1  doub Y N 419 
TYR CG  CD2  sing Y N 420 
TYR CD1 CE1  sing Y N 421 
TYR CD1 HD1  sing N N 422 
TYR CD2 CE2  doub Y N 423 
TYR CD2 HD2  sing N N 424 
TYR CE1 CZ   doub Y N 425 
TYR CE1 HE1  sing N N 426 
TYR CE2 CZ   sing Y N 427 
TYR CE2 HE2  sing N N 428 
TYR CZ  OH   sing N N 429 
TYR OH  HH   sing N N 430 
TYR OXT HXT  sing N N 431 
VAL N   CA   sing N N 432 
VAL N   H    sing N N 433 
VAL N   H2   sing N N 434 
VAL CA  C    sing N N 435 
VAL CA  CB   sing N N 436 
VAL CA  HA   sing N N 437 
VAL C   O    doub N N 438 
VAL C   OXT  sing N N 439 
VAL CB  CG1  sing N N 440 
VAL CB  CG2  sing N N 441 
VAL CB  HB   sing N N 442 
VAL CG1 HG11 sing N N 443 
VAL CG1 HG12 sing N N 444 
VAL CG1 HG13 sing N N 445 
VAL CG2 HG21 sing N N 446 
VAL CG2 HG22 sing N N 447 
VAL CG2 HG23 sing N N 448 
VAL OXT HXT  sing N N 449 
# 
loop_
_pdbx_entity_nonpoly.entity_id 
_pdbx_entity_nonpoly.name 
_pdbx_entity_nonpoly.comp_id 
2 "5'-S-[1-(2-{[(2-amino-4-oxo-3,4-dihydropteridin-6-yl)methyl]amino}ethyl)piperidin-4-yl]-5'-thioadenosine" J1A 
3 1,2-ETHANEDIOL                                                                                             EDO 
4 water                                                                                                      HOH 
# 
_pdbx_initial_refinement_model.id               1 
_pdbx_initial_refinement_model.entity_id_list   ? 
_pdbx_initial_refinement_model.type             'experimental model' 
_pdbx_initial_refinement_model.source_name      PDB 
_pdbx_initial_refinement_model.accession_code   1EQM 
_pdbx_initial_refinement_model.details          'PDB entry 1EQM' 
# 
